data_8GHK
#
_entry.id   8GHK
#
_cell.length_a   1.00
_cell.length_b   1.00
_cell.length_c   1.00
_cell.angle_alpha   90.00
_cell.angle_beta   90.00
_cell.angle_gamma   90.00
#
_symmetry.space_group_name_H-M   'P 1'
#
loop_
_entity.id
_entity.type
_entity.pdbx_description
1 polymer Hemagglutinin
2 polymer 'GS10-X6-BE4 Fab Heavy chain'
3 polymer 'GS10-X6-BE4 Fab light chain'
4 branched beta-D-mannopyranose-(1-4)-2-acetamido-2-deoxy-beta-D-glucopyranose-(1-4)-2-acetamido-2-deoxy-beta-D-glucopyranose
5 branched 2-acetamido-2-deoxy-beta-D-glucopyranose-(1-4)-2-acetamido-2-deoxy-beta-D-glucopyranose
6 non-polymer 2-acetamido-2-deoxy-beta-D-glucopyranose
#
loop_
_entity_poly.entity_id
_entity_poly.type
_entity_poly.pdbx_seq_one_letter_code
_entity_poly.pdbx_strand_id
1 'polypeptide(L)'
;DTICIGYHANNSTDTVDTVLEKNVTVTHSVNLLEDSHNGKLCLLKGIAPLQLGNCSVAGWILGNPECELLISKESWSYIV
ETPNPENGTCYPGYFADYEELREQLSSVSSFERFEIFPKESSWPNHTVTGVSASCSHNGKSSFYRNLLWLTGKNGLYPNL
SKSYANNKEKEVLVLWGVHHPPNIGDQRALYHTENAYVSVVSSHYSRKFTPEIAKRPKVRDQEGRINYYWTLLEPGDTII
FEANGNLIAPRYAFALSRGFGSGIITSNAPMDECDAKCQTPQGAINSSLPFQNVHPVTIGECPKYVRSAKLRMVTGLRNI
PSIAGFIEGGWTGMVDGWYGYHHQNEQGSGYAADQKSTQNAINGITNKVNSVIEKMNTQFTAVGKEFNKLERRMENLNKK
VDDGFLDIWTYNAELLVLLENERTLDFHDSNVKNLYEKVKSQLKNNAKEIGNGCFEFYHKCNNECMESVKNGTYDYPKYS
;
A,B,C
2 'polypeptide(L)'
;MVLGLKWVFFVVLYQGVHCEVQLVESGGGLVQPKGSLKLSCATSGFTFNTFDMHWVRQAPGKDLEWVARIRTKGNSYATY
YAASVKDRITISRDDSQSMLYLEMNSLRSEDTAMYYCVREGGHYYGYYFDFWGQGTTLTVSS
;
H,M
3 'polypeptide(L)'
;MSSAQFLGLLLLCFQGTRCEIQMTQTTSSLSASLGDRVTISCRASQDIYNYLNWYQQQPDGAVKLLIYYTSKLHSGVPSR
FSGSGSGTDYSLTITNLEQEDIATYFCQQGYTLPYTFGGGTKLEIK
;
L,N
#
# COMPACT_ATOMS: atom_id res chain seq x y z
N VAL A 19 24.91 35.38 -10.60
CA VAL A 19 24.07 36.36 -11.26
C VAL A 19 24.68 36.74 -12.61
N LEU A 20 25.49 37.81 -12.62
CA LEU A 20 26.12 38.28 -13.83
C LEU A 20 27.64 38.30 -13.77
N GLU A 21 28.24 38.12 -12.59
CA GLU A 21 29.69 38.06 -12.43
C GLU A 21 30.10 36.65 -12.03
N LYS A 22 31.40 36.43 -11.92
CA LYS A 22 31.91 35.11 -11.57
C LYS A 22 33.36 35.21 -11.10
N ASN A 23 33.66 34.57 -9.97
CA ASN A 23 35.01 34.44 -9.45
C ASN A 23 35.71 35.79 -9.32
N VAL A 24 34.99 36.77 -8.78
CA VAL A 24 35.55 38.09 -8.54
C VAL A 24 36.48 38.01 -7.33
N THR A 25 37.67 38.58 -7.46
CA THR A 25 38.60 38.65 -6.34
C THR A 25 38.11 39.67 -5.32
N VAL A 26 38.20 39.32 -4.05
CA VAL A 26 37.60 40.10 -2.99
C VAL A 26 38.67 40.87 -2.23
N THR A 27 38.23 41.78 -1.36
CA THR A 27 39.11 42.58 -0.52
C THR A 27 39.20 42.03 0.91
N HIS A 28 38.05 41.70 1.50
CA HIS A 28 38.01 41.13 2.85
C HIS A 28 36.73 40.30 2.95
N SER A 29 36.88 38.99 2.80
CA SER A 29 35.74 38.08 2.84
C SER A 29 35.60 37.46 4.21
N VAL A 30 34.43 36.86 4.45
CA VAL A 30 34.14 36.12 5.67
C VAL A 30 33.42 34.84 5.25
N ASN A 31 34.13 33.72 5.24
CA ASN A 31 33.52 32.46 4.84
C ASN A 31 32.40 32.08 5.80
N LEU A 32 31.29 31.62 5.23
CA LEU A 32 30.12 31.22 6.01
C LEU A 32 29.85 29.72 5.88
N LEU A 33 30.89 28.93 5.66
CA LEU A 33 30.76 27.48 5.57
C LEU A 33 31.88 26.85 6.37
N GLU A 34 31.54 25.83 7.15
CA GLU A 34 32.49 25.09 7.96
C GLU A 34 32.61 23.66 7.43
N ASP A 35 33.83 23.25 7.11
CA ASP A 35 34.06 21.92 6.53
C ASP A 35 35.14 21.16 7.28
N SER A 36 35.43 21.53 8.53
CA SER A 36 36.45 20.87 9.33
C SER A 36 35.80 20.23 10.54
N HIS A 37 36.17 18.99 10.82
CA HIS A 37 35.69 18.28 11.99
C HIS A 37 36.86 17.61 12.69
N ASN A 38 36.78 17.52 14.02
CA ASN A 38 37.82 16.86 14.79
C ASN A 38 37.92 15.37 14.48
N GLY A 39 36.87 14.79 13.91
CA GLY A 39 36.89 13.36 13.64
C GLY A 39 37.01 12.51 14.87
N LYS A 40 36.23 12.81 15.90
CA LYS A 40 36.30 12.06 17.15
C LYS A 40 34.93 12.08 17.83
N LEU A 41 34.61 10.97 18.50
CA LEU A 41 33.39 10.87 19.28
C LEU A 41 33.60 11.59 20.61
N CYS A 42 33.12 12.83 20.70
CA CYS A 42 33.35 13.68 21.84
C CYS A 42 32.08 13.80 22.68
N LEU A 43 32.26 14.17 23.94
CA LEU A 43 31.13 14.33 24.84
C LEU A 43 30.37 15.62 24.53
N LEU A 44 29.11 15.63 24.96
CA LEU A 44 28.19 16.73 24.69
C LEU A 44 27.94 17.47 26.00
N LYS A 45 28.41 18.72 26.08
CA LYS A 45 28.16 19.60 27.21
C LYS A 45 28.69 19.01 28.52
N GLY A 46 29.70 18.16 28.44
CA GLY A 46 30.28 17.55 29.61
C GLY A 46 29.59 16.29 30.10
N ILE A 47 28.60 15.78 29.38
CA ILE A 47 27.90 14.56 29.75
C ILE A 47 28.30 13.46 28.78
N ALA A 48 28.85 12.37 29.31
CA ALA A 48 29.36 11.31 28.46
C ALA A 48 28.22 10.64 27.69
N PRO A 49 28.44 10.24 26.44
CA PRO A 49 27.39 9.57 25.68
C PRO A 49 27.39 8.07 25.95
N LEU A 50 26.31 7.44 25.50
CA LEU A 50 26.20 5.99 25.55
C LEU A 50 26.99 5.38 24.41
N GLN A 51 27.88 4.45 24.72
CA GLN A 51 28.77 3.86 23.73
C GLN A 51 28.38 2.40 23.55
N LEU A 52 27.38 2.16 22.69
CA LEU A 52 27.12 0.79 22.27
C LEU A 52 28.33 0.21 21.57
N GLY A 53 28.96 0.99 20.69
CA GLY A 53 30.18 0.57 20.05
C GLY A 53 30.01 -0.69 19.23
N ASN A 54 30.45 -1.82 19.78
CA ASN A 54 30.49 -3.08 19.05
C ASN A 54 29.12 -3.75 19.03
N CYS A 55 28.21 -3.30 19.90
CA CYS A 55 26.93 -3.94 20.15
C CYS A 55 25.89 -3.50 19.14
N SER A 56 24.64 -3.86 19.41
CA SER A 56 23.49 -3.45 18.61
C SER A 56 22.36 -3.03 19.53
N VAL A 57 21.39 -2.30 18.96
CA VAL A 57 20.25 -1.82 19.75
C VAL A 57 19.40 -2.99 20.23
N ALA A 58 19.23 -4.01 19.39
CA ALA A 58 18.47 -5.17 19.82
C ALA A 58 19.16 -5.90 20.96
N GLY A 59 20.48 -6.02 20.89
CA GLY A 59 21.20 -6.71 21.95
C GLY A 59 21.19 -5.94 23.27
N TRP A 60 21.34 -4.61 23.20
CA TRP A 60 21.45 -3.82 24.42
C TRP A 60 20.19 -3.89 25.25
N ILE A 61 19.02 -3.80 24.60
CA ILE A 61 17.77 -3.83 25.33
C ILE A 61 17.50 -5.23 25.89
N LEU A 62 17.73 -6.26 25.08
CA LEU A 62 17.47 -7.63 25.52
C LEU A 62 18.62 -8.20 26.34
N GLY A 63 19.58 -7.39 26.76
CA GLY A 63 20.68 -7.87 27.57
C GLY A 63 21.50 -8.93 26.86
N ASN A 64 22.21 -8.54 25.82
CA ASN A 64 23.01 -9.49 25.06
C ASN A 64 24.11 -10.05 25.95
N PRO A 65 24.38 -11.36 25.87
CA PRO A 65 25.43 -11.95 26.72
C PRO A 65 26.79 -11.30 26.51
N GLU A 66 27.11 -10.89 25.29
CA GLU A 66 28.40 -10.28 24.99
C GLU A 66 28.36 -8.77 25.10
N CYS A 67 27.40 -8.22 25.84
CA CYS A 67 27.30 -6.76 26.01
C CYS A 67 26.94 -6.43 27.45
N GLU A 68 27.58 -7.10 28.40
CA GLU A 68 27.30 -6.88 29.81
C GLU A 68 27.89 -5.58 30.35
N LEU A 69 28.90 -5.02 29.68
CA LEU A 69 29.59 -3.85 30.21
C LEU A 69 28.77 -2.57 30.12
N LEU A 70 27.67 -2.57 29.38
CA LEU A 70 26.85 -1.38 29.20
C LEU A 70 25.71 -1.29 30.20
N ILE A 71 25.55 -2.30 31.07
CA ILE A 71 24.42 -2.32 31.99
C ILE A 71 24.56 -1.25 33.05
N SER A 72 25.79 -1.00 33.53
CA SER A 72 26.00 -0.06 34.62
C SER A 72 25.64 1.37 34.26
N LYS A 73 25.55 1.69 32.97
CA LYS A 73 25.18 3.03 32.56
C LYS A 73 23.67 3.22 32.67
N GLU A 74 23.27 4.38 33.19
CA GLU A 74 21.86 4.71 33.37
C GLU A 74 21.44 5.96 32.64
N SER A 75 22.31 6.96 32.55
CA SER A 75 22.00 8.21 31.86
C SER A 75 23.05 8.48 30.79
N TRP A 76 22.60 9.09 29.70
CA TRP A 76 23.46 9.32 28.55
C TRP A 76 23.05 10.62 27.89
N SER A 77 23.60 10.88 26.71
CA SER A 77 23.23 12.04 25.91
C SER A 77 22.84 11.67 24.48
N TYR A 78 23.46 10.64 23.90
CA TYR A 78 23.07 10.13 22.60
C TYR A 78 23.59 8.70 22.46
N ILE A 79 23.12 8.03 21.43
CA ILE A 79 23.40 6.61 21.20
C ILE A 79 24.32 6.48 20.00
N VAL A 80 25.42 5.74 20.17
CA VAL A 80 26.37 5.46 19.10
C VAL A 80 26.22 4.01 18.67
N GLU A 81 26.65 3.72 17.45
CA GLU A 81 26.56 2.35 16.93
C GLU A 81 27.44 2.23 15.69
N THR A 82 28.14 1.11 15.58
CA THR A 82 28.98 0.87 14.41
C THR A 82 28.13 0.60 13.17
N PRO A 83 28.67 0.82 11.97
CA PRO A 83 27.85 0.68 10.76
C PRO A 83 27.24 -0.69 10.57
N ASN A 84 27.96 -1.76 10.92
CA ASN A 84 27.46 -3.13 10.77
C ASN A 84 27.62 -3.81 12.12
N PRO A 85 26.70 -3.53 13.05
CA PRO A 85 26.78 -4.18 14.36
C PRO A 85 26.74 -5.68 14.20
N GLU A 86 27.66 -6.36 14.89
CA GLU A 86 27.99 -7.73 14.53
C GLU A 86 26.98 -8.75 14.99
N ASN A 87 26.46 -8.65 16.20
CA ASN A 87 26.15 -9.88 16.92
C ASN A 87 25.13 -9.55 18.03
N GLY A 88 23.86 -9.53 17.65
CA GLY A 88 22.82 -8.99 18.50
C GLY A 88 21.86 -10.02 19.03
N THR A 89 20.73 -10.22 18.35
CA THR A 89 19.81 -11.30 18.69
C THR A 89 20.54 -12.62 18.46
N CYS A 90 21.04 -13.23 19.54
CA CYS A 90 21.81 -14.45 19.40
C CYS A 90 20.93 -15.64 19.02
N TYR A 91 19.72 -15.68 19.55
CA TYR A 91 18.75 -16.70 19.13
C TYR A 91 17.89 -16.11 18.03
N PRO A 92 17.92 -16.68 16.82
CA PRO A 92 17.30 -16.00 15.68
C PRO A 92 15.81 -15.80 15.84
N GLY A 93 15.31 -14.71 15.28
CA GLY A 93 13.90 -14.39 15.39
C GLY A 93 13.56 -13.14 14.61
N TYR A 94 12.40 -12.57 14.93
CA TYR A 94 11.86 -11.42 14.20
C TYR A 94 11.30 -10.42 15.21
N PHE A 95 12.09 -9.40 15.52
CA PHE A 95 11.68 -8.36 16.46
C PHE A 95 10.48 -7.61 15.89
N ALA A 96 9.30 -7.84 16.47
CA ALA A 96 8.08 -7.29 15.91
C ALA A 96 8.03 -5.77 16.12
N ASP A 97 7.73 -5.04 15.04
CA ASP A 97 7.67 -3.59 15.07
C ASP A 97 8.98 -3.00 15.59
N TYR A 98 10.09 -3.57 15.14
CA TYR A 98 11.39 -3.16 15.64
C TYR A 98 11.70 -1.70 15.32
N GLU A 99 11.39 -1.27 14.10
CA GLU A 99 11.73 0.10 13.71
C GLU A 99 10.92 1.13 14.49
N GLU A 100 9.77 0.74 15.04
CA GLU A 100 9.01 1.66 15.86
C GLU A 100 9.71 1.91 17.20
N LEU A 101 10.28 0.85 17.78
CA LEU A 101 10.93 1.00 19.08
C LEU A 101 12.11 1.96 19.00
N ARG A 102 12.91 1.85 17.94
CA ARG A 102 14.09 2.71 17.83
C ARG A 102 13.71 4.19 17.84
N GLU A 103 12.53 4.52 17.34
CA GLU A 103 12.08 5.91 17.39
C GLU A 103 11.76 6.33 18.82
N GLN A 104 11.13 5.46 19.60
CA GLN A 104 10.83 5.78 20.99
C GLN A 104 12.11 5.96 21.79
N LEU A 105 13.10 5.09 21.55
CA LEU A 105 14.38 5.19 22.25
C LEU A 105 15.26 6.30 21.71
N SER A 106 14.88 6.93 20.60
CA SER A 106 15.68 8.02 20.05
C SER A 106 15.51 9.33 20.81
N SER A 107 14.77 9.34 21.92
CA SER A 107 14.59 10.55 22.70
C SER A 107 14.63 10.30 24.20
N VAL A 108 14.91 9.07 24.64
CA VAL A 108 14.92 8.76 26.06
C VAL A 108 16.20 9.31 26.68
N SER A 109 16.04 10.05 27.79
CA SER A 109 17.18 10.64 28.47
C SER A 109 17.78 9.72 29.52
N SER A 110 16.99 8.86 30.15
CA SER A 110 17.48 7.92 31.15
C SER A 110 16.50 6.77 31.29
N PHE A 111 16.99 5.69 31.87
CA PHE A 111 16.13 4.56 32.20
C PHE A 111 16.60 3.96 33.52
N GLU A 112 15.70 3.20 34.15
CA GLU A 112 15.95 2.62 35.46
C GLU A 112 15.61 1.13 35.40
N ARG A 113 16.61 0.30 35.11
CA ARG A 113 16.41 -1.14 35.03
C ARG A 113 16.11 -1.67 36.42
N PHE A 114 14.85 -2.01 36.66
CA PHE A 114 14.43 -2.61 37.92
C PHE A 114 13.79 -3.95 37.65
N GLU A 115 14.10 -4.93 38.49
CA GLU A 115 13.63 -6.30 38.28
C GLU A 115 12.14 -6.34 38.53
N ILE A 116 11.36 -6.20 37.45
CA ILE A 116 9.90 -6.18 37.57
C ILE A 116 9.41 -7.46 38.23
N PHE A 117 9.93 -8.60 37.81
CA PHE A 117 9.67 -9.87 38.48
C PHE A 117 10.99 -10.43 38.97
N PRO A 118 11.27 -10.41 40.28
CA PRO A 118 12.55 -10.93 40.76
C PRO A 118 12.72 -12.40 40.39
N LYS A 119 13.94 -12.75 40.01
CA LYS A 119 14.23 -14.11 39.57
C LYS A 119 14.20 -15.12 40.70
N GLU A 120 14.14 -14.66 41.96
CA GLU A 120 14.27 -15.56 43.10
C GLU A 120 12.93 -16.07 43.62
N SER A 121 11.85 -15.29 43.48
CA SER A 121 10.57 -15.68 44.06
C SER A 121 9.37 -15.53 43.13
N SER A 122 9.53 -14.90 41.96
CA SER A 122 8.39 -14.72 41.08
C SER A 122 7.90 -16.05 40.51
N TRP A 123 8.82 -16.96 40.22
CA TRP A 123 8.50 -18.24 39.58
C TRP A 123 9.02 -19.35 40.49
N PRO A 124 8.28 -19.70 41.53
CA PRO A 124 8.64 -20.85 42.37
C PRO A 124 8.14 -22.17 41.83
N ASN A 125 7.48 -22.16 40.69
CA ASN A 125 6.75 -23.33 40.24
C ASN A 125 7.25 -23.83 38.89
N HIS A 126 8.20 -23.14 38.28
CA HIS A 126 8.75 -23.47 36.97
C HIS A 126 10.28 -23.58 37.07
N THR A 127 10.93 -23.55 35.92
CA THR A 127 12.39 -23.63 35.82
C THR A 127 12.94 -22.34 35.23
N VAL A 128 14.04 -21.85 35.79
CA VAL A 128 14.64 -20.60 35.36
C VAL A 128 15.95 -20.79 34.62
N THR A 129 16.64 -21.92 34.81
CA THR A 129 17.99 -22.10 34.25
C THR A 129 17.88 -22.72 32.86
N GLY A 130 17.66 -21.85 31.87
CA GLY A 130 17.66 -22.28 30.49
C GLY A 130 18.81 -21.67 29.72
N VAL A 131 19.47 -22.47 28.88
CA VAL A 131 20.64 -22.01 28.14
C VAL A 131 20.46 -22.35 26.67
N SER A 132 21.19 -21.61 25.83
CA SER A 132 21.21 -21.84 24.39
C SER A 132 22.64 -21.79 23.90
N ALA A 133 23.01 -22.72 23.02
CA ALA A 133 24.36 -22.76 22.49
C ALA A 133 24.67 -21.60 21.56
N SER A 134 23.65 -20.91 21.05
CA SER A 134 23.87 -19.80 20.14
C SER A 134 24.23 -18.50 20.84
N CYS A 135 24.02 -18.43 22.16
CA CYS A 135 24.38 -17.27 22.97
C CYS A 135 25.52 -17.61 23.92
N SER A 136 26.49 -18.39 23.45
CA SER A 136 27.57 -18.86 24.31
C SER A 136 28.40 -17.69 24.82
N HIS A 137 28.77 -17.75 26.10
CA HIS A 137 29.58 -16.74 26.74
C HIS A 137 30.80 -17.42 27.35
N ASN A 138 31.99 -16.98 26.94
CA ASN A 138 33.25 -17.52 27.45
C ASN A 138 33.29 -19.04 27.31
N GLY A 139 32.81 -19.54 26.18
CA GLY A 139 32.79 -20.96 25.92
C GLY A 139 31.67 -21.71 26.59
N LYS A 140 30.81 -21.04 27.35
CA LYS A 140 29.71 -21.69 28.04
C LYS A 140 28.39 -21.13 27.52
N SER A 141 27.43 -22.02 27.30
CA SER A 141 26.12 -21.61 26.81
C SER A 141 25.36 -20.87 27.91
N SER A 142 24.62 -19.83 27.50
CA SER A 142 23.81 -19.06 28.43
C SER A 142 22.60 -18.51 27.67
N PHE A 143 21.94 -17.52 28.26
CA PHE A 143 20.79 -16.86 27.66
C PHE A 143 20.93 -15.37 27.90
N TYR A 144 19.87 -14.62 27.61
CA TYR A 144 19.89 -13.19 27.83
C TYR A 144 19.94 -12.88 29.33
N ARG A 145 19.98 -11.60 29.65
CA ARG A 145 19.96 -11.14 31.02
C ARG A 145 18.76 -10.24 31.33
N ASN A 146 17.89 -10.00 30.36
CA ASN A 146 16.65 -9.27 30.59
C ASN A 146 15.42 -10.12 30.33
N LEU A 147 15.57 -11.41 30.08
CA LEU A 147 14.47 -12.32 29.84
C LEU A 147 14.72 -13.60 30.62
N LEU A 148 13.78 -14.55 30.50
CA LEU A 148 13.87 -15.78 31.28
C LEU A 148 13.09 -16.87 30.55
N TRP A 149 13.80 -17.77 29.88
CA TRP A 149 13.16 -18.91 29.24
C TRP A 149 12.55 -19.80 30.30
N LEU A 150 11.25 -20.00 30.23
CA LEU A 150 10.52 -20.81 31.20
C LEU A 150 10.30 -22.21 30.65
N THR A 151 10.50 -23.21 31.50
CA THR A 151 10.28 -24.61 31.15
C THR A 151 9.74 -25.31 32.38
N GLY A 152 9.07 -26.44 32.15
CA GLY A 152 8.40 -27.12 33.23
C GLY A 152 9.35 -27.69 34.26
N LYS A 153 8.76 -28.07 35.40
CA LYS A 153 9.44 -28.82 36.45
C LYS A 153 8.66 -30.09 36.73
N ASN A 154 9.38 -31.20 36.88
CA ASN A 154 8.77 -32.51 37.12
C ASN A 154 7.83 -32.90 35.99
N GLY A 155 8.09 -32.40 34.78
CA GLY A 155 7.27 -32.73 33.63
C GLY A 155 5.96 -31.99 33.54
N LEU A 156 5.69 -31.06 34.43
CA LEU A 156 4.44 -30.33 34.46
C LEU A 156 4.67 -28.86 34.12
N TYR A 157 3.69 -28.26 33.45
CA TYR A 157 3.71 -26.84 33.11
C TYR A 157 2.37 -26.26 33.52
N PRO A 158 2.21 -25.87 34.78
CA PRO A 158 0.95 -25.30 35.23
C PRO A 158 0.65 -23.98 34.54
N ASN A 159 -0.63 -23.65 34.45
CA ASN A 159 -1.01 -22.32 33.99
C ASN A 159 -0.35 -21.28 34.87
N LEU A 160 0.14 -20.21 34.26
CA LEU A 160 0.69 -19.09 35.00
C LEU A 160 -0.20 -17.87 34.82
N SER A 161 -0.19 -17.00 35.81
CA SER A 161 -0.99 -15.78 35.76
C SER A 161 -0.27 -14.73 36.60
N LYS A 162 0.29 -13.72 35.93
CA LYS A 162 1.04 -12.67 36.61
C LYS A 162 0.44 -11.32 36.25
N SER A 163 0.60 -10.36 37.15
CA SER A 163 0.08 -9.01 36.97
C SER A 163 1.10 -8.00 37.47
N TYR A 164 1.00 -6.79 36.94
CA TYR A 164 1.87 -5.72 37.39
C TYR A 164 1.13 -4.39 37.27
N ALA A 165 1.17 -3.59 38.33
CA ALA A 165 0.53 -2.28 38.35
C ALA A 165 1.61 -1.21 38.41
N ASN A 166 1.56 -0.27 37.47
CA ASN A 166 2.63 0.72 37.30
C ASN A 166 2.48 1.80 38.37
N ASN A 167 2.98 1.51 39.56
CA ASN A 167 2.98 2.46 40.67
C ASN A 167 4.33 3.18 40.76
N LYS A 168 4.70 3.85 39.67
CA LYS A 168 5.96 4.57 39.61
C LYS A 168 5.85 5.98 39.06
N GLU A 169 4.67 6.39 38.58
CA GLU A 169 4.48 7.69 37.95
C GLU A 169 5.39 7.87 36.73
N LYS A 170 5.75 6.76 36.09
CA LYS A 170 6.57 6.78 34.88
C LYS A 170 6.04 5.73 33.91
N GLU A 171 6.29 5.95 32.63
CA GLU A 171 5.89 5.00 31.60
C GLU A 171 6.91 3.87 31.53
N VAL A 172 6.47 2.66 31.86
CA VAL A 172 7.35 1.50 31.98
C VAL A 172 7.32 0.73 30.67
N LEU A 173 8.50 0.44 30.12
CA LEU A 173 8.65 -0.37 28.92
C LEU A 173 8.81 -1.83 29.32
N VAL A 174 8.11 -2.72 28.62
CA VAL A 174 8.11 -4.15 28.92
C VAL A 174 8.42 -4.92 27.65
N LEU A 175 9.12 -6.05 27.78
CA LEU A 175 9.40 -6.93 26.66
C LEU A 175 9.25 -8.37 27.08
N TRP A 176 8.92 -9.23 26.11
CA TRP A 176 8.82 -10.67 26.34
C TRP A 176 9.00 -11.37 24.99
N GLY A 177 8.72 -12.66 24.95
CA GLY A 177 8.89 -13.42 23.71
C GLY A 177 8.06 -14.67 23.68
N VAL A 178 7.97 -15.26 22.49
CA VAL A 178 7.28 -16.51 22.24
C VAL A 178 8.23 -17.43 21.47
N HIS A 179 8.02 -18.74 21.61
CA HIS A 179 8.93 -19.75 21.08
C HIS A 179 8.23 -20.60 20.02
N HIS A 180 8.97 -20.92 18.96
CA HIS A 180 8.48 -21.75 17.85
C HIS A 180 9.44 -22.91 17.64
N PRO A 181 9.31 -23.98 18.42
CA PRO A 181 10.31 -25.05 18.39
C PRO A 181 10.33 -25.75 17.05
N PRO A 182 11.45 -26.40 16.69
CA PRO A 182 11.60 -26.92 15.33
C PRO A 182 10.54 -27.91 14.89
N ASN A 183 10.10 -28.80 15.79
CA ASN A 183 9.19 -29.86 15.40
C ASN A 183 8.28 -30.18 16.58
N ILE A 184 7.46 -31.22 16.42
CA ILE A 184 6.56 -31.64 17.49
C ILE A 184 7.36 -32.19 18.66
N GLY A 185 8.45 -32.89 18.39
CA GLY A 185 9.22 -33.50 19.45
C GLY A 185 9.81 -32.49 20.41
N ASP A 186 10.33 -31.37 19.88
CA ASP A 186 10.91 -30.36 20.73
C ASP A 186 9.85 -29.66 21.58
N GLN A 187 8.67 -29.40 21.00
CA GLN A 187 7.60 -28.75 21.74
C GLN A 187 7.10 -29.64 22.87
N ARG A 188 6.84 -30.91 22.59
CA ARG A 188 6.33 -31.81 23.61
C ARG A 188 7.32 -31.99 24.74
N ALA A 189 8.60 -32.14 24.42
CA ALA A 189 9.61 -32.40 25.44
C ALA A 189 9.88 -31.21 26.33
N LEU A 190 9.40 -30.03 25.96
CA LEU A 190 9.64 -28.80 26.72
C LEU A 190 8.42 -28.30 27.49
N TYR A 191 7.26 -28.28 26.84
CA TYR A 191 6.06 -27.71 27.43
C TYR A 191 4.95 -28.70 27.69
N HIS A 192 5.06 -29.94 27.20
CA HIS A 192 4.08 -31.00 27.44
C HIS A 192 2.68 -30.55 27.03
N THR A 193 2.52 -30.25 25.75
CA THR A 193 1.22 -29.84 25.22
C THR A 193 1.23 -29.99 23.71
N GLU A 194 0.10 -29.67 23.10
CA GLU A 194 -0.04 -29.70 21.65
C GLU A 194 -0.36 -28.34 21.06
N ASN A 195 -1.40 -27.67 21.56
CA ASN A 195 -1.84 -26.37 21.04
C ASN A 195 -1.79 -25.36 22.19
N ALA A 196 -0.63 -24.76 22.39
CA ALA A 196 -0.42 -23.80 23.46
C ALA A 196 -0.76 -22.39 22.98
N TYR A 197 -1.07 -21.53 23.93
CA TYR A 197 -1.43 -20.15 23.63
C TYR A 197 -0.79 -19.23 24.65
N VAL A 198 -0.49 -18.01 24.22
CA VAL A 198 -0.01 -16.95 25.10
C VAL A 198 -0.90 -15.73 24.89
N SER A 199 -1.44 -15.20 25.97
CA SER A 199 -2.34 -14.05 25.93
C SER A 199 -1.77 -12.95 26.81
N VAL A 200 -1.55 -11.78 26.22
CA VAL A 200 -1.08 -10.61 26.94
C VAL A 200 -2.15 -9.54 26.85
N VAL A 201 -2.64 -9.10 28.01
CA VAL A 201 -3.77 -8.19 28.09
C VAL A 201 -3.40 -7.03 29.00
N SER A 202 -3.63 -5.82 28.52
CA SER A 202 -3.47 -4.61 29.31
C SER A 202 -4.82 -3.90 29.41
N SER A 203 -4.81 -2.70 29.96
CA SER A 203 -6.06 -1.94 30.02
C SER A 203 -6.46 -1.40 28.65
N HIS A 204 -5.49 -1.18 27.77
CA HIS A 204 -5.75 -0.65 26.43
C HIS A 204 -4.92 -1.38 25.39
N TYR A 205 -4.71 -2.68 25.59
CA TYR A 205 -3.88 -3.47 24.70
C TYR A 205 -4.21 -4.94 24.91
N SER A 206 -4.69 -5.61 23.87
CA SER A 206 -5.05 -7.01 23.96
C SER A 206 -4.53 -7.76 22.75
N ARG A 207 -4.04 -8.98 22.97
CA ARG A 207 -3.53 -9.81 21.88
C ARG A 207 -3.54 -11.26 22.34
N LYS A 208 -3.41 -12.16 21.38
CA LYS A 208 -3.39 -13.59 21.67
C LYS A 208 -2.47 -14.28 20.67
N PHE A 209 -1.32 -14.73 21.13
CA PHE A 209 -0.31 -15.33 20.27
C PHE A 209 -0.47 -16.83 20.22
N THR A 210 0.04 -17.43 19.14
CA THR A 210 0.08 -18.88 18.97
C THR A 210 1.39 -19.26 18.31
N PRO A 211 1.92 -20.44 18.63
CA PRO A 211 3.16 -20.89 18.01
C PRO A 211 2.92 -21.57 16.66
N GLU A 212 3.92 -21.45 15.79
CA GLU A 212 3.91 -22.09 14.48
C GLU A 212 5.08 -23.05 14.38
N ILE A 213 4.79 -24.31 14.08
CA ILE A 213 5.79 -25.37 14.07
C ILE A 213 6.11 -25.74 12.64
N ALA A 214 7.36 -25.49 12.23
CA ALA A 214 7.78 -25.81 10.87
C ALA A 214 9.30 -25.90 10.84
N LYS A 215 9.81 -26.60 9.82
CA LYS A 215 11.24 -26.73 9.60
C LYS A 215 11.74 -25.58 8.75
N ARG A 216 12.86 -25.00 9.15
CA ARG A 216 13.39 -23.78 8.56
C ARG A 216 14.85 -23.95 8.20
N PRO A 217 15.38 -23.13 7.29
CA PRO A 217 16.83 -23.17 7.02
C PRO A 217 17.62 -22.87 8.28
N LYS A 218 18.77 -23.51 8.40
CA LYS A 218 19.62 -23.31 9.57
C LYS A 218 20.22 -21.91 9.53
N VAL A 219 20.00 -21.15 10.61
CA VAL A 219 20.67 -19.88 10.82
C VAL A 219 21.26 -19.88 12.21
N ARG A 220 22.57 -19.62 12.30
CA ARG A 220 23.31 -19.70 13.55
C ARG A 220 23.25 -21.09 14.16
N ASP A 221 23.10 -22.10 13.30
CA ASP A 221 23.14 -23.51 13.69
C ASP A 221 22.02 -23.83 14.68
N GLN A 222 20.79 -23.56 14.27
CA GLN A 222 19.61 -23.85 15.09
C GLN A 222 18.37 -23.71 14.22
N GLU A 223 17.44 -24.66 14.37
CA GLU A 223 16.23 -24.71 13.56
C GLU A 223 15.00 -24.26 14.32
N GLY A 224 15.13 -23.27 15.22
CA GLY A 224 14.00 -22.70 15.92
C GLY A 224 13.98 -21.19 15.76
N ARG A 225 12.97 -20.58 16.37
CA ARG A 225 12.80 -19.13 16.30
C ARG A 225 12.18 -18.62 17.59
N ILE A 226 12.47 -17.36 17.91
CA ILE A 226 11.88 -16.67 19.05
C ILE A 226 11.46 -15.29 18.57
N ASN A 227 10.19 -14.96 18.73
CA ASN A 227 9.66 -13.67 18.30
C ASN A 227 9.50 -12.76 19.53
N TYR A 228 10.21 -11.64 19.53
CA TYR A 228 10.20 -10.70 20.64
C TYR A 228 9.18 -9.61 20.38
N TYR A 229 8.26 -9.41 21.32
CA TYR A 229 7.30 -8.32 21.27
C TYR A 229 7.55 -7.37 22.42
N TRP A 230 6.84 -6.25 22.41
CA TRP A 230 6.98 -5.25 23.46
C TRP A 230 5.71 -4.44 23.55
N THR A 231 5.50 -3.81 24.71
CA THR A 231 4.44 -2.85 24.91
C THR A 231 4.89 -1.82 25.92
N LEU A 232 4.21 -0.69 25.92
CA LEU A 232 4.57 0.46 26.74
C LEU A 232 3.40 0.80 27.66
N LEU A 233 3.70 1.05 28.93
CA LEU A 233 2.68 1.26 29.94
C LEU A 233 2.43 2.75 30.16
N GLU A 234 1.51 3.06 31.05
CA GLU A 234 1.15 4.41 31.45
C GLU A 234 1.01 4.44 32.96
N PRO A 235 1.15 5.62 33.58
CA PRO A 235 0.90 5.71 35.02
C PRO A 235 -0.51 5.28 35.36
N GLY A 236 -0.65 4.50 36.43
CA GLY A 236 -1.92 3.98 36.86
C GLY A 236 -2.45 2.82 36.05
N ASP A 237 -1.73 2.38 35.02
CA ASP A 237 -2.16 1.28 34.18
C ASP A 237 -1.91 -0.05 34.89
N THR A 238 -2.25 -1.14 34.21
CA THR A 238 -1.99 -2.48 34.72
C THR A 238 -1.79 -3.41 33.54
N ILE A 239 -0.84 -4.34 33.67
CA ILE A 239 -0.53 -5.30 32.62
C ILE A 239 -0.73 -6.70 33.19
N ILE A 240 -1.32 -7.58 32.38
CA ILE A 240 -1.62 -8.94 32.79
C ILE A 240 -0.96 -9.90 31.83
N PHE A 241 -0.24 -10.88 32.36
CA PHE A 241 0.42 -11.92 31.59
C PHE A 241 -0.25 -13.26 31.87
N GLU A 242 -0.61 -13.97 30.81
CA GLU A 242 -1.17 -15.30 30.97
C GLU A 242 -0.72 -16.17 29.81
N ALA A 243 -0.48 -17.45 30.10
CA ALA A 243 -0.08 -18.41 29.09
C ALA A 243 -0.21 -19.80 29.68
N ASN A 244 -0.16 -20.81 28.81
CA ASN A 244 -0.04 -22.20 29.24
C ASN A 244 1.14 -22.89 28.59
N GLY A 245 2.02 -22.14 27.93
CA GLY A 245 3.19 -22.71 27.31
C GLY A 245 3.80 -21.71 26.35
N ASN A 246 4.95 -22.09 25.80
CA ASN A 246 5.61 -21.31 24.75
C ASN A 246 5.83 -19.87 25.17
N LEU A 247 6.20 -19.64 26.43
CA LEU A 247 6.39 -18.29 26.94
C LEU A 247 7.85 -18.09 27.32
N ILE A 248 8.42 -16.98 26.89
CA ILE A 248 9.74 -16.54 27.33
C ILE A 248 9.47 -15.39 28.30
N ALA A 249 9.39 -15.73 29.57
CA ALA A 249 8.87 -14.79 30.56
C ALA A 249 9.80 -13.60 30.74
N PRO A 250 9.27 -12.43 31.06
CA PRO A 250 10.12 -11.29 31.38
C PRO A 250 10.80 -11.45 32.73
N ARG A 251 11.95 -10.83 32.88
CA ARG A 251 12.67 -10.85 34.14
C ARG A 251 13.09 -9.45 34.55
N TYR A 252 13.14 -8.53 33.59
CA TYR A 252 13.47 -7.15 33.87
C TYR A 252 12.63 -6.24 32.98
N ALA A 253 12.36 -5.03 33.47
CA ALA A 253 11.62 -4.02 32.74
C ALA A 253 12.41 -2.73 32.76
N PHE A 254 11.82 -1.66 32.22
CA PHE A 254 12.47 -0.38 32.11
C PHE A 254 11.53 0.71 32.61
N ALA A 255 12.11 1.82 33.07
CA ALA A 255 11.35 2.98 33.53
C ALA A 255 11.80 4.18 32.72
N LEU A 256 11.14 4.41 31.59
CA LEU A 256 11.57 5.44 30.66
C LEU A 256 11.38 6.83 31.25
N SER A 257 12.28 7.74 30.89
CA SER A 257 12.19 9.15 31.26
C SER A 257 12.59 9.98 30.05
N ARG A 258 11.65 10.71 29.48
CA ARG A 258 11.82 11.32 28.18
C ARG A 258 12.76 12.53 28.25
N GLY A 259 12.87 13.23 27.14
CA GLY A 259 13.74 14.40 27.09
C GLY A 259 13.70 15.01 25.71
N PHE A 260 14.81 15.64 25.33
CA PHE A 260 14.92 16.26 24.02
C PHE A 260 16.38 16.31 23.61
N GLY A 261 16.61 16.39 22.29
CA GLY A 261 17.95 16.50 21.76
C GLY A 261 18.79 15.25 21.94
N SER A 262 18.39 14.16 21.31
CA SER A 262 19.14 12.91 21.36
C SER A 262 18.70 12.04 20.19
N GLY A 263 19.42 10.96 19.98
CA GLY A 263 19.09 10.06 18.89
C GLY A 263 20.14 8.99 18.72
N ILE A 264 20.05 8.28 17.60
CA ILE A 264 20.97 7.22 17.23
C ILE A 264 21.79 7.70 16.04
N ILE A 265 23.10 7.74 16.20
CA ILE A 265 24.02 8.11 15.13
C ILE A 265 24.96 6.94 14.88
N THR A 266 25.22 6.66 13.62
CA THR A 266 26.08 5.57 13.22
C THR A 266 27.42 6.11 12.76
N SER A 267 28.50 5.62 13.37
CA SER A 267 29.82 6.19 13.14
C SER A 267 30.89 5.16 13.48
N ASN A 268 32.12 5.48 13.08
CA ASN A 268 33.28 4.64 13.38
C ASN A 268 34.39 5.40 14.09
N ALA A 269 34.13 6.63 14.52
CA ALA A 269 35.19 7.47 15.08
C ALA A 269 35.65 6.92 16.44
N PRO A 270 36.93 7.10 16.77
CA PRO A 270 37.41 6.73 18.09
C PRO A 270 36.91 7.70 19.16
N MET A 271 36.86 7.19 20.40
CA MET A 271 36.42 7.96 21.54
C MET A 271 37.63 8.52 22.30
N ASP A 272 37.39 9.57 23.08
CA ASP A 272 38.43 10.18 23.88
C ASP A 272 37.79 11.13 24.89
N GLU A 273 38.63 11.73 25.72
CA GLU A 273 38.19 12.72 26.71
C GLU A 273 38.42 14.11 26.12
N CYS A 274 37.58 14.45 25.14
CA CYS A 274 37.68 15.70 24.39
C CYS A 274 36.86 16.79 25.08
N ASP A 275 36.60 17.89 24.37
CA ASP A 275 35.66 18.91 24.81
C ASP A 275 34.97 19.47 23.57
N ALA A 276 33.65 19.54 23.60
CA ALA A 276 32.88 19.95 22.42
C ALA A 276 31.61 20.67 22.87
N LYS A 277 30.74 20.94 21.91
CA LYS A 277 29.46 21.59 22.20
C LYS A 277 28.32 20.86 21.50
N CYS A 278 28.63 20.15 20.43
CA CYS A 278 27.62 19.36 19.72
C CYS A 278 28.33 18.15 19.11
N GLN A 279 27.69 17.49 18.16
CA GLN A 279 28.27 16.30 17.56
C GLN A 279 27.67 16.06 16.19
N THR A 280 28.49 15.56 15.27
CA THR A 280 28.07 15.05 13.97
C THR A 280 28.69 13.69 13.75
N PRO A 281 28.07 12.82 12.93
CA PRO A 281 28.53 11.43 12.86
C PRO A 281 29.99 11.27 12.47
N GLN A 282 30.51 12.08 11.56
CA GLN A 282 31.90 11.96 11.12
C GLN A 282 32.88 12.75 11.99
N GLY A 283 32.39 13.55 12.93
CA GLY A 283 33.27 14.31 13.79
C GLY A 283 32.49 15.33 14.57
N ALA A 284 33.16 15.88 15.58
CA ALA A 284 32.57 16.89 16.44
C ALA A 284 33.09 18.26 16.05
N ILE A 285 32.19 19.18 15.75
CA ILE A 285 32.52 20.52 15.26
C ILE A 285 32.37 21.51 16.39
N ASN A 286 33.32 22.45 16.47
CA ASN A 286 33.28 23.54 17.45
C ASN A 286 33.75 24.80 16.72
N SER A 287 32.79 25.57 16.21
CA SER A 287 33.09 26.76 15.42
C SER A 287 31.98 27.77 15.63
N SER A 288 31.97 28.82 14.80
CA SER A 288 30.99 29.89 14.93
C SER A 288 30.37 30.33 13.61
N LEU A 289 30.78 29.76 12.49
CA LEU A 289 30.15 30.11 11.21
C LEU A 289 28.72 29.59 11.17
N PRO A 290 27.79 30.33 10.59
CA PRO A 290 26.37 29.93 10.65
C PRO A 290 26.00 28.73 9.80
N PHE A 291 26.97 28.02 9.22
CA PHE A 291 26.64 26.87 8.38
C PHE A 291 27.75 25.83 8.47
N GLN A 292 27.47 24.67 7.90
CA GLN A 292 28.43 23.58 7.77
C GLN A 292 27.97 22.66 6.67
N ASN A 293 28.89 21.84 6.16
CA ASN A 293 28.52 20.90 5.12
C ASN A 293 29.15 19.52 5.33
N VAL A 294 29.50 19.18 6.57
CA VAL A 294 30.10 17.87 6.84
C VAL A 294 29.10 16.76 6.60
N HIS A 295 27.89 16.89 7.15
CA HIS A 295 26.88 15.85 7.05
C HIS A 295 25.51 16.46 7.33
N PRO A 296 24.43 15.83 6.87
CA PRO A 296 23.09 16.29 7.23
C PRO A 296 22.77 16.12 8.71
N VAL A 297 23.01 14.92 9.23
CA VAL A 297 22.67 14.62 10.61
C VAL A 297 23.59 15.40 11.54
N THR A 298 23.00 16.04 12.55
CA THR A 298 23.77 16.78 13.55
C THR A 298 23.01 16.77 14.87
N ILE A 299 23.73 16.59 15.96
CA ILE A 299 23.16 16.53 17.30
C ILE A 299 23.83 17.62 18.14
N GLY A 300 23.01 18.47 18.76
CA GLY A 300 23.53 19.50 19.63
C GLY A 300 23.29 20.91 19.13
N GLU A 301 24.01 21.88 19.68
CA GLU A 301 23.83 23.29 19.33
C GLU A 301 24.96 23.73 18.42
N CYS A 302 24.80 23.42 17.13
CA CYS A 302 25.68 23.93 16.08
C CYS A 302 24.85 24.23 14.84
N PRO A 303 25.32 25.15 13.99
CA PRO A 303 24.42 25.76 12.99
C PRO A 303 24.00 24.86 11.84
N LYS A 304 23.26 25.44 10.90
CA LYS A 304 22.55 24.69 9.88
C LYS A 304 23.53 24.02 8.90
N TYR A 305 22.96 23.29 7.95
CA TYR A 305 23.73 22.54 6.96
C TYR A 305 23.25 22.93 5.56
N VAL A 306 24.19 23.26 4.68
CA VAL A 306 23.90 23.66 3.31
C VAL A 306 24.78 22.85 2.38
N ARG A 307 24.17 22.06 1.50
CA ARG A 307 24.92 21.27 0.54
C ARG A 307 25.48 22.19 -0.54
N SER A 308 26.78 22.50 -0.44
CA SER A 308 27.42 23.42 -1.36
C SER A 308 28.93 23.19 -1.29
N ALA A 309 29.69 24.11 -1.87
CA ALA A 309 31.14 24.02 -1.87
C ALA A 309 31.84 25.26 -1.32
N LYS A 310 31.34 26.46 -1.63
CA LYS A 310 32.01 27.68 -1.21
C LYS A 310 31.00 28.82 -1.16
N LEU A 311 30.78 29.37 0.02
CA LEU A 311 29.89 30.50 0.22
C LEU A 311 30.61 31.55 1.07
N ARG A 312 30.44 32.81 0.70
CA ARG A 312 31.10 33.90 1.41
C ARG A 312 30.39 35.21 1.12
N MET A 313 30.66 36.19 1.97
CA MET A 313 30.09 37.53 1.81
C MET A 313 31.18 38.55 2.08
N VAL A 314 31.39 39.45 1.12
CA VAL A 314 32.40 40.50 1.25
C VAL A 314 32.02 41.42 2.40
N THR A 315 33.01 41.99 3.06
CA THR A 315 32.78 42.87 4.20
C THR A 315 31.92 44.08 3.83
N ASN A 367 26.75 39.53 9.80
CA ASN A 367 26.18 39.47 11.15
C ASN A 367 24.68 39.24 11.11
N LYS A 368 23.92 40.33 11.10
CA LYS A 368 22.46 40.28 11.02
C LYS A 368 21.95 40.22 9.59
N VAL A 369 22.84 40.21 8.59
CA VAL A 369 22.42 40.18 7.21
C VAL A 369 21.78 38.83 6.87
N ASN A 370 22.35 37.73 7.40
CA ASN A 370 21.89 36.39 7.08
C ASN A 370 21.58 35.62 8.37
N SER A 371 20.88 36.27 9.29
CA SER A 371 20.41 35.60 10.50
C SER A 371 18.97 35.11 10.38
N VAL A 372 18.26 35.50 9.32
CA VAL A 372 16.90 35.01 9.12
C VAL A 372 16.92 33.54 8.73
N ILE A 373 17.81 33.16 7.81
CA ILE A 373 17.92 31.75 7.40
C ILE A 373 18.26 30.89 8.60
N GLU A 374 19.24 31.31 9.40
CA GLU A 374 19.58 30.59 10.61
C GLU A 374 18.40 30.52 11.57
N LYS A 375 17.52 31.53 11.53
CA LYS A 375 16.36 31.52 12.40
C LYS A 375 15.21 30.72 11.83
N MET A 376 15.13 30.56 10.51
CA MET A 376 14.04 29.81 9.90
C MET A 376 14.38 28.34 9.66
N ASN A 377 15.66 28.01 9.48
CA ASN A 377 16.07 26.64 9.28
C ASN A 377 15.95 25.79 10.52
N THR A 378 15.70 26.40 11.69
CA THR A 378 15.75 25.70 12.96
C THR A 378 14.69 24.59 13.02
N GLN A 379 14.84 23.73 14.03
CA GLN A 379 13.91 22.62 14.29
C GLN A 379 13.84 21.68 13.09
N PHE A 380 14.97 21.02 12.82
CA PHE A 380 15.06 20.03 11.74
C PHE A 380 16.00 18.92 12.18
N THR A 381 15.46 17.73 12.42
CA THR A 381 16.25 16.55 12.75
C THR A 381 16.15 15.57 11.59
N ALA A 382 17.30 15.19 11.03
CA ALA A 382 17.35 14.46 9.77
C ALA A 382 17.77 13.00 9.96
N VAL A 383 17.67 12.46 11.16
CA VAL A 383 18.04 11.07 11.38
C VAL A 383 17.12 10.19 10.55
N GLY A 384 17.67 9.53 9.54
CA GLY A 384 16.88 8.69 8.66
C GLY A 384 16.31 7.49 9.37
N LYS A 385 15.01 7.50 9.62
CA LYS A 385 14.36 6.41 10.34
C LYS A 385 14.38 5.15 9.48
N GLU A 386 14.83 4.05 10.07
CA GLU A 386 14.92 2.81 9.32
C GLU A 386 13.53 2.31 8.97
N PHE A 387 13.43 1.67 7.81
CA PHE A 387 12.16 1.14 7.30
C PHE A 387 12.33 -0.32 6.95
N ASN A 388 11.23 -1.06 7.06
CA ASN A 388 11.25 -2.50 6.88
C ASN A 388 11.54 -2.87 5.42
N LYS A 389 11.66 -4.18 5.17
CA LYS A 389 11.88 -4.66 3.82
C LYS A 389 10.68 -4.36 2.91
N LEU A 390 9.48 -4.60 3.42
CA LEU A 390 8.25 -4.32 2.66
C LEU A 390 7.74 -2.91 2.94
N GLU A 391 8.61 -1.92 2.76
CA GLU A 391 8.25 -0.53 2.91
C GLU A 391 8.98 0.33 1.89
N ARG A 392 9.12 -0.16 0.66
CA ARG A 392 9.81 0.61 -0.35
C ARG A 392 9.01 1.85 -0.75
N ARG A 393 7.70 1.84 -0.50
CA ARG A 393 6.91 3.06 -0.69
C ARG A 393 7.22 4.09 0.38
N MET A 394 7.82 3.68 1.50
CA MET A 394 8.16 4.60 2.58
C MET A 394 9.43 5.37 2.25
N GLU A 395 10.54 4.66 2.03
CA GLU A 395 11.82 5.30 1.86
C GLU A 395 11.82 6.23 0.66
N ASN A 396 11.18 5.83 -0.43
CA ASN A 396 11.09 6.70 -1.59
C ASN A 396 10.35 7.99 -1.24
N LEU A 397 9.28 7.89 -0.46
CA LEU A 397 8.59 9.08 0.01
C LEU A 397 9.48 9.91 0.94
N ASN A 398 10.19 9.25 1.85
CA ASN A 398 11.01 9.98 2.81
C ASN A 398 12.29 10.50 2.17
N LYS A 399 12.86 9.77 1.21
CA LYS A 399 14.02 10.29 0.50
C LYS A 399 13.64 11.45 -0.38
N LYS A 400 12.42 11.45 -0.93
CA LYS A 400 11.95 12.60 -1.70
C LYS A 400 11.83 13.84 -0.82
N VAL A 401 11.32 13.66 0.40
CA VAL A 401 11.15 14.79 1.31
C VAL A 401 12.49 15.36 1.72
N ASP A 402 13.42 14.49 2.14
CA ASP A 402 14.70 14.96 2.64
C ASP A 402 15.53 15.59 1.53
N ASP A 403 15.54 14.99 0.34
CA ASP A 403 16.32 15.55 -0.75
C ASP A 403 15.78 16.92 -1.18
N GLY A 404 14.46 17.05 -1.25
CA GLY A 404 13.89 18.31 -1.69
C GLY A 404 14.13 19.45 -0.73
N PHE A 405 14.02 19.20 0.57
CA PHE A 405 14.19 20.26 1.55
C PHE A 405 15.62 20.80 1.54
N LEU A 406 16.61 19.91 1.45
CA LEU A 406 18.00 20.35 1.45
C LEU A 406 18.35 21.08 0.15
N ASP A 407 17.76 20.66 -0.97
CA ASP A 407 18.07 21.30 -2.23
C ASP A 407 17.40 22.66 -2.35
N ILE A 408 16.18 22.79 -1.84
CA ILE A 408 15.53 24.10 -1.84
C ILE A 408 16.29 25.07 -0.95
N TRP A 409 16.71 24.62 0.23
CA TRP A 409 17.33 25.51 1.20
C TRP A 409 18.69 26.01 0.73
N THR A 410 19.41 25.23 -0.08
CA THR A 410 20.68 25.73 -0.60
C THR A 410 20.46 26.78 -1.67
N TYR A 411 19.30 26.79 -2.32
CA TYR A 411 19.01 27.83 -3.30
C TYR A 411 18.63 29.13 -2.62
N ASN A 412 17.91 29.06 -1.50
CA ASN A 412 17.60 30.28 -0.74
C ASN A 412 18.86 30.91 -0.19
N ALA A 413 19.77 30.09 0.34
CA ALA A 413 20.99 30.63 0.93
C ALA A 413 21.97 31.11 -0.13
N GLU A 414 21.98 30.48 -1.30
CA GLU A 414 22.86 30.93 -2.37
C GLU A 414 22.48 32.33 -2.86
N LEU A 415 21.19 32.56 -3.08
CA LEU A 415 20.73 33.85 -3.56
C LEU A 415 20.56 34.87 -2.45
N LEU A 416 20.55 34.45 -1.18
CA LEU A 416 20.52 35.41 -0.08
C LEU A 416 21.83 36.17 0.03
N VAL A 417 22.91 35.65 -0.55
CA VAL A 417 24.18 36.33 -0.56
C VAL A 417 24.59 36.77 -1.96
N LEU A 418 24.02 36.18 -3.01
CA LEU A 418 24.29 36.62 -4.37
C LEU A 418 23.62 37.96 -4.68
N LEU A 419 22.77 38.45 -3.80
CA LEU A 419 22.12 39.75 -3.95
C LEU A 419 22.62 40.78 -2.98
N GLU A 420 22.80 40.41 -1.71
CA GLU A 420 23.28 41.37 -0.71
C GLU A 420 24.68 41.86 -1.04
N ASN A 421 25.55 40.97 -1.50
CA ASN A 421 26.91 41.38 -1.86
C ASN A 421 26.89 42.37 -3.01
N GLU A 422 25.93 42.24 -3.94
CA GLU A 422 25.84 43.20 -5.04
C GLU A 422 25.50 44.59 -4.53
N ARG A 423 24.64 44.68 -3.51
CA ARG A 423 24.26 45.98 -2.97
C ARG A 423 25.46 46.67 -2.32
N THR A 424 26.25 45.92 -1.55
CA THR A 424 27.40 46.52 -0.88
C THR A 424 28.41 47.07 -1.88
N LEU A 425 28.63 46.35 -2.99
CA LEU A 425 29.47 46.88 -4.04
C LEU A 425 28.92 48.19 -4.57
N ASP A 426 27.61 48.25 -4.79
CA ASP A 426 26.97 49.50 -5.19
C ASP A 426 26.81 50.47 -4.02
N PHE A 427 26.85 49.97 -2.78
CA PHE A 427 26.72 50.85 -1.63
C PHE A 427 27.93 51.75 -1.48
N HIS A 428 29.13 51.17 -1.56
CA HIS A 428 30.35 51.96 -1.44
C HIS A 428 30.51 52.91 -2.62
N ASP A 429 30.09 52.47 -3.81
CA ASP A 429 30.15 53.34 -4.98
C ASP A 429 29.27 54.57 -4.79
N SER A 430 28.06 54.37 -4.25
CA SER A 430 27.16 55.49 -4.00
C SER A 430 27.72 56.43 -2.94
N ASN A 431 28.32 55.87 -1.89
CA ASN A 431 28.85 56.70 -0.81
C ASN A 431 29.96 57.62 -1.30
N VAL A 432 30.87 57.09 -2.12
CA VAL A 432 31.98 57.89 -2.63
C VAL A 432 31.50 58.93 -3.63
N LYS A 433 30.63 58.53 -4.55
CA LYS A 433 30.15 59.45 -5.57
C LYS A 433 29.39 60.61 -4.95
N ASN A 434 28.70 60.37 -3.83
CA ASN A 434 28.03 61.47 -3.12
C ASN A 434 29.05 62.48 -2.61
N LEU A 435 30.22 62.02 -2.18
CA LEU A 435 31.25 62.93 -1.69
C LEU A 435 31.73 63.85 -2.79
N TYR A 436 31.90 63.31 -4.01
CA TYR A 436 32.35 64.15 -5.12
C TYR A 436 31.35 65.24 -5.43
N GLU A 437 30.05 64.92 -5.39
CA GLU A 437 29.02 65.94 -5.58
C GLU A 437 29.09 66.99 -4.49
N LYS A 438 29.33 66.57 -3.24
CA LYS A 438 29.50 67.52 -2.16
C LYS A 438 30.73 68.39 -2.39
N VAL A 439 31.84 67.79 -2.83
CA VAL A 439 33.04 68.55 -3.11
C VAL A 439 32.86 69.44 -4.34
N LYS A 440 32.27 68.89 -5.40
CA LYS A 440 32.04 69.65 -6.61
C LYS A 440 30.59 70.12 -6.69
N GLU B 21 6.56 44.33 -15.25
CA GLU B 21 5.14 44.66 -15.24
C GLU B 21 4.31 43.59 -15.94
N LYS B 22 3.38 44.01 -16.79
CA LYS B 22 2.54 43.10 -17.53
C LYS B 22 3.29 42.63 -18.78
N ASN B 23 2.57 42.01 -19.71
CA ASN B 23 3.16 41.55 -20.95
C ASN B 23 3.79 42.71 -21.71
N VAL B 24 5.00 42.49 -22.24
CA VAL B 24 5.76 43.51 -22.93
C VAL B 24 6.37 42.91 -24.19
N THR B 25 6.87 43.78 -25.06
CA THR B 25 7.50 43.40 -26.32
C THR B 25 9.00 43.64 -26.23
N VAL B 26 9.78 42.63 -26.61
CA VAL B 26 11.23 42.71 -26.57
C VAL B 26 11.80 42.20 -27.89
N THR B 27 13.01 42.68 -28.20
CA THR B 27 13.57 42.46 -29.53
C THR B 27 13.93 41.00 -29.76
N HIS B 28 14.54 40.35 -28.77
CA HIS B 28 14.96 38.96 -28.90
C HIS B 28 14.68 38.24 -27.59
N SER B 29 13.84 37.20 -27.65
CA SER B 29 13.53 36.39 -26.48
C SER B 29 13.64 34.92 -26.85
N VAL B 30 14.01 34.12 -25.87
CA VAL B 30 14.09 32.67 -26.00
C VAL B 30 13.24 32.06 -24.90
N ASN B 31 12.14 31.43 -25.28
CA ASN B 31 11.22 30.83 -24.31
C ASN B 31 11.83 29.53 -23.82
N LEU B 32 12.24 29.51 -22.55
CA LEU B 32 12.75 28.28 -21.96
C LEU B 32 11.69 27.18 -21.98
N LEU B 33 10.45 27.54 -21.67
CA LEU B 33 9.35 26.57 -21.68
C LEU B 33 9.10 26.05 -23.08
N GLU B 34 8.73 24.77 -23.17
CA GLU B 34 8.33 24.14 -24.41
C GLU B 34 7.03 23.38 -24.19
N ASP B 35 6.07 23.58 -25.08
CA ASP B 35 4.76 22.94 -24.99
C ASP B 35 4.40 22.27 -26.31
N SER B 36 5.37 21.57 -26.92
CA SER B 36 5.14 20.84 -28.16
C SER B 36 5.88 19.52 -28.12
N HIS B 37 5.23 18.47 -28.59
CA HIS B 37 5.82 17.14 -28.60
C HIS B 37 5.23 16.35 -29.76
N ASN B 38 5.97 15.33 -30.19
CA ASN B 38 5.51 14.51 -31.32
C ASN B 38 4.24 13.76 -30.98
N GLY B 39 3.99 13.47 -29.71
CA GLY B 39 2.77 12.81 -29.31
C GLY B 39 2.71 11.34 -29.57
N LYS B 40 3.85 10.70 -29.83
CA LYS B 40 3.91 9.28 -30.12
C LYS B 40 4.90 8.59 -29.20
N LEU B 41 4.52 7.42 -28.70
CA LEU B 41 5.48 6.57 -27.99
C LEU B 41 6.52 6.08 -28.98
N CYS B 42 7.78 6.03 -28.54
CA CYS B 42 8.86 5.67 -29.44
C CYS B 42 9.99 5.04 -28.63
N LEU B 43 11.09 4.73 -29.32
CA LEU B 43 12.21 4.04 -28.71
C LEU B 43 13.05 5.01 -27.89
N LEU B 44 13.53 4.54 -26.75
CA LEU B 44 14.35 5.34 -25.83
C LEU B 44 15.81 4.93 -26.00
N LYS B 45 16.53 5.69 -26.80
CA LYS B 45 17.96 5.56 -27.06
C LYS B 45 18.34 4.26 -27.76
N GLY B 46 17.39 3.39 -28.08
CA GLY B 46 17.70 2.23 -28.89
C GLY B 46 17.23 0.88 -28.39
N ILE B 47 16.43 0.85 -27.32
CA ILE B 47 15.89 -0.39 -26.78
C ILE B 47 14.37 -0.25 -26.71
N ALA B 48 13.67 -1.15 -27.39
CA ALA B 48 12.22 -1.07 -27.42
C ALA B 48 11.65 -1.33 -26.03
N PRO B 49 10.59 -0.64 -25.63
CA PRO B 49 10.04 -0.83 -24.29
C PRO B 49 9.02 -1.96 -24.26
N LEU B 50 8.76 -2.45 -23.05
CA LEU B 50 7.71 -3.43 -22.87
C LEU B 50 6.36 -2.78 -23.11
N GLN B 51 5.49 -3.49 -23.82
CA GLN B 51 4.15 -3.00 -24.15
C GLN B 51 3.14 -4.02 -23.67
N LEU B 52 2.77 -3.92 -22.39
CA LEU B 52 1.70 -4.76 -21.87
C LEU B 52 0.40 -4.51 -22.64
N GLY B 53 0.02 -3.25 -22.79
CA GLY B 53 -1.12 -2.93 -23.61
C GLY B 53 -2.42 -3.48 -23.07
N ASN B 54 -2.88 -4.56 -23.71
CA ASN B 54 -4.23 -5.06 -23.59
C ASN B 54 -4.40 -5.91 -22.35
N CYS B 55 -3.46 -5.76 -21.41
CA CYS B 55 -3.19 -6.69 -20.31
C CYS B 55 -2.58 -5.89 -19.17
N SER B 56 -2.78 -6.35 -17.93
CA SER B 56 -2.30 -5.59 -16.78
C SER B 56 -1.04 -6.23 -16.17
N VAL B 57 -0.43 -5.48 -15.24
CA VAL B 57 0.80 -5.95 -14.60
C VAL B 57 0.54 -7.22 -13.80
N ALA B 58 -0.54 -7.24 -13.03
CA ALA B 58 -0.89 -8.45 -12.29
C ALA B 58 -1.18 -9.61 -13.24
N GLY B 59 -1.85 -9.32 -14.36
CA GLY B 59 -2.09 -10.36 -15.35
C GLY B 59 -0.81 -10.82 -16.04
N TRP B 60 0.11 -9.88 -16.30
CA TRP B 60 1.33 -10.23 -17.01
C TRP B 60 2.23 -11.14 -16.19
N ILE B 61 2.49 -10.77 -14.94
CA ILE B 61 3.41 -11.55 -14.11
C ILE B 61 2.88 -12.95 -13.89
N LEU B 62 1.59 -13.08 -13.59
CA LEU B 62 0.99 -14.39 -13.43
C LEU B 62 0.84 -15.13 -14.74
N GLY B 63 1.08 -14.47 -15.88
CA GLY B 63 0.98 -15.14 -17.16
C GLY B 63 -0.44 -15.41 -17.56
N ASN B 64 -1.20 -14.34 -17.78
CA ASN B 64 -2.60 -14.48 -18.16
C ASN B 64 -2.70 -15.20 -19.50
N PRO B 65 -3.72 -16.05 -19.71
CA PRO B 65 -3.81 -16.79 -20.97
C PRO B 65 -3.83 -15.92 -22.20
N GLU B 66 -4.47 -14.76 -22.15
CA GLU B 66 -4.51 -13.84 -23.27
C GLU B 66 -3.42 -12.79 -23.18
N CYS B 67 -2.30 -13.18 -22.56
CA CYS B 67 -1.19 -12.26 -22.37
C CYS B 67 0.13 -12.91 -22.77
N GLU B 68 0.11 -13.71 -23.85
CA GLU B 68 1.21 -14.58 -24.22
C GLU B 68 2.12 -14.01 -25.29
N LEU B 69 1.92 -12.76 -25.70
CA LEU B 69 2.79 -12.12 -26.68
C LEU B 69 3.97 -11.43 -26.04
N LEU B 70 4.13 -11.52 -24.72
CA LEU B 70 5.25 -10.91 -24.02
C LEU B 70 6.14 -11.94 -23.34
N ILE B 71 5.93 -13.22 -23.62
CA ILE B 71 6.79 -14.26 -23.06
C ILE B 71 8.21 -14.12 -23.61
N SER B 72 8.33 -13.70 -24.87
CA SER B 72 9.65 -13.61 -25.50
C SER B 72 10.43 -12.39 -25.05
N LYS B 73 9.74 -11.29 -24.76
CA LYS B 73 10.43 -10.06 -24.40
C LYS B 73 11.14 -10.21 -23.06
N GLU B 74 12.42 -9.85 -23.03
CA GLU B 74 13.19 -9.92 -21.79
C GLU B 74 14.13 -8.74 -21.62
N SER B 75 13.87 -7.61 -22.29
CA SER B 75 14.69 -6.42 -22.15
C SER B 75 13.86 -5.21 -22.54
N TRP B 76 13.96 -4.15 -21.76
CA TRP B 76 13.11 -2.99 -21.99
C TRP B 76 13.78 -1.75 -21.43
N SER B 77 13.28 -0.59 -21.85
CA SER B 77 13.66 0.70 -21.30
C SER B 77 12.63 1.25 -20.34
N TYR B 78 11.35 0.95 -20.56
CA TYR B 78 10.28 1.32 -19.63
C TYR B 78 9.11 0.38 -19.91
N ILE B 79 8.05 0.52 -19.11
CA ILE B 79 6.90 -0.36 -19.18
C ILE B 79 5.64 0.50 -19.32
N VAL B 80 4.73 0.07 -20.21
CA VAL B 80 3.53 0.81 -20.55
C VAL B 80 2.32 0.02 -20.06
N GLU B 81 1.22 0.74 -19.81
CA GLU B 81 -0.01 0.12 -19.37
C GLU B 81 -1.19 1.02 -19.74
N THR B 82 -2.22 0.41 -20.34
CA THR B 82 -3.38 1.17 -20.75
C THR B 82 -4.13 1.73 -19.54
N PRO B 83 -4.89 2.81 -19.71
CA PRO B 83 -5.52 3.45 -18.53
C PRO B 83 -6.48 2.55 -17.78
N ASN B 84 -7.23 1.71 -18.48
CA ASN B 84 -8.18 0.77 -17.86
C ASN B 84 -7.89 -0.62 -18.40
N PRO B 85 -6.89 -1.30 -17.84
CA PRO B 85 -6.54 -2.64 -18.34
C PRO B 85 -7.69 -3.61 -18.15
N GLU B 86 -8.15 -4.19 -19.25
CA GLU B 86 -9.42 -4.91 -19.24
C GLU B 86 -9.34 -6.18 -18.40
N ASN B 87 -8.42 -7.08 -18.73
CA ASN B 87 -8.33 -8.36 -18.03
C ASN B 87 -6.93 -8.57 -17.46
N GLY B 88 -6.88 -8.84 -16.16
CA GLY B 88 -5.68 -9.29 -15.50
C GLY B 88 -5.89 -10.66 -14.87
N THR B 89 -6.16 -10.68 -13.58
CA THR B 89 -6.45 -11.91 -12.87
C THR B 89 -7.76 -12.52 -13.34
N CYS B 90 -7.68 -13.57 -14.15
CA CYS B 90 -8.89 -14.18 -14.68
C CYS B 90 -9.73 -14.82 -13.58
N TYR B 91 -9.09 -15.44 -12.60
CA TYR B 91 -9.80 -16.00 -11.46
C TYR B 91 -9.88 -14.97 -10.34
N PRO B 92 -11.08 -14.63 -9.87
CA PRO B 92 -11.21 -13.52 -8.91
C PRO B 92 -10.45 -13.80 -7.61
N GLY B 93 -9.87 -12.74 -7.06
CA GLY B 93 -9.07 -12.89 -5.85
C GLY B 93 -8.59 -11.54 -5.37
N TYR B 94 -7.63 -11.58 -4.45
CA TYR B 94 -7.06 -10.37 -3.85
C TYR B 94 -5.54 -10.50 -3.82
N PHE B 95 -4.87 -9.86 -4.78
CA PHE B 95 -3.41 -9.90 -4.89
C PHE B 95 -2.80 -9.21 -3.67
N ALA B 96 -2.23 -9.98 -2.77
CA ALA B 96 -1.72 -9.43 -1.52
C ALA B 96 -0.49 -8.56 -1.77
N ASP B 97 -0.48 -7.38 -1.15
CA ASP B 97 0.62 -6.43 -1.27
C ASP B 97 0.93 -6.11 -2.73
N TYR B 98 -0.14 -5.79 -3.48
CA TYR B 98 0.02 -5.47 -4.90
C TYR B 98 0.87 -4.22 -5.09
N GLU B 99 0.52 -3.14 -4.40
CA GLU B 99 1.15 -1.85 -4.68
C GLU B 99 2.64 -1.86 -4.39
N GLU B 100 3.09 -2.75 -3.50
CA GLU B 100 4.52 -2.85 -3.23
C GLU B 100 5.27 -3.51 -4.37
N LEU B 101 4.64 -4.48 -5.04
CA LEU B 101 5.31 -5.19 -6.13
C LEU B 101 5.61 -4.25 -7.29
N ARG B 102 4.68 -3.36 -7.63
CA ARG B 102 4.92 -2.44 -8.72
C ARG B 102 6.14 -1.56 -8.45
N GLU B 103 6.40 -1.23 -7.18
CA GLU B 103 7.58 -0.46 -6.86
C GLU B 103 8.85 -1.26 -7.09
N GLN B 104 8.83 -2.55 -6.72
CA GLN B 104 10.00 -3.40 -6.93
C GLN B 104 10.18 -3.79 -8.39
N LEU B 105 9.11 -3.75 -9.18
CA LEU B 105 9.19 -4.07 -10.59
C LEU B 105 9.42 -2.85 -11.47
N SER B 106 9.55 -1.67 -10.89
CA SER B 106 9.82 -0.47 -11.68
C SER B 106 11.28 -0.40 -12.13
N SER B 107 12.21 -0.82 -11.29
CA SER B 107 13.64 -0.65 -11.53
C SER B 107 14.32 -1.97 -11.86
N VAL B 108 13.66 -2.82 -12.64
CA VAL B 108 14.22 -4.10 -13.07
C VAL B 108 14.73 -3.92 -14.49
N SER B 109 16.04 -4.07 -14.68
CA SER B 109 16.63 -3.88 -16.00
C SER B 109 16.16 -4.97 -16.96
N SER B 110 16.25 -6.23 -16.53
CA SER B 110 15.83 -7.38 -17.32
C SER B 110 15.86 -8.62 -16.43
N PHE B 111 14.87 -9.48 -16.59
CA PHE B 111 14.80 -10.70 -15.81
C PHE B 111 14.97 -11.91 -16.71
N GLU B 112 14.82 -13.09 -16.12
CA GLU B 112 14.98 -14.35 -16.83
C GLU B 112 13.99 -15.36 -16.27
N ARG B 113 13.11 -15.86 -17.13
CA ARG B 113 12.05 -16.76 -16.71
C ARG B 113 12.52 -18.20 -16.87
N PHE B 114 12.62 -18.92 -15.76
CA PHE B 114 13.06 -20.30 -15.78
C PHE B 114 12.08 -21.17 -15.00
N GLU B 115 11.96 -22.43 -15.42
CA GLU B 115 11.01 -23.37 -14.84
C GLU B 115 11.57 -23.84 -13.50
N ILE B 116 11.09 -23.22 -12.41
CA ILE B 116 11.64 -23.49 -11.10
C ILE B 116 11.31 -24.90 -10.65
N PHE B 117 10.08 -25.36 -10.90
CA PHE B 117 9.65 -26.72 -10.58
C PHE B 117 9.11 -27.37 -11.84
N PRO B 118 9.91 -28.15 -12.56
CA PRO B 118 9.46 -28.67 -13.86
C PRO B 118 8.21 -29.52 -13.70
N LYS B 119 7.22 -29.26 -14.56
CA LYS B 119 5.96 -29.99 -14.48
C LYS B 119 6.13 -31.47 -14.72
N GLU B 120 7.16 -31.87 -15.48
CA GLU B 120 7.33 -33.27 -15.82
C GLU B 120 7.65 -34.12 -14.60
N SER B 121 8.55 -33.66 -13.74
CA SER B 121 9.06 -34.52 -12.68
C SER B 121 9.23 -33.79 -11.35
N SER B 122 8.38 -32.81 -11.06
CA SER B 122 8.36 -32.21 -9.74
C SER B 122 7.11 -32.52 -8.95
N TRP B 123 6.03 -32.90 -9.62
CA TRP B 123 4.79 -33.32 -8.97
C TRP B 123 4.39 -34.65 -9.61
N PRO B 124 5.02 -35.74 -9.22
CA PRO B 124 4.70 -37.05 -9.79
C PRO B 124 3.58 -37.79 -9.06
N ASN B 125 3.04 -37.22 -8.00
CA ASN B 125 2.13 -37.93 -7.12
C ASN B 125 0.78 -37.24 -7.03
N HIS B 126 0.60 -36.17 -7.80
CA HIS B 126 -0.60 -35.33 -7.78
C HIS B 126 -1.18 -35.24 -9.18
N THR B 127 -2.12 -34.31 -9.36
CA THR B 127 -2.73 -34.02 -10.64
C THR B 127 -2.45 -32.56 -11.00
N VAL B 128 -1.89 -32.34 -12.19
CA VAL B 128 -1.48 -31.00 -12.60
C VAL B 128 -2.33 -30.42 -13.71
N THR B 129 -3.22 -31.20 -14.32
CA THR B 129 -4.06 -30.72 -15.41
C THR B 129 -5.38 -30.20 -14.84
N GLY B 130 -5.28 -29.06 -14.16
CA GLY B 130 -6.45 -28.41 -13.60
C GLY B 130 -6.73 -27.08 -14.27
N VAL B 131 -7.94 -26.91 -14.80
CA VAL B 131 -8.34 -25.70 -15.50
C VAL B 131 -9.70 -25.25 -14.98
N SER B 132 -10.04 -24.00 -15.30
CA SER B 132 -11.31 -23.42 -14.91
C SER B 132 -11.92 -22.69 -16.09
N ALA B 133 -13.24 -22.52 -16.04
CA ALA B 133 -13.96 -21.93 -17.17
C ALA B 133 -13.80 -20.41 -17.25
N SER B 134 -13.35 -19.76 -16.18
CA SER B 134 -13.21 -18.32 -16.18
C SER B 134 -11.94 -17.84 -16.87
N CYS B 135 -11.05 -18.75 -17.25
CA CYS B 135 -9.83 -18.37 -17.93
C CYS B 135 -9.77 -19.02 -19.30
N SER B 136 -10.87 -18.94 -20.03
CA SER B 136 -10.96 -19.59 -21.33
C SER B 136 -10.07 -18.89 -22.35
N HIS B 137 -9.41 -19.70 -23.18
CA HIS B 137 -8.58 -19.20 -24.27
C HIS B 137 -9.03 -19.86 -25.56
N ASN B 138 -9.35 -19.06 -26.56
CA ASN B 138 -9.85 -19.55 -27.85
C ASN B 138 -11.07 -20.43 -27.70
N GLY B 139 -11.89 -20.16 -26.69
CA GLY B 139 -13.08 -20.94 -26.44
C GLY B 139 -12.86 -22.19 -25.61
N LYS B 140 -11.62 -22.49 -25.22
CA LYS B 140 -11.31 -23.65 -24.40
C LYS B 140 -10.77 -23.19 -23.06
N SER B 141 -11.26 -23.80 -21.99
CA SER B 141 -10.85 -23.41 -20.65
C SER B 141 -9.36 -23.70 -20.43
N SER B 142 -8.69 -22.82 -19.70
CA SER B 142 -7.27 -22.96 -19.43
C SER B 142 -6.97 -22.31 -18.08
N PHE B 143 -5.69 -22.06 -17.83
CA PHE B 143 -5.22 -21.48 -16.57
C PHE B 143 -4.07 -20.54 -16.88
N TYR B 144 -3.37 -20.09 -15.85
CA TYR B 144 -2.20 -19.27 -16.05
C TYR B 144 -1.06 -20.11 -16.64
N ARG B 145 -0.01 -19.41 -17.08
CA ARG B 145 1.19 -20.08 -17.57
C ARG B 145 2.32 -20.09 -16.56
N ASN B 146 2.22 -19.31 -15.47
CA ASN B 146 3.24 -19.24 -14.44
C ASN B 146 2.78 -19.85 -13.13
N LEU B 147 1.73 -20.67 -13.14
CA LEU B 147 1.21 -21.29 -11.94
C LEU B 147 0.67 -22.66 -12.28
N LEU B 148 0.50 -23.49 -11.26
CA LEU B 148 0.07 -24.87 -11.44
C LEU B 148 -0.90 -25.23 -10.32
N TRP B 149 -2.16 -25.46 -10.69
CA TRP B 149 -3.20 -25.80 -9.72
C TRP B 149 -3.10 -27.29 -9.41
N LEU B 150 -2.65 -27.62 -8.20
CA LEU B 150 -2.48 -29.00 -7.79
C LEU B 150 -3.80 -29.58 -7.28
N THR B 151 -4.00 -30.87 -7.54
CA THR B 151 -5.18 -31.57 -7.06
C THR B 151 -4.81 -33.03 -6.85
N GLY B 152 -5.58 -33.69 -5.99
CA GLY B 152 -5.27 -35.07 -5.65
C GLY B 152 -5.49 -36.02 -6.80
N LYS B 153 -4.77 -37.13 -6.76
CA LYS B 153 -4.89 -38.21 -7.74
C LYS B 153 -5.20 -39.50 -6.99
N ASN B 154 -6.12 -40.30 -7.56
CA ASN B 154 -6.54 -41.60 -7.03
C ASN B 154 -7.38 -41.44 -5.76
N GLY B 155 -7.56 -40.23 -5.26
CA GLY B 155 -8.25 -40.01 -4.02
C GLY B 155 -7.36 -39.61 -2.86
N LEU B 156 -6.07 -39.43 -3.11
CA LEU B 156 -5.12 -39.06 -2.07
C LEU B 156 -4.45 -37.74 -2.44
N TYR B 157 -4.15 -36.95 -1.42
CA TYR B 157 -3.42 -35.69 -1.56
C TYR B 157 -2.22 -35.77 -0.62
N PRO B 158 -1.13 -36.40 -1.04
CA PRO B 158 0.00 -36.62 -0.14
C PRO B 158 0.64 -35.32 0.30
N ASN B 159 1.31 -35.40 1.46
CA ASN B 159 1.98 -34.26 2.05
C ASN B 159 3.07 -33.80 1.09
N LEU B 160 3.15 -32.51 0.82
CA LEU B 160 4.15 -32.01 -0.11
C LEU B 160 5.14 -31.12 0.60
N SER B 161 6.39 -31.18 0.14
CA SER B 161 7.47 -30.37 0.70
C SER B 161 8.54 -30.24 -0.38
N LYS B 162 8.61 -29.08 -1.00
CA LYS B 162 9.59 -28.80 -2.05
C LYS B 162 10.48 -27.64 -1.62
N SER B 163 11.79 -27.82 -1.81
CA SER B 163 12.78 -26.84 -1.38
C SER B 163 13.50 -26.26 -2.59
N TYR B 164 13.93 -25.01 -2.46
CA TYR B 164 14.70 -24.33 -3.47
C TYR B 164 15.92 -23.69 -2.82
N ALA B 165 16.97 -23.48 -3.61
CA ALA B 165 18.19 -22.89 -3.09
C ALA B 165 18.82 -22.03 -4.17
N ASN B 166 18.85 -20.72 -3.94
CA ASN B 166 19.41 -19.78 -4.90
C ASN B 166 20.90 -19.62 -4.64
N ASN B 167 21.72 -20.05 -5.60
CA ASN B 167 23.17 -20.02 -5.45
C ASN B 167 23.84 -19.45 -6.69
N LYS B 168 23.35 -18.30 -7.17
CA LYS B 168 23.94 -17.72 -8.36
C LYS B 168 24.06 -16.20 -8.31
N GLU B 169 24.00 -15.61 -7.12
CA GLU B 169 24.18 -14.16 -6.96
C GLU B 169 23.15 -13.36 -7.76
N LYS B 170 21.87 -13.71 -7.57
CA LYS B 170 20.77 -13.01 -8.21
C LYS B 170 19.49 -13.28 -7.42
N GLU B 171 18.75 -12.22 -7.13
CA GLU B 171 17.49 -12.37 -6.42
C GLU B 171 16.48 -13.11 -7.28
N VAL B 172 15.65 -13.93 -6.64
CA VAL B 172 14.67 -14.76 -7.33
C VAL B 172 13.29 -14.39 -6.81
N LEU B 173 12.37 -14.07 -7.72
CA LEU B 173 10.99 -13.77 -7.38
C LEU B 173 10.16 -15.05 -7.46
N VAL B 174 9.39 -15.33 -6.42
CA VAL B 174 8.58 -16.53 -6.33
C VAL B 174 7.15 -16.13 -6.03
N LEU B 175 6.19 -16.66 -6.79
CA LEU B 175 4.78 -16.41 -6.55
C LEU B 175 4.03 -17.72 -6.40
N TRP B 176 3.02 -17.71 -5.53
CA TRP B 176 2.15 -18.85 -5.35
C TRP B 176 0.76 -18.34 -5.02
N GLY B 177 -0.11 -19.23 -4.57
CA GLY B 177 -1.46 -18.83 -4.25
C GLY B 177 -2.11 -19.82 -3.31
N VAL B 178 -3.19 -19.37 -2.68
CA VAL B 178 -4.00 -20.20 -1.79
C VAL B 178 -5.44 -20.15 -2.28
N HIS B 179 -6.12 -21.28 -2.18
CA HIS B 179 -7.46 -21.44 -2.74
C HIS B 179 -8.50 -21.40 -1.62
N HIS B 180 -9.55 -20.62 -1.82
CA HIS B 180 -10.69 -20.55 -0.90
C HIS B 180 -11.93 -21.02 -1.64
N PRO B 181 -12.32 -22.30 -1.54
CA PRO B 181 -13.46 -22.77 -2.31
C PRO B 181 -14.75 -22.13 -1.82
N PRO B 182 -15.77 -22.04 -2.67
CA PRO B 182 -17.01 -21.36 -2.26
C PRO B 182 -17.75 -22.03 -1.11
N ASN B 183 -17.68 -23.35 -0.99
CA ASN B 183 -18.41 -24.05 0.06
C ASN B 183 -17.55 -25.20 0.57
N ILE B 184 -18.18 -26.10 1.33
CA ILE B 184 -17.45 -27.20 1.96
C ILE B 184 -17.45 -28.45 1.09
N GLY B 185 -18.54 -28.72 0.37
CA GLY B 185 -18.57 -29.87 -0.51
C GLY B 185 -17.53 -29.78 -1.61
N ASP B 186 -17.15 -28.57 -1.99
CA ASP B 186 -16.07 -28.39 -2.96
C ASP B 186 -14.74 -28.87 -2.39
N GLN B 187 -14.47 -28.54 -1.12
CA GLN B 187 -13.18 -28.88 -0.51
C GLN B 187 -12.95 -30.38 -0.49
N ARG B 188 -13.89 -31.13 0.06
CA ARG B 188 -13.65 -32.56 0.23
C ARG B 188 -13.69 -33.33 -1.09
N ALA B 189 -14.11 -32.70 -2.18
CA ALA B 189 -14.07 -33.34 -3.49
C ALA B 189 -12.80 -32.99 -4.27
N LEU B 190 -11.92 -32.16 -3.70
CA LEU B 190 -10.66 -31.80 -4.33
C LEU B 190 -9.46 -32.19 -3.48
N TYR B 191 -9.48 -31.90 -2.18
CA TYR B 191 -8.34 -32.13 -1.31
C TYR B 191 -8.62 -33.16 -0.22
N HIS B 192 -9.86 -33.62 -0.08
CA HIS B 192 -10.21 -34.69 0.86
C HIS B 192 -9.76 -34.40 2.28
N THR B 193 -9.93 -33.15 2.70
CA THR B 193 -9.59 -32.75 4.07
C THR B 193 -10.48 -31.59 4.49
N GLU B 194 -10.60 -31.39 5.79
CA GLU B 194 -11.49 -30.38 6.34
C GLU B 194 -10.76 -29.09 6.71
N ASN B 195 -9.59 -29.18 7.33
CA ASN B 195 -8.83 -28.02 7.78
C ASN B 195 -7.42 -28.10 7.22
N ALA B 196 -7.24 -27.61 6.00
CA ALA B 196 -5.94 -27.62 5.36
C ALA B 196 -5.13 -26.40 5.79
N TYR B 197 -3.84 -26.41 5.45
CA TYR B 197 -2.98 -25.28 5.74
C TYR B 197 -1.88 -25.22 4.69
N VAL B 198 -1.28 -24.05 4.56
CA VAL B 198 -0.15 -23.85 3.66
C VAL B 198 0.92 -23.07 4.42
N SER B 199 2.15 -23.57 4.40
CA SER B 199 3.25 -22.96 5.14
C SER B 199 4.38 -22.63 4.18
N VAL B 200 4.94 -21.43 4.32
CA VAL B 200 6.07 -20.99 3.53
C VAL B 200 7.11 -20.42 4.47
N VAL B 201 8.33 -20.98 4.45
CA VAL B 201 9.38 -20.60 5.38
C VAL B 201 10.63 -20.29 4.59
N SER B 202 11.34 -19.24 5.00
CA SER B 202 12.62 -18.86 4.41
C SER B 202 13.57 -18.52 5.54
N SER B 203 14.73 -17.94 5.20
CA SER B 203 15.67 -17.55 6.24
C SER B 203 15.21 -16.30 6.98
N HIS B 204 14.30 -15.52 6.39
CA HIS B 204 13.80 -14.31 7.02
C HIS B 204 12.31 -14.14 6.77
N TYR B 205 11.58 -15.24 6.66
CA TYR B 205 10.16 -15.22 6.35
C TYR B 205 9.47 -16.30 7.17
N SER B 206 8.17 -16.13 7.39
CA SER B 206 7.38 -17.15 8.04
C SER B 206 5.90 -16.79 7.91
N ARG B 207 5.10 -17.75 7.45
CA ARG B 207 3.66 -17.56 7.34
C ARG B 207 2.97 -18.90 7.50
N LYS B 208 1.66 -18.84 7.77
CA LYS B 208 0.84 -20.04 7.83
C LYS B 208 -0.58 -19.64 7.45
N PHE B 209 -0.93 -19.88 6.19
CA PHE B 209 -2.24 -19.51 5.68
C PHE B 209 -3.26 -20.62 5.92
N THR B 210 -4.51 -20.23 6.10
CA THR B 210 -5.59 -21.18 6.26
C THR B 210 -6.76 -20.78 5.37
N PRO B 211 -7.44 -21.74 4.75
CA PRO B 211 -8.56 -21.41 3.87
C PRO B 211 -9.76 -20.89 4.64
N GLU B 212 -10.54 -20.03 3.98
CA GLU B 212 -11.79 -19.51 4.51
C GLU B 212 -12.93 -19.90 3.58
N ILE B 213 -13.95 -20.54 4.13
CA ILE B 213 -15.04 -21.10 3.34
C ILE B 213 -16.30 -20.30 3.64
N ALA B 214 -16.80 -19.58 2.64
CA ALA B 214 -18.03 -18.81 2.77
C ALA B 214 -18.58 -18.52 1.38
N LYS B 215 -19.85 -18.14 1.35
CA LYS B 215 -20.53 -17.82 0.10
C LYS B 215 -20.39 -16.34 -0.21
N ARG B 216 -20.03 -16.05 -1.47
CA ARG B 216 -19.73 -14.70 -1.89
C ARG B 216 -20.53 -14.35 -3.13
N PRO B 217 -20.78 -13.06 -3.38
CA PRO B 217 -21.46 -12.67 -4.62
C PRO B 217 -20.62 -13.04 -5.83
N LYS B 218 -21.31 -13.37 -6.92
CA LYS B 218 -20.63 -13.83 -8.12
C LYS B 218 -19.84 -12.69 -8.75
N VAL B 219 -18.58 -12.96 -9.06
CA VAL B 219 -17.75 -12.11 -9.92
C VAL B 219 -17.16 -13.01 -10.99
N ARG B 220 -17.35 -12.65 -12.25
CA ARG B 220 -16.95 -13.47 -13.38
C ARG B 220 -17.58 -14.87 -13.28
N ASP B 221 -18.79 -14.92 -12.72
CA ASP B 221 -19.55 -16.17 -12.57
C ASP B 221 -18.79 -17.21 -11.73
N GLN B 222 -18.12 -16.76 -10.68
CA GLN B 222 -17.44 -17.65 -9.76
C GLN B 222 -17.64 -17.17 -8.33
N GLU B 223 -17.91 -18.12 -7.44
CA GLU B 223 -18.09 -17.82 -6.02
C GLU B 223 -16.87 -18.17 -5.18
N GLY B 224 -15.77 -18.59 -5.81
CA GLY B 224 -14.55 -18.88 -5.09
C GLY B 224 -13.56 -17.72 -5.20
N ARG B 225 -12.44 -17.87 -4.50
CA ARG B 225 -11.39 -16.86 -4.51
C ARG B 225 -10.03 -17.53 -4.42
N ILE B 226 -9.02 -16.82 -4.89
CA ILE B 226 -7.63 -17.28 -4.86
C ILE B 226 -6.75 -16.08 -4.54
N ASN B 227 -6.06 -16.12 -3.40
CA ASN B 227 -5.18 -15.03 -3.00
C ASN B 227 -3.75 -15.33 -3.45
N TYR B 228 -3.13 -14.36 -4.13
CA TYR B 228 -1.80 -14.54 -4.67
C TYR B 228 -0.79 -13.75 -3.84
N TYR B 229 0.27 -14.42 -3.42
CA TYR B 229 1.32 -13.81 -2.61
C TYR B 229 2.64 -13.83 -3.38
N TRP B 230 3.69 -13.33 -2.74
CA TRP B 230 5.00 -13.32 -3.35
C TRP B 230 6.05 -13.09 -2.28
N THR B 231 7.31 -13.37 -2.63
CA THR B 231 8.45 -13.08 -1.78
C THR B 231 9.69 -12.98 -2.65
N LEU B 232 10.70 -12.27 -2.14
CA LEU B 232 11.91 -11.98 -2.89
C LEU B 232 13.08 -12.68 -2.20
N LEU B 233 13.54 -13.77 -2.80
CA LEU B 233 14.66 -14.52 -2.24
C LEU B 233 15.94 -13.70 -2.33
N GLU B 234 16.98 -14.18 -1.64
CA GLU B 234 18.29 -13.55 -1.64
C GLU B 234 19.33 -14.61 -1.94
N PRO B 235 20.49 -14.21 -2.48
CA PRO B 235 21.53 -15.19 -2.79
C PRO B 235 21.94 -15.98 -1.55
N GLY B 236 22.04 -17.29 -1.71
CA GLY B 236 22.40 -18.16 -0.62
C GLY B 236 21.25 -18.55 0.29
N ASP B 237 20.04 -18.06 0.05
CA ASP B 237 18.90 -18.38 0.89
C ASP B 237 18.16 -19.61 0.37
N THR B 238 17.24 -20.11 1.19
CA THR B 238 16.49 -21.31 0.89
C THR B 238 15.03 -21.08 1.25
N ILE B 239 14.12 -21.41 0.35
CA ILE B 239 12.69 -21.27 0.57
C ILE B 239 12.07 -22.66 0.55
N ILE B 240 11.27 -22.97 1.57
CA ILE B 240 10.71 -24.30 1.75
C ILE B 240 9.20 -24.21 1.75
N PHE B 241 8.56 -24.97 0.87
CA PHE B 241 7.11 -25.01 0.77
C PHE B 241 6.58 -26.22 1.51
N GLU B 242 5.43 -26.06 2.15
CA GLU B 242 4.79 -27.16 2.85
C GLU B 242 3.29 -26.94 2.84
N ALA B 243 2.54 -27.95 2.42
CA ALA B 243 1.09 -27.83 2.37
C ALA B 243 0.49 -29.22 2.27
N ASN B 244 -0.72 -29.35 2.80
CA ASN B 244 -1.52 -30.57 2.63
C ASN B 244 -2.89 -30.24 2.05
N GLY B 245 -2.99 -29.16 1.30
CA GLY B 245 -4.23 -28.79 0.65
C GLY B 245 -4.25 -27.32 0.31
N ASN B 246 -5.14 -26.97 -0.62
CA ASN B 246 -5.43 -25.58 -0.99
C ASN B 246 -4.17 -24.81 -1.35
N LEU B 247 -3.34 -25.40 -2.20
CA LEU B 247 -2.12 -24.75 -2.66
C LEU B 247 -2.14 -24.62 -4.16
N ILE B 248 -1.72 -23.46 -4.66
CA ILE B 248 -1.51 -23.24 -6.09
C ILE B 248 -0.01 -23.14 -6.31
N ALA B 249 0.62 -24.28 -6.60
CA ALA B 249 2.06 -24.35 -6.58
C ALA B 249 2.67 -23.55 -7.74
N PRO B 250 3.85 -22.99 -7.54
CA PRO B 250 4.51 -22.28 -8.64
C PRO B 250 5.03 -23.24 -9.69
N ARG B 251 5.18 -22.71 -10.90
CA ARG B 251 5.82 -23.43 -11.99
C ARG B 251 6.99 -22.68 -12.59
N TYR B 252 6.88 -21.37 -12.73
CA TYR B 252 7.97 -20.54 -13.23
C TYR B 252 8.31 -19.49 -12.17
N ALA B 253 9.55 -19.02 -12.21
CA ALA B 253 10.04 -17.97 -11.33
C ALA B 253 10.76 -16.94 -12.18
N PHE B 254 11.32 -15.93 -11.52
CA PHE B 254 12.00 -14.85 -12.22
C PHE B 254 13.30 -14.52 -11.51
N ALA B 255 14.39 -14.48 -12.27
CA ALA B 255 15.70 -14.13 -11.73
C ALA B 255 15.95 -12.64 -12.00
N LEU B 256 15.66 -11.81 -11.00
CA LEU B 256 15.71 -10.37 -11.18
C LEU B 256 17.14 -9.87 -11.32
N SER B 257 17.28 -8.75 -12.01
CA SER B 257 18.58 -8.08 -12.20
C SER B 257 18.31 -6.58 -12.14
N ARG B 258 18.51 -5.98 -10.98
CA ARG B 258 18.10 -4.61 -10.75
C ARG B 258 18.86 -3.64 -11.66
N GLY B 259 18.16 -2.59 -12.09
CA GLY B 259 18.74 -1.59 -12.95
C GLY B 259 18.10 -0.24 -12.66
N PHE B 260 18.45 0.75 -13.48
CA PHE B 260 17.95 2.10 -13.32
C PHE B 260 17.44 2.61 -14.67
N GLY B 261 16.57 3.62 -14.60
CA GLY B 261 16.07 4.25 -15.81
C GLY B 261 14.85 3.58 -16.39
N SER B 262 13.78 3.46 -15.60
CA SER B 262 12.54 2.88 -16.08
C SER B 262 11.43 3.25 -15.10
N GLY B 263 10.20 2.88 -15.47
CA GLY B 263 9.06 3.11 -14.61
C GLY B 263 7.78 2.75 -15.32
N ILE B 264 6.70 2.73 -14.54
CA ILE B 264 5.37 2.43 -15.05
C ILE B 264 4.70 3.74 -15.43
N ILE B 265 4.21 3.83 -16.66
CA ILE B 265 3.49 5.00 -17.15
C ILE B 265 2.18 4.55 -17.76
N THR B 266 1.10 5.27 -17.45
CA THR B 266 -0.20 5.01 -18.05
C THR B 266 -0.33 5.88 -19.30
N SER B 267 -0.59 5.25 -20.44
CA SER B 267 -0.68 5.98 -21.69
C SER B 267 -1.51 5.18 -22.68
N ASN B 268 -2.03 5.89 -23.68
CA ASN B 268 -2.80 5.28 -24.75
C ASN B 268 -2.29 5.66 -26.14
N ALA B 269 -1.11 6.27 -26.22
CA ALA B 269 -0.62 6.74 -27.50
C ALA B 269 -0.21 5.57 -28.40
N PRO B 270 -0.28 5.75 -29.71
CA PRO B 270 0.20 4.70 -30.62
C PRO B 270 1.72 4.58 -30.59
N MET B 271 2.18 3.40 -30.96
CA MET B 271 3.60 3.14 -31.06
C MET B 271 4.14 3.59 -32.41
N ASP B 272 5.42 3.98 -32.42
CA ASP B 272 6.08 4.42 -33.65
C ASP B 272 7.55 4.09 -33.56
N GLU B 273 8.21 4.09 -34.72
CA GLU B 273 9.62 3.72 -34.82
C GLU B 273 10.46 4.97 -35.07
N CYS B 274 10.95 5.56 -33.99
CA CYS B 274 11.90 6.66 -34.05
C CYS B 274 12.92 6.47 -32.94
N ASP B 275 13.73 7.50 -32.70
CA ASP B 275 14.78 7.43 -31.67
C ASP B 275 14.81 8.78 -30.95
N ALA B 276 14.20 8.84 -29.77
CA ALA B 276 14.14 10.05 -28.99
C ALA B 276 15.15 10.01 -27.84
N LYS B 277 15.13 11.05 -27.02
CA LYS B 277 16.01 11.14 -25.86
C LYS B 277 15.31 10.90 -24.54
N CYS B 278 14.04 11.31 -24.41
CA CYS B 278 13.27 10.97 -23.22
C CYS B 278 11.82 10.75 -23.63
N GLN B 279 11.01 10.39 -22.66
CA GLN B 279 9.62 10.03 -22.92
C GLN B 279 8.72 10.58 -21.82
N THR B 280 7.56 11.07 -22.24
CA THR B 280 6.50 11.59 -21.38
C THR B 280 5.21 10.88 -21.76
N PRO B 281 4.26 10.76 -20.80
CA PRO B 281 3.09 9.92 -21.06
C PRO B 281 2.22 10.38 -22.24
N GLN B 282 2.54 11.53 -22.82
CA GLN B 282 1.83 12.04 -23.98
C GLN B 282 2.71 12.24 -25.20
N GLY B 283 4.01 12.01 -25.10
CA GLY B 283 4.87 12.12 -26.26
C GLY B 283 6.33 12.23 -25.87
N ALA B 284 7.17 12.24 -26.88
CA ALA B 284 8.61 12.38 -26.72
C ALA B 284 9.05 13.78 -27.13
N ILE B 285 10.20 14.20 -26.60
CA ILE B 285 10.71 15.55 -26.80
C ILE B 285 12.07 15.48 -27.47
N ASN B 286 12.24 16.25 -28.54
CA ASN B 286 13.52 16.39 -29.23
C ASN B 286 13.83 17.89 -29.30
N SER B 287 14.48 18.40 -28.26
CA SER B 287 14.83 19.81 -28.19
C SER B 287 15.83 20.00 -27.06
N SER B 288 16.47 21.18 -27.05
CA SER B 288 17.46 21.53 -26.03
C SER B 288 16.95 22.61 -25.08
N LEU B 289 15.67 22.96 -25.14
CA LEU B 289 15.13 23.97 -24.25
C LEU B 289 15.14 23.46 -22.81
N PRO B 290 15.57 24.27 -21.84
CA PRO B 290 15.75 23.75 -20.48
C PRO B 290 14.47 23.31 -19.78
N PHE B 291 13.30 23.74 -20.23
CA PHE B 291 12.07 23.53 -19.48
C PHE B 291 10.97 22.96 -20.36
N GLN B 292 9.89 22.53 -19.71
CA GLN B 292 8.71 22.00 -20.38
C GLN B 292 7.55 22.09 -19.40
N ASN B 293 6.33 21.93 -19.93
CA ASN B 293 5.14 21.93 -19.08
C ASN B 293 4.13 20.87 -19.49
N VAL B 294 4.50 19.92 -20.35
CA VAL B 294 3.56 18.91 -20.81
C VAL B 294 3.10 18.03 -19.65
N HIS B 295 4.06 17.50 -18.89
CA HIS B 295 3.73 16.57 -17.80
C HIS B 295 4.92 16.43 -16.87
N PRO B 296 4.70 16.34 -15.55
CA PRO B 296 5.83 16.18 -14.63
C PRO B 296 6.47 14.80 -14.68
N VAL B 297 5.71 13.75 -14.97
CA VAL B 297 6.24 12.40 -15.01
C VAL B 297 6.96 12.18 -16.33
N THR B 298 8.18 11.66 -16.27
CA THR B 298 8.95 11.40 -17.48
C THR B 298 10.00 10.35 -17.19
N ILE B 299 10.66 9.90 -18.26
CA ILE B 299 11.72 8.90 -18.18
C ILE B 299 12.87 9.38 -19.04
N GLY B 300 14.09 9.30 -18.52
CA GLY B 300 15.27 9.69 -19.25
C GLY B 300 15.87 10.99 -18.75
N GLU B 301 16.87 11.47 -19.51
CA GLU B 301 17.59 12.70 -19.17
C GLU B 301 17.02 13.83 -20.01
N CYS B 302 15.99 14.51 -19.47
CA CYS B 302 15.37 15.50 -20.32
C CYS B 302 14.67 16.59 -19.50
N PRO B 303 14.34 17.73 -20.11
CA PRO B 303 14.10 18.96 -19.33
C PRO B 303 13.06 18.83 -18.22
N LYS B 304 13.23 19.67 -17.20
CA LYS B 304 12.37 19.66 -16.02
C LYS B 304 10.96 20.14 -16.37
N TYR B 305 10.12 20.20 -15.34
CA TYR B 305 8.73 20.60 -15.48
C TYR B 305 8.46 21.86 -14.67
N VAL B 306 7.92 22.89 -15.33
CA VAL B 306 7.52 24.14 -14.69
C VAL B 306 6.07 24.41 -15.05
N ARG B 307 5.25 24.74 -14.05
CA ARG B 307 3.81 24.86 -14.22
C ARG B 307 3.38 26.17 -14.86
N SER B 308 4.32 27.03 -15.25
CA SER B 308 3.96 28.31 -15.84
C SER B 308 3.40 28.11 -17.24
N ALA B 309 2.64 29.09 -17.70
CA ALA B 309 2.08 29.06 -19.05
C ALA B 309 2.97 29.74 -20.08
N LYS B 310 3.85 30.64 -19.63
CA LYS B 310 4.78 31.31 -20.54
C LYS B 310 5.94 31.85 -19.71
N LEU B 311 7.14 31.36 -19.97
CA LEU B 311 8.35 31.79 -19.28
C LEU B 311 9.38 32.21 -20.32
N ARG B 312 9.96 33.39 -20.12
CA ARG B 312 10.89 33.93 -21.11
C ARG B 312 11.91 34.83 -20.43
N MET B 313 13.05 35.01 -21.12
CA MET B 313 14.10 35.90 -20.68
C MET B 313 14.56 36.73 -21.88
N VAL B 314 14.73 38.03 -21.67
CA VAL B 314 15.08 38.93 -22.76
C VAL B 314 16.54 38.76 -23.13
N THR B 315 16.80 38.46 -24.40
CA THR B 315 18.16 38.20 -24.86
C THR B 315 18.64 39.29 -25.80
N ILE B 365 24.69 34.37 -18.93
CA ILE B 365 23.55 34.95 -18.22
C ILE B 365 22.39 33.95 -18.17
N THR B 366 21.61 33.92 -19.24
CA THR B 366 20.47 33.00 -19.32
C THR B 366 20.92 31.55 -19.27
N ASN B 367 22.01 31.23 -19.99
CA ASN B 367 22.51 29.86 -19.98
C ASN B 367 22.95 29.45 -18.58
N LYS B 368 23.59 30.36 -17.84
CA LYS B 368 23.95 30.08 -16.47
C LYS B 368 22.73 30.10 -15.55
N VAL B 369 21.72 30.92 -15.88
CA VAL B 369 20.55 31.04 -15.01
C VAL B 369 19.78 29.73 -14.99
N ASN B 370 19.52 29.15 -16.16
CA ASN B 370 18.76 27.90 -16.22
C ASN B 370 19.53 26.78 -15.53
N SER B 371 20.85 26.72 -15.74
CA SER B 371 21.65 25.66 -15.13
C SER B 371 21.86 25.87 -13.64
N VAL B 372 21.67 27.10 -13.15
CA VAL B 372 21.82 27.35 -11.71
C VAL B 372 20.74 26.63 -10.92
N ILE B 373 19.49 26.67 -11.40
CA ILE B 373 18.38 26.00 -10.73
C ILE B 373 18.12 24.61 -11.29
N GLU B 374 18.69 24.27 -12.45
CA GLU B 374 18.54 22.91 -12.96
C GLU B 374 19.21 21.89 -12.06
N LYS B 375 20.39 22.22 -11.54
CA LYS B 375 21.11 21.28 -10.68
C LYS B 375 20.35 21.05 -9.37
N MET B 376 19.78 22.10 -8.79
CA MET B 376 19.03 21.95 -7.55
C MET B 376 17.80 21.08 -7.75
N ASN B 377 17.08 21.26 -8.87
CA ASN B 377 15.92 20.45 -9.15
C ASN B 377 16.29 18.98 -9.29
N THR B 378 17.41 18.70 -9.95
CA THR B 378 17.87 17.33 -10.12
C THR B 378 18.52 16.82 -8.84
N THR B 381 11.71 12.21 -9.00
CA THR B 381 11.22 11.43 -10.12
C THR B 381 9.70 11.55 -10.25
N ALA B 382 9.04 11.79 -9.11
CA ALA B 382 7.59 11.97 -9.06
C ALA B 382 6.87 10.76 -9.67
N VAL B 383 7.18 9.58 -9.13
CA VAL B 383 6.59 8.34 -9.64
C VAL B 383 5.08 8.36 -9.45
N GLY B 384 4.62 8.84 -8.30
CA GLY B 384 3.20 8.81 -7.99
C GLY B 384 2.73 7.40 -7.77
N LYS B 385 3.29 6.73 -6.77
CA LYS B 385 2.97 5.33 -6.52
C LYS B 385 1.50 5.16 -6.16
N GLU B 386 0.86 4.19 -6.79
CA GLU B 386 -0.55 3.92 -6.50
C GLU B 386 -0.69 3.40 -5.08
N PHE B 387 -1.78 3.78 -4.43
CA PHE B 387 -2.03 3.40 -3.04
C PHE B 387 -3.37 2.65 -2.95
N ASN B 388 -3.47 1.80 -1.94
CA ASN B 388 -4.67 1.03 -1.70
C ASN B 388 -5.84 1.94 -1.40
N LYS B 389 -7.05 1.41 -1.56
CA LYS B 389 -8.25 2.18 -1.28
C LYS B 389 -8.40 2.50 0.21
N LEU B 390 -7.68 1.78 1.07
CA LEU B 390 -7.73 1.99 2.51
C LEU B 390 -6.50 2.73 3.02
N GLU B 391 -5.98 3.66 2.23
CA GLU B 391 -4.82 4.46 2.58
C GLU B 391 -5.06 5.93 2.24
N ARG B 392 -6.23 6.44 2.63
CA ARG B 392 -6.55 7.84 2.34
C ARG B 392 -5.58 8.79 3.03
N ARG B 393 -5.02 8.38 4.17
CA ARG B 393 -4.04 9.22 4.84
C ARG B 393 -2.74 9.29 4.05
N MET B 394 -2.36 8.18 3.39
CA MET B 394 -1.14 8.18 2.58
C MET B 394 -1.25 9.13 1.40
N GLU B 395 -2.32 8.99 0.61
CA GLU B 395 -2.41 9.73 -0.63
C GLU B 395 -2.49 11.23 -0.38
N ASN B 396 -3.28 11.64 0.61
CA ASN B 396 -3.34 13.06 0.95
C ASN B 396 -1.98 13.55 1.45
N LEU B 397 -1.25 12.71 2.17
CA LEU B 397 0.10 13.06 2.58
C LEU B 397 1.02 13.21 1.38
N ASN B 398 0.90 12.31 0.40
CA ASN B 398 1.76 12.40 -0.78
C ASN B 398 1.29 13.49 -1.72
N LYS B 399 -0.02 13.72 -1.80
CA LYS B 399 -0.52 14.80 -2.63
C LYS B 399 -0.06 16.16 -2.10
N LYS B 400 0.00 16.29 -0.77
CA LYS B 400 0.51 17.51 -0.17
C LYS B 400 1.99 17.72 -0.52
N VAL B 401 2.78 16.64 -0.50
CA VAL B 401 4.20 16.75 -0.81
C VAL B 401 4.41 17.09 -2.29
N ASP B 402 3.68 16.39 -3.17
CA ASP B 402 3.92 16.54 -4.60
C ASP B 402 3.52 17.93 -5.09
N ASP B 403 2.40 18.46 -4.58
CA ASP B 403 1.95 19.78 -5.03
C ASP B 403 2.87 20.88 -4.53
N GLY B 404 3.40 20.74 -3.32
CA GLY B 404 4.28 21.76 -2.78
C GLY B 404 5.56 21.92 -3.59
N PHE B 405 6.19 20.80 -3.93
CA PHE B 405 7.48 20.87 -4.63
C PHE B 405 7.31 21.43 -6.03
N LEU B 406 6.17 21.19 -6.66
CA LEU B 406 5.96 21.68 -8.02
C LEU B 406 5.44 23.11 -8.05
N ASP B 407 5.05 23.67 -6.90
CA ASP B 407 4.59 25.04 -6.86
C ASP B 407 5.60 25.99 -6.25
N ILE B 408 6.42 25.52 -5.31
CA ILE B 408 7.53 26.33 -4.84
C ILE B 408 8.56 26.52 -5.95
N TRP B 409 8.78 25.47 -6.75
CA TRP B 409 9.82 25.52 -7.77
C TRP B 409 9.42 26.37 -8.96
N THR B 410 8.13 26.38 -9.33
CA THR B 410 7.71 27.25 -10.42
C THR B 410 7.76 28.72 -10.03
N TYR B 411 7.63 29.01 -8.74
CA TYR B 411 7.75 30.40 -8.29
C TYR B 411 9.19 30.87 -8.25
N ASN B 412 10.13 29.96 -7.95
CA ASN B 412 11.54 30.33 -7.98
C ASN B 412 11.98 30.73 -9.38
N ALA B 413 11.54 29.98 -10.39
CA ALA B 413 11.92 30.31 -11.77
C ALA B 413 11.16 31.55 -12.25
N GLU B 414 9.92 31.72 -11.83
CA GLU B 414 9.17 32.92 -12.21
C GLU B 414 9.80 34.17 -11.61
N LEU B 415 10.25 34.10 -10.36
CA LEU B 415 10.85 35.26 -9.72
C LEU B 415 12.20 35.60 -10.34
N LEU B 416 12.96 34.59 -10.75
CA LEU B 416 14.28 34.85 -11.32
C LEU B 416 14.16 35.66 -12.61
N VAL B 417 13.14 35.39 -13.41
CA VAL B 417 12.95 36.13 -14.66
C VAL B 417 12.75 37.61 -14.37
N LEU B 418 11.92 37.94 -13.38
CA LEU B 418 11.74 39.34 -13.00
C LEU B 418 13.05 39.95 -12.53
N LEU B 419 13.93 39.15 -11.94
CA LEU B 419 15.21 39.68 -11.46
C LEU B 419 16.26 39.62 -12.56
N GLU B 420 16.22 38.60 -13.41
CA GLU B 420 17.23 38.48 -14.47
C GLU B 420 16.99 39.49 -15.58
N ASN B 421 15.73 39.67 -15.99
CA ASN B 421 15.45 40.64 -17.05
C ASN B 421 15.70 42.07 -16.58
N GLU B 422 15.42 42.36 -15.31
CA GLU B 422 15.62 43.71 -14.79
C GLU B 422 17.09 44.11 -14.85
N ARG B 423 17.99 43.18 -14.51
CA ARG B 423 19.42 43.49 -14.55
C ARG B 423 19.89 43.76 -15.97
N THR B 424 19.34 43.05 -16.96
CA THR B 424 19.75 43.25 -18.34
C THR B 424 19.39 44.64 -18.86
N LEU B 425 18.43 45.32 -18.22
CA LEU B 425 18.04 46.65 -18.69
C LEU B 425 19.15 47.66 -18.44
N ASP B 426 19.50 47.88 -17.17
CA ASP B 426 20.57 48.82 -16.85
C ASP B 426 21.94 48.30 -17.24
N PHE B 427 22.06 47.01 -17.56
CA PHE B 427 23.35 46.48 -18.02
C PHE B 427 23.80 47.18 -19.30
N HIS B 428 22.85 47.49 -20.18
CA HIS B 428 23.15 48.27 -21.37
C HIS B 428 22.99 49.77 -21.14
N ASP B 429 22.04 50.17 -20.28
CA ASP B 429 21.85 51.59 -20.00
C ASP B 429 23.09 52.19 -19.36
N SER B 430 23.71 51.48 -18.42
CA SER B 430 24.96 51.95 -17.83
C SER B 430 26.07 52.00 -18.86
N ASN B 431 26.06 51.09 -19.83
CA ASN B 431 27.02 51.18 -20.93
C ASN B 431 26.83 52.46 -21.72
N VAL B 432 25.57 52.85 -21.95
CA VAL B 432 25.29 54.13 -22.61
C VAL B 432 25.80 55.28 -21.75
N LYS B 433 25.55 55.23 -20.44
CA LYS B 433 26.12 56.23 -19.55
C LYS B 433 27.64 56.14 -19.54
N ASN B 434 28.19 54.92 -19.55
CA ASN B 434 29.63 54.76 -19.73
C ASN B 434 30.06 55.28 -21.10
N LEU B 435 29.25 55.04 -22.13
CA LEU B 435 29.48 55.67 -23.41
C LEU B 435 29.31 57.18 -23.32
N TYR B 436 28.34 57.63 -22.52
CA TYR B 436 28.14 59.07 -22.32
C TYR B 436 29.37 59.71 -21.68
N GLU B 437 29.94 59.05 -20.67
CA GLU B 437 31.20 59.53 -20.09
C GLU B 437 32.32 59.47 -21.11
N LYS B 438 32.35 58.41 -21.91
CA LYS B 438 33.35 58.26 -22.96
C LYS B 438 32.91 58.98 -24.23
N ASN C 23 13.23 49.25 10.87
CA ASN C 23 12.31 50.15 11.56
C ASN C 23 12.29 51.53 10.90
N VAL C 24 12.40 51.54 9.57
CA VAL C 24 12.41 52.79 8.83
C VAL C 24 11.03 53.42 8.87
N THR C 25 10.97 54.73 9.13
CA THR C 25 9.70 55.44 9.12
C THR C 25 9.16 55.53 7.70
N VAL C 26 7.85 55.34 7.57
CA VAL C 26 7.19 55.32 6.26
C VAL C 26 6.01 56.29 6.29
N THR C 27 5.74 56.89 5.13
CA THR C 27 4.68 57.88 5.04
C THR C 27 3.30 57.22 5.04
N HIS C 28 3.01 56.41 4.03
CA HIS C 28 1.73 55.72 3.90
C HIS C 28 1.99 54.23 3.79
N SER C 29 1.44 53.46 4.73
CA SER C 29 1.69 52.03 4.80
C SER C 29 0.39 51.26 4.68
N VAL C 30 0.48 50.07 4.10
CA VAL C 30 -0.63 49.14 4.01
C VAL C 30 -0.17 47.83 4.61
N ASN C 31 -0.82 47.41 5.69
CA ASN C 31 -0.41 46.23 6.43
C ASN C 31 -1.13 45.01 5.86
N LEU C 32 -0.37 44.09 5.28
CA LEU C 32 -0.98 42.90 4.69
C LEU C 32 -1.47 41.93 5.76
N LEU C 33 -0.64 41.67 6.77
CA LEU C 33 -1.01 40.71 7.80
C LEU C 33 -2.16 41.24 8.65
N GLU C 34 -2.99 40.33 9.12
CA GLU C 34 -4.12 40.66 9.97
C GLU C 34 -4.25 39.64 11.08
N ASP C 35 -4.59 40.12 12.28
CA ASP C 35 -4.71 39.26 13.46
C ASP C 35 -5.97 39.60 14.22
N SER C 36 -7.09 39.67 13.50
CA SER C 36 -8.39 39.94 14.10
C SER C 36 -9.33 38.78 13.81
N HIS C 37 -9.91 38.21 14.88
CA HIS C 37 -10.88 37.14 14.76
C HIS C 37 -12.01 37.38 15.74
N ASN C 38 -13.24 37.06 15.32
CA ASN C 38 -14.40 37.32 16.17
C ASN C 38 -14.34 36.53 17.47
N GLY C 39 -13.77 35.33 17.44
CA GLY C 39 -13.73 34.49 18.62
C GLY C 39 -14.98 33.70 18.89
N LYS C 40 -15.96 33.74 18.00
CA LYS C 40 -17.21 33.01 18.16
C LYS C 40 -17.46 32.17 16.92
N LEU C 41 -18.08 31.01 17.12
CA LEU C 41 -18.40 30.13 16.01
C LEU C 41 -19.61 30.66 15.25
N CYS C 42 -19.41 30.97 13.96
CA CYS C 42 -20.42 31.62 13.15
C CYS C 42 -20.87 30.70 12.02
N LEU C 43 -21.89 31.16 11.30
CA LEU C 43 -22.37 30.44 10.14
C LEU C 43 -21.41 30.61 8.96
N LEU C 44 -21.43 29.64 8.06
CA LEU C 44 -20.56 29.64 6.88
C LEU C 44 -21.46 29.82 5.65
N LYS C 45 -21.70 31.09 5.30
CA LYS C 45 -22.50 31.44 4.12
C LYS C 45 -23.93 30.92 4.22
N GLY C 46 -24.47 30.83 5.44
CA GLY C 46 -25.87 30.52 5.62
C GLY C 46 -26.22 29.07 5.92
N ILE C 47 -25.24 28.21 6.19
CA ILE C 47 -25.50 26.82 6.55
C ILE C 47 -24.83 26.53 7.88
N ALA C 48 -25.60 25.99 8.83
CA ALA C 48 -25.09 25.72 10.16
C ALA C 48 -24.15 24.52 10.14
N PRO C 49 -23.19 24.47 11.07
CA PRO C 49 -22.28 23.33 11.15
C PRO C 49 -22.94 22.20 11.95
N LEU C 50 -22.17 21.13 12.16
CA LEU C 50 -22.59 20.02 13.00
C LEU C 50 -21.96 20.20 14.37
N GLN C 51 -22.73 20.69 15.33
CA GLN C 51 -22.24 20.93 16.68
C GLN C 51 -22.25 19.61 17.42
N LEU C 52 -21.12 18.90 17.37
CA LEU C 52 -21.02 17.62 18.06
C LEU C 52 -21.18 17.79 19.56
N GLY C 53 -20.57 18.84 20.12
CA GLY C 53 -20.69 19.08 21.54
C GLY C 53 -19.84 18.14 22.38
N ASN C 54 -20.48 17.31 23.18
CA ASN C 54 -19.78 16.42 24.10
C ASN C 54 -19.49 15.05 23.52
N CYS C 55 -19.78 14.83 22.24
CA CYS C 55 -19.62 13.52 21.63
C CYS C 55 -18.49 13.53 20.61
N SER C 56 -17.65 12.51 20.66
CA SER C 56 -16.64 12.33 19.64
C SER C 56 -17.26 11.75 18.38
N VAL C 57 -16.49 11.74 17.29
CA VAL C 57 -16.98 11.17 16.04
C VAL C 57 -17.33 9.69 16.24
N ALA C 58 -16.52 8.97 17.01
CA ALA C 58 -16.81 7.57 17.30
C ALA C 58 -18.04 7.40 18.15
N GLY C 59 -18.54 8.45 18.79
CA GLY C 59 -19.73 8.35 19.61
C GLY C 59 -20.97 8.84 18.89
N TRP C 60 -20.80 9.75 17.94
CA TRP C 60 -21.93 10.21 17.16
C TRP C 60 -22.41 9.12 16.19
N ILE C 61 -21.46 8.47 15.50
CA ILE C 61 -21.82 7.49 14.47
C ILE C 61 -22.54 6.31 15.09
N LEU C 62 -22.01 5.79 16.20
CA LEU C 62 -22.61 4.63 16.84
C LEU C 62 -23.83 4.97 17.68
N GLY C 63 -24.30 6.21 17.66
CA GLY C 63 -25.50 6.56 18.37
C GLY C 63 -25.36 6.44 19.88
N ASN C 64 -24.54 7.30 20.48
CA ASN C 64 -24.43 7.33 21.93
C ASN C 64 -25.76 7.74 22.53
N PRO C 65 -26.21 7.09 23.60
CA PRO C 65 -27.49 7.47 24.21
C PRO C 65 -27.55 8.92 24.66
N GLU C 66 -26.43 9.50 25.06
CA GLU C 66 -26.38 10.90 25.45
C GLU C 66 -25.94 11.81 24.30
N CYS C 67 -26.26 11.45 23.07
CA CYS C 67 -26.00 12.27 21.90
C CYS C 67 -27.20 12.25 20.97
N GLU C 68 -28.40 12.27 21.53
CA GLU C 68 -29.62 12.09 20.77
C GLU C 68 -30.09 13.37 20.08
N LEU C 69 -29.39 14.48 20.25
CA LEU C 69 -29.77 15.73 19.61
C LEU C 69 -29.16 15.90 18.23
N LEU C 70 -28.38 14.92 17.76
CA LEU C 70 -27.75 14.98 16.45
C LEU C 70 -28.28 13.92 15.50
N ILE C 71 -29.41 13.30 15.82
CA ILE C 71 -29.97 12.28 14.94
C ILE C 71 -30.49 12.91 13.65
N SER C 72 -31.19 14.04 13.77
CA SER C 72 -31.93 14.61 12.65
C SER C 72 -31.13 15.63 11.85
N LYS C 73 -29.89 15.92 12.22
CA LYS C 73 -29.09 16.94 11.53
C LYS C 73 -28.34 16.26 10.38
N GLU C 74 -29.04 16.10 9.26
CA GLU C 74 -28.50 15.44 8.08
C GLU C 74 -27.98 16.43 7.05
N SER C 75 -27.50 17.59 7.49
CA SER C 75 -26.89 18.56 6.60
C SER C 75 -26.01 19.47 7.42
N TRP C 76 -24.82 19.77 6.91
CA TRP C 76 -23.85 20.56 7.66
C TRP C 76 -22.85 21.17 6.69
N SER C 77 -22.09 22.13 7.21
CA SER C 77 -20.99 22.75 6.48
C SER C 77 -19.62 22.28 6.98
N TYR C 78 -19.35 22.41 8.27
CA TYR C 78 -18.13 21.88 8.86
C TYR C 78 -18.48 21.21 10.18
N ILE C 79 -17.49 20.55 10.77
CA ILE C 79 -17.68 19.74 11.97
C ILE C 79 -16.86 20.34 13.10
N VAL C 80 -17.48 20.51 14.25
CA VAL C 80 -16.83 21.03 15.44
C VAL C 80 -16.72 19.91 16.47
N GLU C 81 -15.78 20.07 17.40
CA GLU C 81 -15.55 19.07 18.43
C GLU C 81 -14.75 19.71 19.55
N THR C 82 -15.17 19.44 20.79
CA THR C 82 -14.45 19.97 21.93
C THR C 82 -13.12 19.25 22.11
N PRO C 83 -12.11 19.93 22.66
CA PRO C 83 -10.75 19.35 22.69
C PRO C 83 -10.66 18.04 23.44
N ASN C 84 -11.47 17.85 24.48
CA ASN C 84 -11.48 16.61 25.26
C ASN C 84 -12.91 16.12 25.27
N PRO C 85 -13.33 15.42 24.21
CA PRO C 85 -14.70 14.89 24.17
C PRO C 85 -14.92 13.91 25.31
N GLU C 86 -15.93 14.19 26.13
CA GLU C 86 -16.07 13.48 27.38
C GLU C 86 -16.37 12.00 27.17
N ASN C 87 -17.31 11.67 26.30
CA ASN C 87 -17.87 10.33 26.31
C ASN C 87 -18.18 9.85 24.90
N GLY C 88 -17.48 8.79 24.49
CA GLY C 88 -17.63 8.26 23.15
C GLY C 88 -18.19 6.86 23.16
N THR C 89 -17.32 5.87 23.02
CA THR C 89 -17.74 4.47 23.06
C THR C 89 -18.11 4.10 24.49
N CYS C 90 -19.40 4.00 24.76
CA CYS C 90 -19.86 3.70 26.11
C CYS C 90 -19.37 2.34 26.58
N TYR C 91 -19.46 1.32 25.74
CA TYR C 91 -18.93 0.01 26.06
C TYR C 91 -17.45 -0.06 25.68
N PRO C 92 -16.56 -0.40 26.60
CA PRO C 92 -15.12 -0.31 26.30
C PRO C 92 -14.73 -1.23 25.15
N GLY C 93 -13.77 -0.77 24.36
CA GLY C 93 -13.34 -1.56 23.22
C GLY C 93 -12.30 -0.82 22.41
N TYR C 94 -12.01 -1.36 21.22
CA TYR C 94 -10.99 -0.83 20.33
C TYR C 94 -11.58 -0.65 18.94
N PHE C 95 -11.72 0.60 18.52
CA PHE C 95 -12.29 0.92 17.22
C PHE C 95 -11.25 0.68 16.13
N ALA C 96 -11.50 -0.29 15.26
CA ALA C 96 -10.53 -0.68 14.26
C ALA C 96 -10.49 0.34 13.12
N ASP C 97 -9.28 0.79 12.79
CA ASP C 97 -9.06 1.78 11.73
C ASP C 97 -9.89 3.03 11.96
N TYR C 98 -9.88 3.50 13.21
CA TYR C 98 -10.64 4.69 13.57
C TYR C 98 -10.14 5.90 12.79
N GLU C 99 -8.83 6.09 12.74
CA GLU C 99 -8.29 7.32 12.17
C GLU C 99 -8.58 7.45 10.68
N GLU C 100 -8.81 6.32 9.99
CA GLU C 100 -9.19 6.40 8.59
C GLU C 100 -10.65 6.79 8.41
N LEU C 101 -11.52 6.41 9.35
CA LEU C 101 -12.92 6.77 9.23
C LEU C 101 -13.11 8.27 9.30
N ARG C 102 -12.32 8.96 10.12
CA ARG C 102 -12.43 10.41 10.20
C ARG C 102 -12.11 11.05 8.84
N GLU C 103 -11.10 10.53 8.14
CA GLU C 103 -10.74 11.10 6.85
C GLU C 103 -11.86 10.94 5.83
N GLN C 104 -12.50 9.76 5.82
CA GLN C 104 -13.60 9.54 4.88
C GLN C 104 -14.78 10.45 5.19
N LEU C 105 -15.07 10.65 6.47
CA LEU C 105 -16.18 11.51 6.88
C LEU C 105 -15.80 12.98 6.92
N SER C 106 -14.54 13.33 6.65
CA SER C 106 -14.11 14.71 6.68
C SER C 106 -14.48 15.48 5.42
N SER C 107 -15.05 14.81 4.41
CA SER C 107 -15.43 15.48 3.17
C SER C 107 -16.84 15.13 2.72
N VAL C 108 -17.62 14.46 3.56
CA VAL C 108 -18.99 14.12 3.21
C VAL C 108 -19.85 15.37 3.25
N SER C 109 -20.62 15.59 2.19
CA SER C 109 -21.49 16.76 2.13
C SER C 109 -22.67 16.62 3.08
N SER C 110 -23.48 15.58 2.88
CA SER C 110 -24.62 15.31 3.74
C SER C 110 -25.11 13.90 3.47
N PHE C 111 -25.18 13.07 4.52
CA PHE C 111 -25.63 11.71 4.35
C PHE C 111 -27.13 11.60 4.60
N GLU C 112 -27.62 10.37 4.61
CA GLU C 112 -29.03 10.08 4.84
C GLU C 112 -29.13 8.79 5.62
N ARG C 113 -29.63 8.87 6.85
CA ARG C 113 -29.70 7.73 7.74
C ARG C 113 -30.95 6.92 7.44
N PHE C 114 -30.78 5.67 7.01
CA PHE C 114 -31.90 4.80 6.69
C PHE C 114 -31.74 3.47 7.41
N GLU C 115 -32.87 2.86 7.75
CA GLU C 115 -32.88 1.61 8.52
C GLU C 115 -32.58 0.46 7.58
N ILE C 116 -31.32 0.03 7.55
CA ILE C 116 -30.90 -1.01 6.61
C ILE C 116 -31.54 -2.34 6.98
N PHE C 117 -31.56 -2.68 8.27
CA PHE C 117 -32.24 -3.88 8.75
C PHE C 117 -33.31 -3.44 9.75
N PRO C 118 -34.58 -3.41 9.37
CA PRO C 118 -35.61 -3.02 10.34
C PRO C 118 -35.62 -3.94 11.55
N LYS C 119 -35.83 -3.35 12.72
CA LYS C 119 -35.77 -4.14 13.94
C LYS C 119 -36.93 -5.12 14.05
N GLU C 120 -38.12 -4.72 13.61
CA GLU C 120 -39.32 -5.52 13.85
C GLU C 120 -39.26 -6.87 13.16
N SER C 121 -38.77 -6.91 11.92
CA SER C 121 -38.91 -8.10 11.09
C SER C 121 -37.63 -8.76 10.64
N SER C 122 -36.48 -8.07 10.71
CA SER C 122 -35.24 -8.65 10.20
C SER C 122 -34.83 -9.88 10.99
N TRP C 123 -34.93 -9.83 12.32
CA TRP C 123 -34.48 -10.91 13.20
C TRP C 123 -35.66 -11.44 14.00
N PRO C 124 -36.30 -12.52 13.55
CA PRO C 124 -37.45 -13.05 14.30
C PRO C 124 -37.11 -14.13 15.30
N ASN C 125 -35.94 -14.78 15.18
CA ASN C 125 -35.55 -15.80 16.15
C ASN C 125 -34.47 -15.34 17.13
N HIS C 126 -34.26 -14.03 17.29
CA HIS C 126 -33.21 -13.58 18.20
C HIS C 126 -33.73 -12.52 19.15
N THR C 127 -33.21 -12.52 20.37
CA THR C 127 -33.54 -11.48 21.34
C THR C 127 -32.84 -10.19 20.94
N VAL C 128 -33.57 -9.08 21.02
CA VAL C 128 -33.08 -7.82 20.49
C VAL C 128 -33.18 -6.72 21.54
N THR C 129 -33.43 -7.13 22.79
CA THR C 129 -33.63 -6.18 23.89
C THR C 129 -32.47 -6.20 24.88
N GLY C 130 -31.28 -6.61 24.45
CA GLY C 130 -30.14 -6.61 25.34
C GLY C 130 -29.65 -5.20 25.64
N VAL C 131 -29.38 -4.93 26.91
CA VAL C 131 -28.91 -3.62 27.35
C VAL C 131 -27.73 -3.82 28.29
N SER C 132 -26.96 -2.74 28.45
CA SER C 132 -25.79 -2.74 29.32
C SER C 132 -25.87 -1.58 30.29
N ALA C 133 -25.27 -1.75 31.46
CA ALA C 133 -25.32 -0.74 32.51
C ALA C 133 -24.23 0.31 32.40
N SER C 134 -23.34 0.19 31.42
CA SER C 134 -22.26 1.16 31.25
C SER C 134 -22.62 2.29 30.30
N CYS C 135 -23.80 2.25 29.71
CA CYS C 135 -24.25 3.32 28.82
C CYS C 135 -25.56 3.92 29.35
N SER C 136 -25.59 4.20 30.66
CA SER C 136 -26.83 4.59 31.30
C SER C 136 -27.38 5.88 30.70
N HIS C 137 -28.71 5.95 30.59
CA HIS C 137 -29.40 7.12 30.07
C HIS C 137 -30.52 7.48 31.01
N ASN C 138 -30.44 8.67 31.63
CA ASN C 138 -31.44 9.14 32.58
C ASN C 138 -31.64 8.14 33.71
N GLY C 139 -30.55 7.50 34.13
CA GLY C 139 -30.59 6.53 35.21
C GLY C 139 -31.02 5.14 34.79
N LYS C 140 -31.40 4.93 33.54
CA LYS C 140 -31.83 3.64 33.04
C LYS C 140 -30.79 3.09 32.07
N SER C 141 -30.42 1.83 32.24
CA SER C 141 -29.43 1.22 31.36
C SER C 141 -29.97 1.12 29.95
N SER C 142 -29.14 1.49 28.98
CA SER C 142 -29.54 1.46 27.58
C SER C 142 -28.35 0.96 26.75
N PHE C 143 -28.46 1.09 25.44
CA PHE C 143 -27.42 0.64 24.52
C PHE C 143 -27.31 1.68 23.40
N TYR C 144 -26.52 1.36 22.39
CA TYR C 144 -26.39 2.26 21.25
C TYR C 144 -27.72 2.38 20.51
N ARG C 145 -27.77 3.35 19.60
CA ARG C 145 -28.96 3.60 18.80
C ARG C 145 -28.81 3.16 17.35
N ASN C 146 -27.62 2.75 16.93
CA ASN C 146 -27.38 2.31 15.57
C ASN C 146 -26.93 0.86 15.47
N LEU C 147 -26.78 0.17 16.58
CA LEU C 147 -26.41 -1.24 16.59
C LEU C 147 -27.51 -2.03 17.31
N LEU C 148 -27.30 -3.34 17.41
CA LEU C 148 -28.30 -4.21 18.02
C LEU C 148 -27.61 -5.46 18.55
N TRP C 149 -27.48 -5.56 19.87
CA TRP C 149 -26.83 -6.69 20.51
C TRP C 149 -27.75 -7.90 20.39
N LEU C 150 -27.46 -8.78 19.43
CA LEU C 150 -28.23 -10.00 19.25
C LEU C 150 -27.89 -10.99 20.34
N THR C 151 -28.90 -11.72 20.80
CA THR C 151 -28.72 -12.75 21.83
C THR C 151 -29.73 -13.86 21.56
N GLY C 152 -29.32 -15.09 21.83
CA GLY C 152 -30.18 -16.22 21.53
C GLY C 152 -31.48 -16.17 22.32
N LYS C 153 -32.53 -16.71 21.70
CA LYS C 153 -33.83 -16.85 22.34
C LYS C 153 -34.14 -18.33 22.53
N ASN C 154 -34.74 -18.66 23.67
CA ASN C 154 -35.10 -20.04 24.01
C ASN C 154 -33.85 -20.92 24.12
N GLY C 155 -32.71 -20.32 24.46
CA GLY C 155 -31.48 -21.05 24.61
C GLY C 155 -30.79 -21.44 23.31
N LEU C 156 -31.32 -21.01 22.17
CA LEU C 156 -30.78 -21.36 20.87
C LEU C 156 -30.28 -20.12 20.16
N TYR C 157 -29.21 -20.29 19.39
CA TYR C 157 -28.65 -19.23 18.55
C TYR C 157 -28.47 -19.81 17.14
N PRO C 158 -29.54 -19.81 16.34
CA PRO C 158 -29.41 -20.31 14.97
C PRO C 158 -28.48 -19.44 14.14
N ASN C 159 -27.90 -20.04 13.11
CA ASN C 159 -27.04 -19.31 12.19
C ASN C 159 -27.83 -18.14 11.61
N LEU C 160 -27.21 -16.98 11.50
CA LEU C 160 -27.84 -15.88 10.81
C LEU C 160 -27.10 -15.62 9.51
N SER C 161 -27.85 -15.29 8.46
CA SER C 161 -27.28 -15.06 7.14
C SER C 161 -28.11 -13.98 6.45
N LYS C 162 -27.64 -12.74 6.54
CA LYS C 162 -28.31 -11.61 5.92
C LYS C 162 -27.59 -11.23 4.63
N SER C 163 -28.12 -10.20 3.98
CA SER C 163 -27.53 -9.68 2.75
C SER C 163 -28.12 -8.31 2.46
N TYR C 164 -27.43 -7.56 1.60
CA TYR C 164 -27.92 -6.23 1.23
C TYR C 164 -27.30 -5.85 -0.10
N ALA C 165 -28.14 -5.62 -1.11
CA ALA C 165 -27.69 -5.25 -2.44
C ALA C 165 -28.03 -3.79 -2.68
N ASN C 166 -27.00 -2.96 -2.79
CA ASN C 166 -27.17 -1.52 -2.96
C ASN C 166 -27.33 -1.21 -4.44
N ASN C 167 -28.47 -0.64 -4.81
CA ASN C 167 -28.83 -0.47 -6.22
C ASN C 167 -29.43 0.89 -6.49
N LYS C 168 -28.81 1.96 -5.96
CA LYS C 168 -29.28 3.29 -6.29
C LYS C 168 -28.13 4.27 -6.49
N GLU C 169 -26.97 3.78 -6.90
CA GLU C 169 -25.82 4.61 -7.27
C GLU C 169 -25.45 5.58 -6.15
N LYS C 170 -25.33 5.06 -4.93
CA LYS C 170 -24.88 5.83 -3.79
C LYS C 170 -24.16 4.90 -2.83
N GLU C 171 -23.02 5.37 -2.32
CA GLU C 171 -22.24 4.56 -1.39
C GLU C 171 -23.02 4.37 -0.09
N VAL C 172 -22.74 3.25 0.57
CA VAL C 172 -23.39 2.92 1.84
C VAL C 172 -22.30 2.58 2.84
N LEU C 173 -22.34 3.23 4.00
CA LEU C 173 -21.39 2.99 5.08
C LEU C 173 -22.04 2.06 6.10
N VAL C 174 -21.40 0.92 6.36
CA VAL C 174 -21.95 -0.12 7.23
C VAL C 174 -21.04 -0.25 8.44
N LEU C 175 -21.64 -0.41 9.62
CA LEU C 175 -20.90 -0.60 10.86
C LEU C 175 -21.44 -1.81 11.60
N TRP C 176 -20.54 -2.58 12.19
CA TRP C 176 -20.94 -3.71 13.02
C TRP C 176 -19.90 -3.86 14.13
N GLY C 177 -20.07 -4.89 14.94
CA GLY C 177 -19.17 -5.13 16.05
C GLY C 177 -19.06 -6.59 16.39
N VAL C 178 -18.02 -6.92 17.14
CA VAL C 178 -17.80 -8.26 17.68
C VAL C 178 -17.55 -8.12 19.18
N HIS C 179 -18.07 -9.07 19.94
CA HIS C 179 -18.07 -8.99 21.40
C HIS C 179 -17.11 -10.03 21.97
N HIS C 180 -16.24 -9.60 22.88
CA HIS C 180 -15.34 -10.50 23.58
C HIS C 180 -15.76 -10.58 25.04
N PRO C 181 -16.46 -11.62 25.47
CA PRO C 181 -16.97 -11.67 26.83
C PRO C 181 -15.83 -11.76 27.83
N PRO C 182 -16.10 -11.52 29.12
CA PRO C 182 -15.00 -11.49 30.08
C PRO C 182 -14.41 -12.85 30.37
N ASN C 183 -15.24 -13.88 30.54
CA ASN C 183 -14.75 -15.22 30.85
C ASN C 183 -15.63 -16.25 30.15
N ILE C 184 -15.31 -17.52 30.36
CA ILE C 184 -16.02 -18.60 29.67
C ILE C 184 -17.45 -18.72 30.18
N GLY C 185 -17.68 -18.43 31.46
CA GLY C 185 -19.02 -18.58 32.01
C GLY C 185 -20.05 -17.71 31.32
N ASP C 186 -19.67 -16.47 31.00
CA ASP C 186 -20.62 -15.56 30.39
C ASP C 186 -20.86 -15.89 28.92
N GLN C 187 -19.87 -16.47 28.24
CA GLN C 187 -20.04 -16.78 26.82
C GLN C 187 -21.05 -17.90 26.62
N ARG C 188 -20.92 -18.99 27.39
CA ARG C 188 -21.84 -20.12 27.24
C ARG C 188 -23.24 -19.78 27.72
N ALA C 189 -23.42 -18.67 28.43
CA ALA C 189 -24.73 -18.26 28.92
C ALA C 189 -25.44 -17.31 27.97
N LEU C 190 -24.78 -16.88 26.89
CA LEU C 190 -25.37 -15.96 25.92
C LEU C 190 -25.56 -16.60 24.55
N TYR C 191 -24.48 -17.12 23.96
CA TYR C 191 -24.53 -17.67 22.61
C TYR C 191 -24.56 -19.19 22.58
N HIS C 192 -24.42 -19.84 23.73
CA HIS C 192 -24.50 -21.30 23.84
C HIS C 192 -23.51 -21.99 22.90
N THR C 193 -22.28 -21.50 22.88
CA THR C 193 -21.22 -22.10 22.09
C THR C 193 -19.89 -21.67 22.69
N GLU C 194 -18.82 -22.31 22.25
CA GLU C 194 -17.48 -22.00 22.76
C GLU C 194 -16.55 -21.40 21.72
N ASN C 195 -16.54 -21.93 20.51
CA ASN C 195 -15.71 -21.41 19.43
C ASN C 195 -16.61 -20.76 18.38
N ALA C 196 -16.94 -19.50 18.59
CA ALA C 196 -17.78 -18.76 17.67
C ALA C 196 -16.92 -18.06 16.62
N TYR C 197 -17.59 -17.56 15.58
CA TYR C 197 -16.90 -16.86 14.52
C TYR C 197 -17.87 -15.90 13.84
N VAL C 198 -17.31 -14.88 13.22
CA VAL C 198 -18.06 -13.93 12.41
C VAL C 198 -17.32 -13.74 11.10
N SER C 199 -18.04 -13.85 9.99
CA SER C 199 -17.45 -13.74 8.66
C SER C 199 -18.26 -12.76 7.83
N VAL C 200 -17.71 -11.59 7.59
CA VAL C 200 -18.34 -10.57 6.75
C VAL C 200 -17.68 -10.62 5.39
N VAL C 201 -18.48 -10.83 4.35
CA VAL C 201 -18.00 -11.10 3.02
C VAL C 201 -18.67 -10.15 2.04
N SER C 202 -17.89 -9.56 1.15
CA SER C 202 -18.41 -8.75 0.05
C SER C 202 -17.73 -9.18 -1.24
N SER C 203 -18.02 -8.45 -2.32
CA SER C 203 -17.43 -8.80 -3.61
C SER C 203 -15.98 -8.36 -3.74
N HIS C 204 -15.52 -7.45 -2.88
CA HIS C 204 -14.13 -7.02 -2.90
C HIS C 204 -13.58 -6.83 -1.50
N TYR C 205 -14.06 -7.61 -0.54
CA TYR C 205 -13.65 -7.49 0.85
C TYR C 205 -14.05 -8.76 1.57
N SER C 206 -13.10 -9.43 2.21
CA SER C 206 -13.38 -10.66 2.92
C SER C 206 -12.57 -10.69 4.21
N ARG C 207 -13.22 -11.11 5.30
CA ARG C 207 -12.56 -11.20 6.60
C ARG C 207 -13.26 -12.25 7.44
N LYS C 208 -12.59 -12.66 8.50
CA LYS C 208 -13.17 -13.60 9.46
C LYS C 208 -12.60 -13.30 10.84
N PHE C 209 -13.48 -13.15 11.83
CA PHE C 209 -13.08 -12.80 13.17
C PHE C 209 -13.35 -13.94 14.13
N THR C 210 -12.71 -13.88 15.30
CA THR C 210 -12.88 -14.86 16.36
C THR C 210 -12.84 -14.15 17.70
N PRO C 211 -13.52 -14.68 18.71
CA PRO C 211 -13.47 -14.08 20.04
C PRO C 211 -12.17 -14.41 20.76
N GLU C 212 -11.87 -13.60 21.79
CA GLU C 212 -10.69 -13.76 22.63
C GLU C 212 -11.15 -13.65 24.09
N ILE C 213 -11.38 -14.79 24.72
CA ILE C 213 -11.91 -14.84 26.08
C ILE C 213 -10.74 -14.68 27.05
N ALA C 214 -10.59 -13.48 27.60
CA ALA C 214 -9.51 -13.18 28.52
C ALA C 214 -10.01 -12.21 29.59
N LYS C 215 -9.35 -12.22 30.73
CA LYS C 215 -9.72 -11.36 31.85
C LYS C 215 -8.87 -10.10 31.81
N ARG C 216 -9.52 -8.95 31.75
CA ARG C 216 -8.88 -7.65 31.65
C ARG C 216 -9.24 -6.80 32.84
N PRO C 217 -8.43 -5.80 33.17
CA PRO C 217 -8.76 -4.91 34.28
C PRO C 217 -10.04 -4.13 33.99
N LYS C 218 -10.47 -3.37 34.99
CA LYS C 218 -11.74 -2.65 34.92
C LYS C 218 -11.54 -1.29 34.27
N VAL C 219 -12.34 -1.01 33.24
CA VAL C 219 -12.45 0.31 32.64
C VAL C 219 -13.93 0.61 32.49
N ARG C 220 -14.39 1.73 33.06
CA ARG C 220 -15.80 2.08 33.11
C ARG C 220 -16.63 0.97 33.73
N ASP C 221 -16.08 0.34 34.78
CA ASP C 221 -16.76 -0.71 35.53
C ASP C 221 -17.20 -1.88 34.64
N GLN C 222 -16.33 -2.25 33.69
CA GLN C 222 -16.60 -3.35 32.78
C GLN C 222 -15.31 -4.08 32.47
N GLU C 223 -15.43 -5.37 32.21
CA GLU C 223 -14.27 -6.21 31.88
C GLU C 223 -14.25 -6.67 30.44
N GLY C 224 -15.39 -7.06 29.89
CA GLY C 224 -15.43 -7.47 28.50
C GLY C 224 -15.16 -6.31 27.56
N ARG C 225 -14.94 -6.66 26.29
CA ARG C 225 -14.60 -5.67 25.29
C ARG C 225 -15.45 -5.90 24.04
N ILE C 226 -15.57 -4.84 23.23
CA ILE C 226 -16.31 -4.89 21.98
C ILE C 226 -15.44 -4.24 20.91
N ASN C 227 -15.19 -4.97 19.82
CA ASN C 227 -14.39 -4.47 18.72
C ASN C 227 -15.31 -4.02 17.59
N TYR C 228 -15.16 -2.78 17.17
CA TYR C 228 -15.99 -2.22 16.10
C TYR C 228 -15.26 -2.32 14.77
N TYR C 229 -16.03 -2.27 13.68
CA TYR C 229 -15.48 -2.35 12.34
C TYR C 229 -16.38 -1.56 11.40
N TRP C 230 -15.90 -1.38 10.17
CA TRP C 230 -16.71 -0.67 9.17
C TRP C 230 -16.22 -1.02 7.78
N THR C 231 -17.09 -0.79 6.80
CA THR C 231 -16.73 -0.92 5.39
C THR C 231 -17.55 0.06 4.58
N LEU C 232 -17.07 0.38 3.39
CA LEU C 232 -17.70 1.37 2.51
C LEU C 232 -18.10 0.67 1.21
N LEU C 233 -19.40 0.44 1.04
CA LEU C 233 -19.90 -0.29 -0.10
C LEU C 233 -19.79 0.55 -1.37
N GLU C 234 -20.25 -0.03 -2.48
CA GLU C 234 -20.22 0.61 -3.78
C GLU C 234 -21.53 0.32 -4.49
N PRO C 235 -21.91 1.13 -5.48
CA PRO C 235 -23.13 0.85 -6.23
C PRO C 235 -23.07 -0.51 -6.90
N GLY C 236 -24.20 -1.21 -6.88
CA GLY C 236 -24.27 -2.53 -7.50
C GLY C 236 -23.58 -3.64 -6.75
N ASP C 237 -23.12 -3.38 -5.52
CA ASP C 237 -22.39 -4.37 -4.74
C ASP C 237 -23.31 -5.02 -3.71
N THR C 238 -22.79 -6.08 -3.09
CA THR C 238 -23.55 -6.84 -2.10
C THR C 238 -22.62 -7.18 -0.94
N ILE C 239 -23.18 -7.26 0.26
CA ILE C 239 -22.44 -7.64 1.46
C ILE C 239 -23.25 -8.68 2.21
N ILE C 240 -22.58 -9.75 2.62
CA ILE C 240 -23.23 -10.90 3.26
C ILE C 240 -22.69 -11.03 4.68
N PHE C 241 -23.60 -11.09 5.64
CA PHE C 241 -23.26 -11.26 7.06
C PHE C 241 -23.51 -12.70 7.45
N GLU C 242 -22.51 -13.31 8.10
CA GLU C 242 -22.66 -14.67 8.60
C GLU C 242 -21.99 -14.76 9.95
N ALA C 243 -22.67 -15.36 10.92
CA ALA C 243 -22.12 -15.51 12.27
C ALA C 243 -23.03 -16.44 13.05
N ASN C 244 -22.42 -17.26 13.89
CA ASN C 244 -23.15 -18.11 14.84
C ASN C 244 -22.84 -17.75 16.28
N GLY C 245 -22.32 -16.54 16.51
CA GLY C 245 -22.03 -16.06 17.85
C GLY C 245 -21.29 -14.75 17.85
N ASN C 246 -21.32 -14.05 18.98
CA ASN C 246 -20.58 -12.81 19.18
C ASN C 246 -20.79 -11.84 18.03
N LEU C 247 -22.03 -11.42 17.84
CA LEU C 247 -22.36 -10.47 16.79
C LEU C 247 -23.14 -9.30 17.37
N ILE C 248 -22.82 -8.11 16.90
CA ILE C 248 -23.57 -6.90 17.22
C ILE C 248 -24.05 -6.36 15.87
N ALA C 249 -25.24 -6.79 15.45
CA ALA C 249 -25.68 -6.56 14.09
C ALA C 249 -26.01 -5.09 13.86
N PRO C 250 -25.89 -4.61 12.63
CA PRO C 250 -26.29 -3.24 12.33
C PRO C 250 -27.80 -3.07 12.37
N ARG C 251 -28.22 -1.84 12.59
CA ARG C 251 -29.64 -1.50 12.55
C ARG C 251 -29.86 -0.29 11.64
N TYR C 252 -28.83 0.54 11.51
CA TYR C 252 -28.88 1.70 10.63
C TYR C 252 -27.61 1.77 9.82
N ALA C 253 -27.72 2.31 8.62
CA ALA C 253 -26.58 2.57 7.73
C ALA C 253 -26.60 4.03 7.34
N PHE C 254 -25.70 4.41 6.44
CA PHE C 254 -25.57 5.80 6.02
C PHE C 254 -25.31 5.85 4.53
N ALA C 255 -26.24 6.45 3.78
CA ALA C 255 -26.08 6.60 2.34
C ALA C 255 -25.32 7.90 2.08
N LEU C 256 -24.00 7.79 1.90
CA LEU C 256 -23.14 8.95 1.82
C LEU C 256 -23.29 9.66 0.47
N SER C 257 -22.87 10.92 0.45
CA SER C 257 -22.87 11.75 -0.75
C SER C 257 -21.68 12.70 -0.63
N ARG C 258 -20.56 12.32 -1.26
CA ARG C 258 -19.31 13.03 -1.04
C ARG C 258 -19.36 14.44 -1.60
N GLY C 259 -18.45 15.27 -1.11
CA GLY C 259 -18.38 16.65 -1.54
C GLY C 259 -17.01 17.22 -1.24
N PHE C 260 -16.86 18.52 -1.52
CA PHE C 260 -15.61 19.22 -1.28
C PHE C 260 -15.88 20.52 -0.53
N GLY C 261 -14.94 20.91 0.32
CA GLY C 261 -15.07 22.12 1.09
C GLY C 261 -15.65 21.91 2.47
N SER C 262 -15.14 20.91 3.19
CA SER C 262 -15.56 20.64 4.56
C SER C 262 -14.40 20.01 5.31
N GLY C 263 -14.46 20.11 6.63
CA GLY C 263 -13.37 19.60 7.44
C GLY C 263 -13.76 19.46 8.90
N ILE C 264 -12.86 18.84 9.65
CA ILE C 264 -13.02 18.61 11.08
C ILE C 264 -12.07 19.54 11.82
N ILE C 265 -12.59 20.24 12.83
CA ILE C 265 -11.79 21.12 13.66
C ILE C 265 -12.03 20.79 15.12
N THR C 266 -11.09 21.19 15.96
CA THR C 266 -11.19 21.05 17.41
C THR C 266 -11.17 22.44 18.01
N SER C 267 -12.22 22.80 18.74
CA SER C 267 -12.34 24.15 19.26
C SER C 267 -13.30 24.16 20.44
N ASN C 268 -13.41 25.31 21.09
CA ASN C 268 -14.28 25.49 22.23
C ASN C 268 -15.09 26.77 22.18
N ALA C 269 -14.98 27.56 21.13
CA ALA C 269 -15.66 28.85 21.07
C ALA C 269 -17.18 28.64 21.02
N PRO C 270 -17.94 29.55 21.61
CA PRO C 270 -19.40 29.43 21.57
C PRO C 270 -19.94 29.78 20.18
N MET C 271 -21.22 29.48 19.99
CA MET C 271 -21.88 29.72 18.72
C MET C 271 -22.58 31.07 18.71
N ASP C 272 -22.97 31.51 17.52
CA ASP C 272 -23.68 32.78 17.34
C ASP C 272 -24.48 32.68 16.04
N GLU C 273 -25.28 33.72 15.78
CA GLU C 273 -26.11 33.79 14.60
C GLU C 273 -25.50 34.66 13.51
N CYS C 274 -24.17 34.75 13.46
CA CYS C 274 -23.49 35.58 12.48
C CYS C 274 -23.49 34.89 11.12
N ASP C 275 -22.81 35.48 10.14
CA ASP C 275 -22.74 34.91 8.80
C ASP C 275 -21.44 35.39 8.17
N ALA C 276 -20.42 34.54 8.18
CA ALA C 276 -19.10 34.89 7.68
C ALA C 276 -18.80 34.10 6.41
N LYS C 277 -17.57 34.27 5.92
CA LYS C 277 -17.11 33.58 4.72
C LYS C 277 -16.05 32.52 4.99
N CYS C 278 -15.22 32.71 6.01
CA CYS C 278 -14.23 31.71 6.39
C CYS C 278 -14.24 31.58 7.91
N GLN C 279 -13.86 30.39 8.38
CA GLN C 279 -13.81 30.10 9.81
C GLN C 279 -12.48 29.45 10.16
N THR C 280 -11.98 29.76 11.34
CA THR C 280 -10.74 29.23 11.89
C THR C 280 -11.01 28.68 13.28
N PRO C 281 -10.16 27.79 13.79
CA PRO C 281 -10.43 27.18 15.10
C PRO C 281 -10.54 28.18 16.24
N GLN C 282 -10.06 29.41 16.07
CA GLN C 282 -10.14 30.43 17.09
C GLN C 282 -11.09 31.56 16.75
N GLY C 283 -11.73 31.54 15.59
CA GLY C 283 -12.66 32.60 15.23
C GLY C 283 -12.92 32.61 13.74
N ALA C 284 -13.46 33.74 13.27
CA ALA C 284 -13.77 33.94 11.86
C ALA C 284 -13.20 35.27 11.40
N ILE C 285 -12.89 35.34 10.10
CA ILE C 285 -12.22 36.50 9.50
C ILE C 285 -13.25 37.29 8.69
N ASN C 286 -13.26 38.59 8.89
CA ASN C 286 -14.19 39.51 8.22
C ASN C 286 -13.41 40.62 7.53
N SER C 287 -12.36 40.25 6.78
CA SER C 287 -11.53 41.23 6.11
C SER C 287 -11.06 40.67 4.77
N SER C 288 -10.32 41.49 4.03
CA SER C 288 -9.89 41.16 2.68
C SER C 288 -8.39 41.33 2.46
N LEU C 289 -7.62 41.55 3.52
CA LEU C 289 -6.17 41.62 3.37
C LEU C 289 -5.62 40.25 2.98
N PRO C 290 -4.58 40.22 2.14
CA PRO C 290 -4.10 38.92 1.63
C PRO C 290 -3.62 37.94 2.69
N PHE C 291 -3.10 38.42 3.82
CA PHE C 291 -2.44 37.53 4.77
C PHE C 291 -3.07 37.63 6.16
N GLN C 292 -3.02 36.51 6.88
CA GLN C 292 -3.54 36.43 8.23
C GLN C 292 -2.61 35.57 9.07
N ASN C 293 -2.75 35.69 10.40
CA ASN C 293 -1.88 34.96 11.32
C ASN C 293 -2.63 34.36 12.49
N VAL C 294 -3.95 34.24 12.40
CA VAL C 294 -4.72 33.71 13.53
C VAL C 294 -4.34 32.25 13.79
N HIS C 295 -4.35 31.43 12.74
CA HIS C 295 -4.05 30.01 12.88
C HIS C 295 -3.70 29.46 11.50
N PRO C 296 -2.80 28.48 11.43
CA PRO C 296 -2.49 27.88 10.12
C PRO C 296 -3.68 27.22 9.45
N VAL C 297 -4.58 26.60 10.22
CA VAL C 297 -5.72 25.88 9.67
C VAL C 297 -6.85 26.87 9.37
N THR C 298 -7.60 26.61 8.30
CA THR C 298 -8.76 27.42 7.97
C THR C 298 -9.71 26.60 7.11
N ILE C 299 -10.98 27.00 7.12
CA ILE C 299 -12.03 26.34 6.35
C ILE C 299 -12.79 27.41 5.58
N GLY C 300 -12.87 27.24 4.27
CA GLY C 300 -13.50 28.22 3.40
C GLY C 300 -12.50 29.16 2.77
N GLU C 301 -13.02 30.07 1.95
CA GLU C 301 -12.18 31.03 1.24
C GLU C 301 -11.79 32.16 2.19
N CYS C 302 -10.49 32.35 2.37
CA CYS C 302 -9.98 33.35 3.30
C CYS C 302 -8.50 33.58 3.01
N PRO C 303 -7.89 34.59 3.64
CA PRO C 303 -6.48 34.89 3.38
C PRO C 303 -5.55 33.71 3.66
N LYS C 304 -4.32 33.86 3.21
CA LYS C 304 -3.27 32.86 3.41
C LYS C 304 -2.70 33.00 4.82
N TYR C 305 -1.59 32.32 5.09
CA TYR C 305 -0.97 32.32 6.41
C TYR C 305 0.50 32.69 6.32
N VAL C 306 0.95 33.53 7.25
CA VAL C 306 2.35 33.92 7.37
C VAL C 306 2.72 33.89 8.84
N ARG C 307 3.87 33.28 9.16
CA ARG C 307 4.25 33.00 10.55
C ARG C 307 5.08 34.10 11.18
N SER C 308 4.88 35.34 10.76
CA SER C 308 5.60 36.49 11.30
C SER C 308 4.60 37.43 11.98
N ALA C 309 5.07 38.62 12.37
CA ALA C 309 4.26 39.55 13.10
C ALA C 309 4.25 40.97 12.55
N LYS C 310 4.94 41.24 11.45
CA LYS C 310 4.97 42.59 10.88
C LYS C 310 5.34 42.52 9.40
N LEU C 311 4.34 42.73 8.53
CA LEU C 311 4.54 42.87 7.10
C LEU C 311 3.86 44.15 6.63
N ARG C 312 4.53 44.89 5.74
CA ARG C 312 3.99 46.15 5.26
C ARG C 312 4.70 46.56 3.98
N MET C 313 3.93 46.94 2.97
CA MET C 313 4.45 47.46 1.72
C MET C 313 4.19 48.96 1.67
N VAL C 314 5.27 49.76 1.72
CA VAL C 314 5.14 51.20 1.78
C VAL C 314 4.45 51.70 0.50
N THR C 315 3.52 52.64 0.67
CA THR C 315 2.79 53.19 -0.46
C THR C 315 2.74 54.71 -0.40
N ILE C 365 0.79 46.16 -9.61
CA ILE C 365 1.80 46.64 -8.68
C ILE C 365 1.85 45.73 -7.46
N THR C 366 1.73 46.32 -6.27
CA THR C 366 1.75 45.53 -5.04
C THR C 366 0.57 44.58 -4.98
N ASN C 367 -0.62 45.04 -5.38
CA ASN C 367 -1.80 44.18 -5.34
C ASN C 367 -1.63 42.98 -6.27
N LYS C 368 -1.09 43.20 -7.47
CA LYS C 368 -0.83 42.08 -8.37
C LYS C 368 0.29 41.19 -7.85
N VAL C 369 1.28 41.78 -7.18
CA VAL C 369 2.40 41.00 -6.68
C VAL C 369 1.94 39.98 -5.65
N ASN C 370 1.10 40.41 -4.70
CA ASN C 370 0.63 39.50 -3.67
C ASN C 370 -0.23 38.38 -4.25
N SER C 371 -0.80 38.59 -5.44
CA SER C 371 -1.62 37.56 -6.06
C SER C 371 -0.80 36.34 -6.45
N VAL C 372 0.40 36.56 -6.99
CA VAL C 372 1.25 35.45 -7.42
C VAL C 372 1.64 34.59 -6.22
N ILE C 373 2.01 35.22 -5.10
CA ILE C 373 2.28 34.48 -3.88
C ILE C 373 1.04 33.70 -3.47
N GLU C 374 -0.13 34.34 -3.51
CA GLU C 374 -1.37 33.66 -3.13
C GLU C 374 -1.69 32.51 -4.10
N LYS C 375 -1.47 32.72 -5.39
CA LYS C 375 -1.87 31.71 -6.37
C LYS C 375 -1.12 30.40 -6.15
N MET C 376 0.19 30.47 -5.96
CA MET C 376 0.96 29.24 -5.74
C MET C 376 0.72 28.68 -4.35
N ASN C 377 0.36 29.53 -3.39
CA ASN C 377 0.09 29.10 -2.03
C ASN C 377 -1.27 28.42 -1.88
N THR C 378 -2.16 28.57 -2.86
CA THR C 378 -3.52 28.06 -2.75
C THR C 378 -3.59 26.58 -3.11
N GLN C 379 -2.80 25.78 -2.37
CA GLN C 379 -2.88 24.32 -2.48
C GLN C 379 -2.50 23.74 -1.11
N PHE C 380 -3.51 23.54 -0.27
CA PHE C 380 -3.32 22.96 1.06
C PHE C 380 -4.65 22.74 1.77
N THR C 381 -4.66 21.79 2.71
CA THR C 381 -5.71 21.67 3.70
C THR C 381 -5.20 21.74 5.12
N ALA C 382 -3.97 21.27 5.37
CA ALA C 382 -3.24 21.47 6.62
C ALA C 382 -3.92 20.82 7.81
N VAL C 383 -5.01 20.08 7.58
CA VAL C 383 -5.67 19.39 8.68
C VAL C 383 -4.76 18.25 9.13
N GLY C 384 -4.13 18.43 10.28
CA GLY C 384 -3.24 17.40 10.81
C GLY C 384 -4.00 16.11 11.03
N LYS C 385 -3.75 15.12 10.17
CA LYS C 385 -4.45 13.84 10.29
C LYS C 385 -4.01 13.14 11.56
N GLU C 386 -4.98 12.75 12.39
CA GLU C 386 -4.65 12.08 13.64
C GLU C 386 -4.00 10.73 13.36
N PHE C 387 -3.08 10.34 14.21
CA PHE C 387 -2.32 9.11 14.05
C PHE C 387 -2.32 8.32 15.34
N ASN C 388 -2.27 7.00 15.19
CA ASN C 388 -2.30 6.09 16.33
C ASN C 388 -1.01 6.20 17.15
N LYS C 389 -0.97 5.47 18.26
CA LYS C 389 0.22 5.43 19.11
C LYS C 389 1.29 4.49 18.59
N LEU C 390 0.97 3.62 17.63
CA LEU C 390 1.93 2.71 17.03
C LEU C 390 2.43 3.19 15.69
N GLU C 391 2.18 4.45 15.36
CA GLU C 391 2.59 5.05 14.09
C GLU C 391 3.39 6.31 14.35
N ARG C 392 4.39 6.20 15.22
CA ARG C 392 5.23 7.35 15.53
C ARG C 392 5.99 7.84 14.29
N ARG C 393 6.42 6.93 13.42
CA ARG C 393 7.08 7.34 12.19
C ARG C 393 6.13 8.09 11.26
N MET C 394 4.83 7.81 11.36
CA MET C 394 3.85 8.60 10.63
C MET C 394 3.92 10.06 11.06
N GLU C 395 3.89 10.29 12.37
CA GLU C 395 3.67 11.62 12.91
C GLU C 395 4.86 12.53 12.65
N ASN C 396 6.07 12.04 12.95
CA ASN C 396 7.26 12.86 12.76
C ASN C 396 7.48 13.17 11.29
N LEU C 397 7.21 12.21 10.41
CA LEU C 397 7.26 12.49 8.98
C LEU C 397 6.21 13.53 8.59
N ASN C 398 5.00 13.41 9.13
CA ASN C 398 3.95 14.37 8.82
C ASN C 398 4.21 15.71 9.49
N LYS C 399 4.73 15.70 10.71
CA LYS C 399 5.06 16.96 11.38
C LYS C 399 6.18 17.69 10.66
N LYS C 400 7.18 16.95 10.19
CA LYS C 400 8.29 17.57 9.47
C LYS C 400 7.82 18.19 8.15
N VAL C 401 6.91 17.52 7.46
CA VAL C 401 6.42 18.02 6.18
C VAL C 401 5.70 19.34 6.36
N ASP C 402 4.82 19.42 7.36
CA ASP C 402 4.04 20.63 7.57
C ASP C 402 4.90 21.77 8.11
N ASP C 403 5.87 21.45 8.96
CA ASP C 403 6.75 22.47 9.53
C ASP C 403 7.56 23.15 8.44
N GLY C 404 8.12 22.36 7.51
CA GLY C 404 8.95 22.94 6.47
C GLY C 404 8.17 23.81 5.50
N PHE C 405 6.97 23.37 5.12
CA PHE C 405 6.22 24.10 4.10
C PHE C 405 5.84 25.49 4.56
N LEU C 406 5.41 25.64 5.82
CA LEU C 406 5.03 26.95 6.31
C LEU C 406 6.24 27.85 6.52
N ASP C 407 7.37 27.26 6.93
CA ASP C 407 8.55 28.08 7.19
C ASP C 407 9.21 28.53 5.89
N ILE C 408 9.20 27.68 4.86
CA ILE C 408 9.69 28.11 3.56
C ILE C 408 8.84 29.25 3.02
N TRP C 409 7.53 29.13 3.15
CA TRP C 409 6.62 30.12 2.57
C TRP C 409 6.66 31.44 3.33
N THR C 410 6.86 31.39 4.65
CA THR C 410 6.94 32.64 5.41
C THR C 410 8.21 33.41 5.07
N TYR C 411 9.31 32.71 4.83
CA TYR C 411 10.53 33.39 4.40
C TYR C 411 10.40 33.93 2.99
N ASN C 412 9.69 33.20 2.13
CA ASN C 412 9.47 33.68 0.76
C ASN C 412 8.67 34.97 0.75
N ALA C 413 7.63 35.05 1.58
CA ALA C 413 6.79 36.24 1.62
C ALA C 413 7.46 37.39 2.37
N GLU C 414 8.32 37.08 3.33
CA GLU C 414 8.99 38.14 4.08
C GLU C 414 9.97 38.91 3.21
N LEU C 415 10.83 38.19 2.48
CA LEU C 415 11.85 38.86 1.69
C LEU C 415 11.27 39.54 0.46
N LEU C 416 10.14 39.04 -0.04
CA LEU C 416 9.54 39.65 -1.23
C LEU C 416 9.21 41.12 -0.98
N VAL C 417 8.61 41.43 0.16
CA VAL C 417 8.33 42.82 0.50
C VAL C 417 9.64 43.59 0.67
N LEU C 418 10.63 42.99 1.33
CA LEU C 418 11.90 43.65 1.54
C LEU C 418 12.57 43.98 0.21
N LEU C 419 12.42 43.11 -0.79
CA LEU C 419 12.92 43.41 -2.12
C LEU C 419 12.02 44.39 -2.86
N GLU C 420 10.72 44.37 -2.57
CA GLU C 420 9.78 45.18 -3.34
C GLU C 420 9.88 46.66 -2.98
N ASN C 421 10.04 47.00 -1.70
CA ASN C 421 10.05 48.40 -1.32
C ASN C 421 11.28 49.12 -1.85
N GLU C 422 12.43 48.44 -1.87
CA GLU C 422 13.66 49.09 -2.30
C GLU C 422 13.56 49.57 -3.75
N ARG C 423 12.79 48.88 -4.58
CA ARG C 423 12.65 49.28 -5.97
C ARG C 423 11.78 50.54 -6.09
N THR C 424 10.65 50.58 -5.38
CA THR C 424 9.75 51.72 -5.52
C THR C 424 10.28 52.96 -4.83
N LEU C 425 11.06 52.81 -3.77
CA LEU C 425 11.66 53.97 -3.13
C LEU C 425 12.58 54.72 -4.10
N ASP C 426 13.41 53.98 -4.84
CA ASP C 426 14.22 54.61 -5.86
C ASP C 426 13.38 55.06 -7.04
N PHE C 427 12.22 54.44 -7.26
CA PHE C 427 11.32 54.88 -8.31
C PHE C 427 10.79 56.29 -8.02
N HIS C 428 10.44 56.55 -6.76
CA HIS C 428 10.01 57.90 -6.39
C HIS C 428 11.18 58.87 -6.41
N ASP C 429 12.35 58.43 -5.96
CA ASP C 429 13.53 59.30 -5.98
C ASP C 429 13.90 59.69 -7.40
N SER C 430 13.88 58.73 -8.32
CA SER C 430 14.16 59.04 -9.71
C SER C 430 13.01 59.79 -10.38
N ASN C 431 11.82 59.76 -9.78
CA ASN C 431 10.69 60.50 -10.36
C ASN C 431 10.94 62.01 -10.29
N VAL C 432 11.29 62.51 -9.11
CA VAL C 432 11.64 63.92 -8.97
C VAL C 432 12.92 64.23 -9.73
N LYS C 433 13.91 63.33 -9.64
CA LYS C 433 15.15 63.51 -10.38
C LYS C 433 14.89 63.52 -11.88
N ASN C 434 13.88 62.77 -12.33
CA ASN C 434 13.47 62.88 -13.73
C ASN C 434 12.94 64.28 -14.04
N LEU C 435 12.10 64.82 -13.17
CA LEU C 435 11.66 66.20 -13.33
C LEU C 435 12.82 67.17 -13.19
N TYR C 436 13.71 66.92 -12.22
CA TYR C 436 14.91 67.74 -12.09
C TYR C 436 15.80 67.61 -13.32
N GLU C 437 15.83 66.43 -13.93
CA GLU C 437 16.55 66.28 -15.19
C GLU C 437 15.95 67.15 -16.28
N LYS C 438 14.62 67.21 -16.35
CA LYS C 438 13.95 68.09 -17.30
C LYS C 438 13.80 69.51 -16.79
N VAL C 439 14.18 69.77 -15.54
CA VAL C 439 14.08 71.13 -15.01
C VAL C 439 15.08 72.05 -15.71
N LYS C 440 16.31 71.60 -15.89
CA LYS C 440 17.33 72.40 -16.55
C LYS C 440 17.49 71.98 -18.01
N GLU D 20 -53.76 17.50 0.78
CA GLU D 20 -52.37 17.12 0.90
C GLU D 20 -51.70 17.02 -0.47
N VAL D 21 -51.74 15.83 -1.05
CA VAL D 21 -51.17 15.57 -2.37
C VAL D 21 -52.31 15.17 -3.30
N GLN D 22 -52.51 15.95 -4.36
CA GLN D 22 -53.60 15.72 -5.29
C GLN D 22 -53.06 15.58 -6.70
N LEU D 23 -53.51 14.54 -7.40
CA LEU D 23 -53.15 14.28 -8.79
C LEU D 23 -54.44 14.23 -9.61
N VAL D 24 -54.62 15.23 -10.47
CA VAL D 24 -55.81 15.34 -11.32
C VAL D 24 -55.38 15.09 -12.75
N GLU D 25 -56.04 14.14 -13.41
CA GLU D 25 -55.66 13.68 -14.74
C GLU D 25 -56.80 13.94 -15.71
N SER D 26 -56.48 14.56 -16.85
CA SER D 26 -57.48 14.85 -17.87
C SER D 26 -56.85 14.77 -19.25
N GLY D 27 -57.70 14.54 -20.25
CA GLY D 27 -57.24 14.53 -21.63
C GLY D 27 -57.52 13.25 -22.39
N GLY D 28 -58.48 12.46 -21.91
CA GLY D 28 -58.80 11.18 -22.50
C GLY D 28 -60.11 11.18 -23.26
N GLY D 29 -60.15 10.40 -24.32
CA GLY D 29 -61.36 10.28 -25.13
C GLY D 29 -61.14 9.30 -26.26
N LEU D 30 -62.23 8.95 -26.92
CA LEU D 30 -62.18 7.99 -28.03
C LEU D 30 -61.39 8.56 -29.20
N VAL D 31 -60.76 7.66 -29.95
CA VAL D 31 -59.93 8.05 -31.09
C VAL D 31 -59.81 6.88 -32.05
N GLN D 32 -59.70 7.20 -33.34
CA GLN D 32 -59.43 6.18 -34.34
C GLN D 32 -57.99 5.68 -34.20
N PRO D 33 -57.72 4.44 -34.60
CA PRO D 33 -56.40 3.86 -34.34
C PRO D 33 -55.32 4.35 -35.29
N LYS D 34 -55.26 5.64 -35.56
CA LYS D 34 -54.15 6.22 -36.30
C LYS D 34 -53.76 7.62 -35.87
N GLY D 35 -54.42 8.20 -34.86
CA GLY D 35 -54.26 9.60 -34.54
C GLY D 35 -53.63 9.81 -33.18
N SER D 36 -52.84 10.89 -33.07
CA SER D 36 -52.19 11.20 -31.81
C SER D 36 -53.20 11.55 -30.74
N LEU D 37 -52.95 11.06 -29.52
CA LEU D 37 -53.77 11.37 -28.35
C LEU D 37 -52.84 11.74 -27.21
N LYS D 38 -53.17 12.82 -26.50
CA LYS D 38 -52.32 13.34 -25.44
C LYS D 38 -53.09 13.36 -24.13
N LEU D 39 -52.41 12.97 -23.05
CA LEU D 39 -52.97 12.96 -21.72
C LEU D 39 -52.16 13.90 -20.83
N SER D 40 -52.83 14.49 -19.83
CA SER D 40 -52.18 15.42 -18.92
C SER D 40 -52.61 15.12 -17.48
N CYS D 41 -51.66 15.23 -16.56
CA CYS D 41 -51.88 14.99 -15.14
C CYS D 41 -51.45 16.22 -14.36
N ALA D 42 -52.31 16.68 -13.46
CA ALA D 42 -52.06 17.88 -12.68
C ALA D 42 -51.52 17.52 -11.30
N THR D 43 -50.79 18.45 -10.72
CA THR D 43 -50.14 18.25 -9.42
C THR D 43 -50.40 19.45 -8.52
N SER D 44 -50.45 19.18 -7.21
CA SER D 44 -50.68 20.24 -6.24
C SER D 44 -50.33 19.73 -4.86
N GLY D 45 -49.78 20.62 -4.03
CA GLY D 45 -49.53 20.33 -2.64
C GLY D 45 -48.13 19.89 -2.28
N PHE D 46 -47.18 19.99 -3.19
CA PHE D 46 -45.80 19.61 -2.92
C PHE D 46 -44.89 20.34 -3.91
N THR D 47 -43.63 19.92 -3.97
CA THR D 47 -42.67 20.49 -4.89
C THR D 47 -42.46 19.54 -6.06
N PHE D 48 -42.70 20.04 -7.28
CA PHE D 48 -42.58 19.21 -8.47
C PHE D 48 -41.13 18.95 -8.86
N ASN D 49 -40.20 19.78 -8.40
CA ASN D 49 -38.84 19.71 -8.92
C ASN D 49 -38.09 18.47 -8.45
N THR D 50 -38.45 17.92 -7.29
CA THR D 50 -37.69 16.84 -6.67
C THR D 50 -38.54 15.59 -6.48
N PHE D 51 -39.29 15.20 -7.52
CA PHE D 51 -40.14 14.02 -7.43
C PHE D 51 -40.31 13.46 -8.84
N ASP D 52 -39.55 12.42 -9.18
CA ASP D 52 -39.73 11.74 -10.45
C ASP D 52 -41.12 11.09 -10.50
N MET D 53 -41.72 11.07 -11.68
CA MET D 53 -43.08 10.58 -11.83
C MET D 53 -43.16 9.59 -12.98
N HIS D 54 -44.00 8.56 -12.80
CA HIS D 54 -44.14 7.49 -13.76
C HIS D 54 -45.59 7.37 -14.21
N TRP D 55 -45.79 6.82 -15.41
CA TRP D 55 -47.12 6.54 -15.95
C TRP D 55 -47.36 5.04 -15.89
N VAL D 56 -48.54 4.65 -15.40
CA VAL D 56 -48.88 3.24 -15.21
C VAL D 56 -50.25 2.99 -15.83
N ARG D 57 -50.35 1.95 -16.65
CA ARG D 57 -51.56 1.61 -17.39
C ARG D 57 -52.13 0.30 -16.88
N GLN D 58 -53.45 0.25 -16.69
CA GLN D 58 -54.14 -0.95 -16.26
C GLN D 58 -55.28 -1.25 -17.23
N ALA D 59 -55.14 -2.33 -17.98
CA ALA D 59 -56.17 -2.77 -18.92
C ALA D 59 -57.34 -3.40 -18.17
N PRO D 60 -58.53 -3.43 -18.77
CA PRO D 60 -59.67 -4.07 -18.11
C PRO D 60 -59.49 -5.58 -18.07
N GLY D 61 -59.62 -6.16 -16.88
CA GLY D 61 -59.49 -7.58 -16.69
C GLY D 61 -58.06 -8.08 -16.67
N LYS D 62 -57.06 -7.20 -16.74
CA LYS D 62 -55.66 -7.58 -16.75
C LYS D 62 -54.94 -6.94 -15.58
N ASP D 63 -53.72 -7.41 -15.33
CA ASP D 63 -52.93 -6.92 -14.21
C ASP D 63 -52.27 -5.59 -14.55
N LEU D 64 -51.69 -4.96 -13.53
CA LEU D 64 -51.06 -3.66 -13.72
C LEU D 64 -49.82 -3.78 -14.57
N GLU D 65 -49.51 -2.70 -15.29
CA GLU D 65 -48.39 -2.66 -16.22
C GLU D 65 -47.65 -1.34 -16.06
N TRP D 66 -46.37 -1.36 -16.40
CA TRP D 66 -45.53 -0.16 -16.38
C TRP D 66 -45.34 0.36 -17.79
N VAL D 67 -45.23 1.68 -17.92
CA VAL D 67 -45.20 2.30 -19.24
C VAL D 67 -43.92 3.09 -19.46
N ALA D 68 -43.68 4.13 -18.64
CA ALA D 68 -42.53 4.98 -18.87
C ALA D 68 -42.26 5.82 -17.63
N ARG D 69 -40.99 6.17 -17.43
CA ARG D 69 -40.52 6.87 -16.25
C ARG D 69 -39.61 8.01 -16.65
N ILE D 70 -39.73 9.14 -15.96
CA ILE D 70 -38.93 10.33 -16.20
C ILE D 70 -38.29 10.76 -14.90
N ARG D 71 -36.99 11.05 -14.93
CA ARG D 71 -36.25 11.49 -13.76
C ARG D 71 -36.12 13.01 -13.74
N THR D 72 -35.62 13.51 -12.62
CA THR D 72 -35.55 14.96 -12.38
C THR D 72 -34.38 15.56 -13.15
N LYS D 73 -34.10 16.83 -12.89
CA LYS D 73 -33.01 17.53 -13.55
C LYS D 73 -31.63 17.06 -13.10
N GLY D 74 -31.57 16.26 -12.04
CA GLY D 74 -30.28 15.74 -11.59
C GLY D 74 -29.61 14.86 -12.62
N ASN D 75 -30.39 14.01 -13.28
CA ASN D 75 -29.87 13.13 -14.33
C ASN D 75 -30.19 13.66 -15.73
N SER D 76 -30.31 14.98 -15.87
CA SER D 76 -30.55 15.62 -17.16
C SER D 76 -31.82 15.09 -17.81
N TYR D 77 -32.87 14.89 -17.00
CA TYR D 77 -34.19 14.50 -17.48
C TYR D 77 -34.13 13.17 -18.24
N ALA D 78 -33.52 12.18 -17.61
CA ALA D 78 -33.44 10.86 -18.22
C ALA D 78 -34.83 10.30 -18.44
N THR D 79 -35.02 9.63 -19.57
CA THR D 79 -36.31 9.09 -19.97
C THR D 79 -36.17 7.60 -20.29
N TYR D 80 -36.31 6.75 -19.28
CA TYR D 80 -36.34 5.31 -19.51
C TYR D 80 -37.71 4.91 -20.03
N TYR D 81 -37.76 3.79 -20.74
CA TYR D 81 -38.99 3.34 -21.36
C TYR D 81 -39.17 1.84 -21.14
N ALA D 82 -40.41 1.39 -21.25
CA ALA D 82 -40.70 -0.03 -21.24
C ALA D 82 -40.18 -0.66 -22.53
N ALA D 83 -40.30 -1.98 -22.62
CA ALA D 83 -39.76 -2.70 -23.78
C ALA D 83 -40.71 -2.65 -24.96
N SER D 84 -41.90 -3.23 -24.81
CA SER D 84 -42.81 -3.43 -25.91
C SER D 84 -43.52 -2.17 -26.37
N VAL D 85 -43.40 -1.08 -25.63
CA VAL D 85 -44.29 0.06 -25.84
C VAL D 85 -43.38 1.25 -26.17
N LYS D 86 -42.25 0.95 -26.81
CA LYS D 86 -41.28 1.97 -27.17
C LYS D 86 -41.56 2.54 -28.55
N ASP D 87 -40.82 3.60 -28.89
CA ASP D 87 -40.86 4.26 -30.19
C ASP D 87 -42.21 4.90 -30.48
N ARG D 88 -43.06 5.07 -29.46
CA ARG D 88 -44.37 5.69 -29.66
C ARG D 88 -44.75 6.68 -28.57
N ILE D 89 -43.87 7.02 -27.65
CA ILE D 89 -44.16 7.94 -26.57
C ILE D 89 -43.01 8.91 -26.38
N THR D 90 -43.33 10.15 -26.00
CA THR D 90 -42.35 11.12 -25.53
C THR D 90 -42.91 11.77 -24.27
N ILE D 91 -42.25 11.57 -23.14
CA ILE D 91 -42.68 12.12 -21.86
C ILE D 91 -41.87 13.38 -21.58
N SER D 92 -42.57 14.45 -21.21
CA SER D 92 -41.94 15.68 -20.79
C SER D 92 -42.61 16.19 -19.52
N ARG D 93 -41.89 17.00 -18.76
CA ARG D 93 -42.38 17.57 -17.51
C ARG D 93 -42.41 19.08 -17.63
N ASP D 94 -43.58 19.67 -17.47
CA ASP D 94 -43.72 21.12 -17.44
C ASP D 94 -43.66 21.56 -15.98
N ASP D 95 -42.42 21.72 -15.51
CA ASP D 95 -42.21 22.01 -14.09
C ASP D 95 -42.83 23.34 -13.68
N SER D 96 -42.72 24.36 -14.55
CA SER D 96 -43.27 25.67 -14.22
C SER D 96 -44.78 25.60 -14.06
N GLN D 97 -45.45 24.86 -14.93
CA GLN D 97 -46.89 24.66 -14.83
C GLN D 97 -47.28 23.48 -13.95
N SER D 98 -46.29 22.71 -13.47
CA SER D 98 -46.53 21.57 -12.58
C SER D 98 -47.52 20.58 -13.20
N MET D 99 -47.22 20.15 -14.42
CA MET D 99 -48.03 19.17 -15.12
C MET D 99 -47.14 18.09 -15.71
N LEU D 100 -47.78 17.07 -16.28
CA LEU D 100 -47.10 15.96 -16.92
C LEU D 100 -47.77 15.69 -18.25
N TYR D 101 -46.99 15.26 -19.24
CA TYR D 101 -47.48 15.09 -20.60
C TYR D 101 -47.10 13.71 -21.13
N LEU D 102 -48.12 12.89 -21.41
CA LEU D 102 -47.94 11.57 -21.99
C LEU D 102 -48.56 11.54 -23.39
N GLU D 103 -47.76 11.17 -24.38
CA GLU D 103 -48.15 11.23 -25.78
C GLU D 103 -48.14 9.84 -26.38
N MET D 104 -49.13 9.53 -27.21
CA MET D 104 -49.22 8.23 -27.85
C MET D 104 -49.55 8.42 -29.33
N ASN D 105 -48.69 7.89 -30.20
CA ASN D 105 -48.93 7.86 -31.63
C ASN D 105 -48.83 6.42 -32.11
N SER D 106 -49.60 6.09 -33.16
CA SER D 106 -49.70 4.74 -33.68
C SER D 106 -50.20 3.76 -32.63
N LEU D 107 -51.44 3.95 -32.16
CA LEU D 107 -52.02 3.06 -31.17
C LEU D 107 -52.33 1.70 -31.79
N ARG D 108 -52.95 0.84 -31.00
CA ARG D 108 -53.31 -0.50 -31.45
C ARG D 108 -54.58 -0.93 -30.75
N SER D 109 -54.88 -2.23 -30.81
CA SER D 109 -56.07 -2.80 -30.19
C SER D 109 -55.85 -3.23 -28.75
N GLU D 110 -54.64 -3.08 -28.22
CA GLU D 110 -54.32 -3.49 -26.86
C GLU D 110 -54.11 -2.30 -25.93
N ASP D 111 -54.57 -1.11 -26.31
CA ASP D 111 -54.34 0.09 -25.54
C ASP D 111 -55.63 0.69 -24.97
N THR D 112 -56.70 -0.10 -24.90
CA THR D 112 -57.89 0.31 -24.17
C THR D 112 -57.63 0.07 -22.69
N ALA D 113 -57.42 1.14 -21.94
CA ALA D 113 -57.09 1.01 -20.52
C ALA D 113 -57.23 2.36 -19.83
N MET D 114 -57.20 2.32 -18.51
CA MET D 114 -57.10 3.51 -17.68
C MET D 114 -55.64 3.77 -17.37
N TYR D 115 -55.26 5.04 -17.37
CA TYR D 115 -53.86 5.44 -17.22
C TYR D 115 -53.69 6.22 -15.94
N TYR D 116 -52.65 5.88 -15.16
CA TYR D 116 -52.48 6.38 -13.81
C TYR D 116 -51.27 7.29 -13.71
N CYS D 117 -51.41 8.32 -12.90
CA CYS D 117 -50.30 9.21 -12.53
C CYS D 117 -49.72 8.71 -11.22
N VAL D 118 -48.40 8.52 -11.18
CA VAL D 118 -47.73 7.93 -10.03
C VAL D 118 -46.51 8.76 -9.69
N ARG D 119 -46.35 9.07 -8.40
CA ARG D 119 -45.17 9.75 -7.90
C ARG D 119 -44.19 8.73 -7.31
N GLU D 120 -42.90 9.06 -7.37
CA GLU D 120 -41.88 8.08 -7.00
C GLU D 120 -41.71 7.97 -5.50
N GLY D 121 -41.32 9.06 -4.85
CA GLY D 121 -41.06 9.03 -3.42
C GLY D 121 -39.58 8.95 -3.11
N GLY D 122 -39.06 9.91 -2.35
CA GLY D 122 -37.64 9.96 -2.09
C GLY D 122 -37.20 9.38 -0.76
N HIS D 123 -36.75 8.14 -0.77
CA HIS D 123 -36.07 7.50 0.34
C HIS D 123 -35.31 6.31 -0.23
N TYR D 124 -34.38 5.77 0.57
CA TYR D 124 -33.47 4.75 0.07
C TYR D 124 -34.02 3.34 0.20
N TYR D 125 -35.32 3.17 0.28
CA TYR D 125 -35.92 1.83 0.31
C TYR D 125 -36.46 1.45 -1.08
N GLY D 126 -35.57 1.47 -2.07
CA GLY D 126 -35.99 1.04 -3.40
C GLY D 126 -36.96 2.01 -4.04
N TYR D 127 -37.90 1.46 -4.82
CA TYR D 127 -38.97 2.22 -5.46
C TYR D 127 -40.31 1.70 -4.93
N TYR D 128 -41.20 2.62 -4.55
CA TYR D 128 -42.46 2.20 -3.96
C TYR D 128 -43.71 2.91 -4.46
N PHE D 129 -43.60 4.04 -5.18
CA PHE D 129 -44.77 4.70 -5.78
C PHE D 129 -45.78 5.10 -4.70
N ASP D 130 -45.37 6.05 -3.87
CA ASP D 130 -46.09 6.33 -2.63
C ASP D 130 -47.46 6.98 -2.83
N PHE D 131 -47.77 7.48 -4.03
CA PHE D 131 -49.06 8.12 -4.26
C PHE D 131 -49.59 7.74 -5.63
N TRP D 132 -50.91 7.82 -5.80
CA TRP D 132 -51.55 7.48 -7.05
C TRP D 132 -52.63 8.51 -7.35
N GLY D 133 -53.28 8.36 -8.50
CA GLY D 133 -54.31 9.27 -8.95
C GLY D 133 -55.63 8.56 -9.22
N GLN D 134 -56.62 9.37 -9.62
CA GLN D 134 -57.95 8.82 -9.91
C GLN D 134 -57.96 8.03 -11.20
N GLY D 135 -57.35 8.56 -12.26
CA GLY D 135 -57.20 7.83 -13.50
C GLY D 135 -58.27 8.11 -14.54
N THR D 136 -57.86 8.39 -15.77
CA THR D 136 -58.76 8.64 -16.88
C THR D 136 -59.09 7.32 -17.59
N THR D 137 -59.70 7.43 -18.78
CA THR D 137 -59.97 6.27 -19.62
C THR D 137 -59.57 6.60 -21.05
N LEU D 138 -59.30 5.55 -21.83
CA LEU D 138 -58.88 5.73 -23.22
C LEU D 138 -59.28 4.49 -24.01
N THR D 139 -60.07 4.70 -25.06
CA THR D 139 -60.57 3.61 -25.90
C THR D 139 -60.12 3.83 -27.34
N VAL D 140 -60.22 2.76 -28.13
CA VAL D 140 -59.90 2.81 -29.56
C VAL D 140 -61.04 2.16 -30.33
N SER D 141 -61.07 2.44 -31.63
CA SER D 141 -62.09 1.88 -32.51
C SER D 141 -61.48 1.43 -33.84
N ILE E 21 -37.97 -10.42 -11.80
CA ILE E 21 -38.52 -10.71 -13.12
C ILE E 21 -40.05 -10.82 -13.03
N GLN E 22 -40.57 -11.96 -13.45
CA GLN E 22 -42.01 -12.17 -13.43
C GLN E 22 -42.49 -12.35 -12.00
N MET E 23 -43.45 -11.55 -11.59
CA MET E 23 -43.96 -11.55 -10.22
C MET E 23 -45.26 -12.34 -10.17
N THR E 24 -45.31 -13.34 -9.31
CA THR E 24 -46.49 -14.17 -9.14
C THR E 24 -47.24 -13.73 -7.89
N GLN E 25 -48.34 -14.44 -7.58
CA GLN E 25 -49.10 -14.18 -6.38
C GLN E 25 -49.77 -15.46 -5.92
N THR E 26 -50.49 -15.37 -4.81
CA THR E 26 -51.20 -16.50 -4.23
C THR E 26 -52.52 -16.72 -4.96
N THR E 27 -53.41 -17.51 -4.35
CA THR E 27 -54.74 -17.74 -4.90
C THR E 27 -55.44 -16.41 -5.17
N SER E 28 -56.28 -16.39 -6.20
CA SER E 28 -56.89 -15.16 -6.68
C SER E 28 -58.14 -14.77 -5.89
N SER E 29 -58.60 -15.59 -4.96
CA SER E 29 -59.82 -15.31 -4.22
C SER E 29 -59.66 -15.69 -2.75
N LEU E 30 -60.40 -14.99 -1.90
CA LEU E 30 -60.46 -15.30 -0.48
C LEU E 30 -61.66 -14.59 0.12
N SER E 31 -62.35 -15.26 1.03
CA SER E 31 -63.48 -14.69 1.75
C SER E 31 -63.09 -14.56 3.22
N ALA E 32 -63.21 -13.35 3.76
CA ALA E 32 -62.77 -13.03 5.11
C ALA E 32 -63.96 -12.67 5.99
N SER E 33 -63.97 -13.23 7.19
CA SER E 33 -64.94 -12.86 8.21
C SER E 33 -64.49 -11.58 8.88
N LEU E 34 -65.10 -11.23 10.01
CA LEU E 34 -64.70 -10.07 10.78
C LEU E 34 -63.94 -10.51 12.02
N GLY E 35 -62.78 -9.89 12.25
CA GLY E 35 -61.94 -10.22 13.39
C GLY E 35 -60.97 -11.36 13.18
N ASP E 36 -60.88 -11.90 11.97
CA ASP E 36 -60.01 -13.04 11.72
C ASP E 36 -58.63 -12.59 11.23
N ARG E 37 -57.69 -13.53 11.29
CA ARG E 37 -56.32 -13.30 10.85
C ARG E 37 -56.15 -13.86 9.44
N VAL E 38 -56.07 -12.97 8.45
CA VAL E 38 -56.01 -13.35 7.04
C VAL E 38 -54.75 -12.75 6.42
N THR E 39 -53.99 -13.58 5.72
CA THR E 39 -52.75 -13.17 5.08
C THR E 39 -52.79 -13.50 3.59
N ILE E 40 -51.86 -12.89 2.86
CA ILE E 40 -51.70 -13.15 1.43
C ILE E 40 -50.21 -13.20 1.12
N SER E 41 -49.80 -14.15 0.29
CA SER E 41 -48.40 -14.38 0.00
C SER E 41 -48.09 -14.03 -1.44
N CYS E 42 -46.94 -13.38 -1.66
CA CYS E 42 -46.51 -12.92 -2.98
C CYS E 42 -45.10 -13.42 -3.22
N ARG E 43 -44.99 -14.64 -3.77
CA ARG E 43 -43.71 -15.28 -3.99
C ARG E 43 -43.18 -14.91 -5.38
N ALA E 44 -41.95 -14.41 -5.43
CA ALA E 44 -41.34 -13.96 -6.67
C ALA E 44 -40.70 -15.14 -7.40
N SER E 45 -39.96 -14.84 -8.46
CA SER E 45 -39.25 -15.84 -9.25
C SER E 45 -37.74 -15.75 -9.14
N GLN E 46 -37.19 -14.54 -9.07
CA GLN E 46 -35.77 -14.31 -8.88
C GLN E 46 -35.58 -13.56 -7.56
N ASP E 47 -34.42 -13.77 -6.93
CA ASP E 47 -34.15 -13.19 -5.63
C ASP E 47 -34.22 -11.67 -5.65
N ILE E 48 -35.19 -11.10 -4.93
CA ILE E 48 -35.30 -9.66 -4.74
C ILE E 48 -34.88 -9.35 -3.32
N TYR E 49 -33.85 -8.52 -3.17
CA TYR E 49 -33.23 -8.29 -1.87
C TYR E 49 -34.11 -7.38 -1.02
N ASN E 50 -35.29 -7.89 -0.68
CA ASN E 50 -36.22 -7.23 0.23
C ASN E 50 -36.62 -5.84 -0.29
N TYR E 51 -37.28 -5.84 -1.45
CA TYR E 51 -37.78 -4.62 -2.06
C TYR E 51 -39.20 -4.84 -2.57
N LEU E 52 -40.07 -5.44 -1.75
CA LEU E 52 -41.41 -5.84 -2.17
C LEU E 52 -42.46 -5.05 -1.41
N ASN E 53 -43.14 -4.15 -2.11
CA ASN E 53 -44.14 -3.28 -1.53
C ASN E 53 -45.55 -3.82 -1.78
N TRP E 54 -46.52 -3.27 -1.05
CA TRP E 54 -47.90 -3.74 -1.12
C TRP E 54 -48.85 -2.56 -1.29
N TYR E 55 -49.88 -2.75 -2.12
CA TYR E 55 -50.86 -1.70 -2.41
C TYR E 55 -52.26 -2.23 -2.12
N GLN E 56 -53.23 -1.31 -2.16
CA GLN E 56 -54.64 -1.63 -1.98
C GLN E 56 -55.49 -0.75 -2.88
N GLN E 57 -56.38 -1.37 -3.65
CA GLN E 57 -57.21 -0.64 -4.62
C GLN E 57 -58.68 -0.83 -4.25
N GLN E 58 -59.29 0.23 -3.74
CA GLN E 58 -60.72 0.19 -3.44
C GLN E 58 -61.53 0.13 -4.73
N PRO E 59 -62.67 -0.55 -4.71
CA PRO E 59 -63.51 -0.62 -5.92
C PRO E 59 -63.99 0.77 -6.32
N ASP E 60 -63.90 1.04 -7.62
CA ASP E 60 -64.32 2.32 -8.21
C ASP E 60 -63.73 3.49 -7.44
N GLY E 61 -62.41 3.56 -7.44
CA GLY E 61 -61.74 4.61 -6.71
C GLY E 61 -60.24 4.50 -6.82
N ALA E 62 -59.56 5.16 -5.87
CA ALA E 62 -58.12 5.26 -5.90
C ALA E 62 -57.46 4.00 -5.36
N VAL E 63 -56.15 3.97 -5.49
CA VAL E 63 -55.30 2.90 -4.98
C VAL E 63 -54.21 3.52 -4.12
N LYS E 64 -53.93 2.90 -2.98
CA LYS E 64 -53.03 3.44 -1.99
C LYS E 64 -51.77 2.59 -1.87
N LEU E 65 -50.81 3.10 -1.09
CA LEU E 65 -49.62 2.35 -0.71
C LEU E 65 -49.74 1.95 0.75
N LEU E 66 -49.51 0.67 1.03
CA LEU E 66 -49.71 0.12 2.37
C LEU E 66 -48.39 -0.11 3.10
N ILE E 67 -47.47 -0.84 2.49
CA ILE E 67 -46.19 -1.16 3.11
C ILE E 67 -45.11 -1.14 2.03
N TYR E 68 -43.98 -0.51 2.33
CA TYR E 68 -42.82 -0.55 1.46
C TYR E 68 -41.69 -1.33 2.15
N TYR E 69 -40.54 -1.38 1.48
CA TYR E 69 -39.46 -2.28 1.87
C TYR E 69 -40.02 -3.68 2.07
N THR E 70 -40.04 -4.15 3.30
CA THR E 70 -40.70 -5.43 3.57
C THR E 70 -41.71 -5.33 4.70
N SER E 71 -41.41 -4.54 5.74
CA SER E 71 -42.28 -4.48 6.90
C SER E 71 -42.45 -3.06 7.46
N LYS E 72 -42.04 -2.04 6.73
CA LYS E 72 -42.25 -0.67 7.20
C LYS E 72 -43.74 -0.31 7.09
N LEU E 73 -44.06 0.93 7.42
CA LEU E 73 -45.44 1.39 7.37
C LEU E 73 -45.48 2.78 6.74
N HIS E 74 -46.61 3.09 6.13
CA HIS E 74 -46.85 4.40 5.56
C HIS E 74 -47.69 5.25 6.51
N SER E 75 -47.53 6.57 6.38
CA SER E 75 -48.24 7.49 7.24
C SER E 75 -49.75 7.33 7.09
N GLY E 76 -50.46 7.29 8.21
CA GLY E 76 -51.90 7.16 8.21
C GLY E 76 -52.43 5.76 8.04
N VAL E 77 -51.56 4.76 7.99
CA VAL E 77 -51.99 3.36 7.85
C VAL E 77 -52.23 2.78 9.24
N PRO E 78 -53.35 2.09 9.46
CA PRO E 78 -53.63 1.56 10.79
C PRO E 78 -52.59 0.54 11.22
N SER E 79 -52.40 0.42 12.53
CA SER E 79 -51.40 -0.46 13.11
C SER E 79 -51.71 -1.93 12.93
N ARG E 80 -52.83 -2.28 12.30
CA ARG E 80 -53.16 -3.68 12.06
C ARG E 80 -52.51 -4.22 10.79
N PHE E 81 -51.78 -3.40 10.05
CA PHE E 81 -51.13 -3.80 8.82
C PHE E 81 -49.64 -4.02 9.07
N SER E 82 -49.14 -5.20 8.75
CA SER E 82 -47.72 -5.48 8.85
C SER E 82 -47.40 -6.68 7.97
N GLY E 83 -46.10 -6.86 7.71
CA GLY E 83 -45.65 -7.97 6.89
C GLY E 83 -44.38 -8.59 7.45
N SER E 84 -43.91 -9.63 6.76
CA SER E 84 -42.70 -10.33 7.17
C SER E 84 -42.20 -11.17 6.00
N GLY E 85 -41.08 -11.83 6.21
CA GLY E 85 -40.50 -12.70 5.21
C GLY E 85 -39.34 -12.05 4.47
N SER E 86 -38.45 -12.89 3.94
CA SER E 86 -37.31 -12.39 3.18
C SER E 86 -36.87 -13.46 2.19
N GLY E 87 -36.23 -13.00 1.12
CA GLY E 87 -35.84 -13.89 0.02
C GLY E 87 -36.86 -13.87 -1.12
N THR E 88 -37.66 -14.93 -1.22
CA THR E 88 -38.73 -15.04 -2.20
C THR E 88 -39.99 -15.62 -1.56
N ASP E 89 -40.33 -15.16 -0.36
CA ASP E 89 -41.52 -15.66 0.34
C ASP E 89 -41.97 -14.58 1.33
N TYR E 90 -43.02 -13.86 0.97
CA TYR E 90 -43.47 -12.70 1.73
C TYR E 90 -44.91 -12.91 2.17
N SER E 91 -45.38 -11.98 3.02
CA SER E 91 -46.76 -12.03 3.50
C SER E 91 -47.19 -10.63 3.90
N LEU E 92 -48.50 -10.41 3.92
CA LEU E 92 -49.09 -9.16 4.39
C LEU E 92 -50.17 -9.52 5.39
N THR E 93 -49.78 -9.73 6.64
CA THR E 93 -50.70 -10.18 7.66
C THR E 93 -51.74 -9.10 7.97
N ILE E 94 -52.99 -9.53 8.14
CA ILE E 94 -54.10 -8.65 8.48
C ILE E 94 -54.79 -9.21 9.70
N THR E 95 -54.99 -8.39 10.72
CA THR E 95 -55.63 -8.80 11.95
C THR E 95 -56.71 -7.80 12.33
N ASN E 96 -57.81 -8.30 12.91
CA ASN E 96 -58.94 -7.50 13.33
C ASN E 96 -59.52 -6.70 12.16
N LEU E 97 -60.03 -7.44 11.18
CA LEU E 97 -60.56 -6.82 9.97
C LEU E 97 -61.83 -6.05 10.28
N GLU E 98 -62.01 -4.93 9.58
CA GLU E 98 -63.19 -4.09 9.71
C GLU E 98 -63.96 -4.08 8.40
N GLN E 99 -65.11 -3.40 8.42
CA GLN E 99 -65.97 -3.34 7.25
C GLN E 99 -65.48 -2.35 6.20
N GLU E 100 -64.47 -1.54 6.53
CA GLU E 100 -63.95 -0.58 5.56
C GLU E 100 -62.84 -1.18 4.72
N ASP E 101 -61.97 -1.99 5.32
CA ASP E 101 -60.79 -2.52 4.63
C ASP E 101 -61.18 -3.77 3.86
N ILE E 102 -61.81 -3.55 2.70
CA ILE E 102 -62.10 -4.62 1.77
C ILE E 102 -61.82 -4.11 0.36
N ALA E 103 -60.85 -4.72 -0.31
CA ALA E 103 -60.39 -4.28 -1.63
C ALA E 103 -59.45 -5.34 -2.17
N THR E 104 -58.88 -5.05 -3.33
CA THR E 104 -57.94 -5.95 -4.00
C THR E 104 -56.53 -5.45 -3.80
N TYR E 105 -55.63 -6.36 -3.42
CA TYR E 105 -54.27 -6.01 -3.02
C TYR E 105 -53.25 -6.54 -4.03
N PHE E 106 -52.30 -5.69 -4.40
CA PHE E 106 -51.27 -6.04 -5.37
C PHE E 106 -49.89 -5.84 -4.75
N CYS E 107 -48.95 -6.69 -5.16
CA CYS E 107 -47.56 -6.61 -4.71
C CYS E 107 -46.67 -6.23 -5.89
N GLN E 108 -45.60 -5.48 -5.61
CA GLN E 108 -44.75 -4.95 -6.66
C GLN E 108 -43.29 -5.06 -6.29
N GLN E 109 -42.48 -5.63 -7.17
CA GLN E 109 -41.04 -5.69 -6.96
C GLN E 109 -40.44 -4.28 -7.05
N GLY E 110 -39.22 -4.15 -6.56
CA GLY E 110 -38.54 -2.87 -6.64
C GLY E 110 -37.07 -2.99 -6.94
N TYR E 111 -36.68 -4.08 -7.59
CA TYR E 111 -35.26 -4.38 -7.77
C TYR E 111 -34.71 -3.86 -9.10
N THR E 112 -35.24 -4.33 -10.23
CA THR E 112 -34.68 -4.06 -11.54
C THR E 112 -35.58 -3.14 -12.35
N LEU E 113 -35.18 -2.91 -13.60
CA LEU E 113 -35.83 -1.90 -14.43
C LEU E 113 -37.30 -2.17 -14.71
N PRO E 114 -37.72 -3.36 -15.17
CA PRO E 114 -39.15 -3.56 -15.43
C PRO E 114 -39.90 -3.87 -14.14
N TYR E 115 -40.30 -2.82 -13.40
CA TYR E 115 -40.94 -3.02 -12.11
C TYR E 115 -42.30 -3.65 -12.33
N THR E 116 -42.36 -4.98 -12.26
CA THR E 116 -43.56 -5.72 -12.56
C THR E 116 -44.44 -5.85 -11.33
N PHE E 117 -45.73 -5.60 -11.50
CA PHE E 117 -46.69 -5.68 -10.42
C PHE E 117 -47.16 -7.13 -10.28
N GLY E 118 -48.24 -7.35 -9.53
CA GLY E 118 -48.79 -8.66 -9.33
C GLY E 118 -50.20 -8.79 -9.88
N GLY E 119 -50.69 -10.03 -9.91
CA GLY E 119 -52.02 -10.29 -10.39
C GLY E 119 -53.11 -9.84 -9.43
N GLY E 120 -52.80 -9.78 -8.14
CA GLY E 120 -53.74 -9.29 -7.15
C GLY E 120 -54.80 -10.29 -6.76
N THR E 121 -55.21 -10.26 -5.49
CA THR E 121 -56.28 -11.10 -4.99
C THR E 121 -57.46 -10.24 -4.58
N LYS E 122 -58.61 -10.89 -4.40
CA LYS E 122 -59.85 -10.22 -4.06
C LYS E 122 -60.25 -10.52 -2.62
N LEU E 123 -60.90 -9.55 -1.99
CA LEU E 123 -61.38 -9.74 -0.62
C LEU E 123 -62.90 -9.91 -0.60
N GLU F 20 28.41 -25.25 -36.26
CA GLU F 20 27.87 -25.28 -34.91
C GLU F 20 28.88 -24.75 -33.91
N VAL F 21 29.06 -25.47 -32.81
CA VAL F 21 30.00 -25.11 -31.76
C VAL F 21 31.04 -26.21 -31.70
N GLN F 22 32.20 -25.96 -32.28
CA GLN F 22 33.31 -26.92 -32.30
C GLN F 22 34.43 -26.44 -31.39
N LEU F 23 35.18 -27.40 -30.85
CA LEU F 23 36.30 -27.11 -29.97
C LEU F 23 37.48 -27.96 -30.40
N VAL F 24 38.50 -27.33 -30.96
CA VAL F 24 39.71 -28.00 -31.41
C VAL F 24 40.86 -27.54 -30.52
N GLU F 25 41.62 -28.51 -30.01
CA GLU F 25 42.71 -28.25 -29.07
C GLU F 25 43.99 -28.90 -29.57
N SER F 26 45.12 -28.30 -29.17
CA SER F 26 46.42 -28.82 -29.57
C SER F 26 47.45 -28.41 -28.53
N GLY F 27 48.65 -28.94 -28.68
CA GLY F 27 49.76 -28.66 -27.78
C GLY F 27 50.18 -29.82 -26.92
N GLY F 28 49.58 -31.00 -27.08
CA GLY F 28 49.92 -32.13 -26.24
C GLY F 28 51.08 -32.95 -26.78
N GLY F 29 51.89 -33.44 -25.87
CA GLY F 29 53.05 -34.22 -26.25
C GLY F 29 53.71 -34.86 -25.05
N LEU F 30 54.96 -35.27 -25.23
CA LEU F 30 55.75 -35.91 -24.20
C LEU F 30 56.77 -34.91 -23.65
N VAL F 31 56.96 -34.91 -22.33
CA VAL F 31 57.87 -33.98 -21.68
C VAL F 31 58.43 -34.62 -20.42
N GLN F 32 59.56 -34.07 -19.97
CA GLN F 32 60.18 -34.49 -18.72
C GLN F 32 59.51 -33.79 -17.54
N PRO F 33 59.66 -34.33 -16.32
CA PRO F 33 58.97 -33.73 -15.17
C PRO F 33 59.61 -32.45 -14.66
N LYS F 34 59.97 -31.55 -15.58
CA LYS F 34 60.41 -30.21 -15.21
C LYS F 34 59.95 -29.13 -16.18
N GLY F 35 59.31 -29.50 -17.29
CA GLY F 35 58.97 -28.55 -18.34
C GLY F 35 57.66 -27.83 -18.09
N SER F 36 57.31 -26.97 -19.05
CA SER F 36 56.10 -26.16 -18.98
C SER F 36 55.40 -26.26 -20.34
N LEU F 37 54.48 -27.22 -20.46
CA LEU F 37 53.72 -27.44 -21.68
C LEU F 37 52.46 -26.59 -21.64
N LYS F 38 52.40 -25.58 -22.49
CA LYS F 38 51.25 -24.67 -22.54
C LYS F 38 50.23 -25.23 -23.53
N LEU F 39 49.09 -25.70 -23.00
CA LEU F 39 48.04 -26.22 -23.83
C LEU F 39 47.21 -25.09 -24.43
N SER F 40 46.43 -25.42 -25.46
CA SER F 40 45.63 -24.43 -26.15
C SER F 40 44.37 -25.07 -26.70
N CYS F 41 43.37 -24.23 -26.96
CA CYS F 41 42.09 -24.67 -27.47
C CYS F 41 41.51 -23.56 -28.34
N ALA F 42 40.64 -23.93 -29.27
CA ALA F 42 40.06 -22.97 -30.20
C ALA F 42 38.54 -23.17 -30.25
N THR F 43 37.84 -22.10 -30.59
CA THR F 43 36.39 -22.07 -30.60
C THR F 43 35.88 -21.52 -31.92
N SER F 44 34.60 -21.77 -32.17
CA SER F 44 33.95 -21.31 -33.40
C SER F 44 32.44 -21.44 -33.23
N GLY F 45 31.72 -20.39 -33.62
CA GLY F 45 30.28 -20.43 -33.68
C GLY F 45 29.52 -19.63 -32.63
N PHE F 46 30.20 -18.84 -31.82
CA PHE F 46 29.53 -18.03 -30.81
C PHE F 46 30.43 -16.85 -30.45
N THR F 47 30.06 -16.12 -29.41
CA THR F 47 30.80 -14.96 -28.95
C THR F 47 31.59 -15.32 -27.70
N PHE F 48 32.89 -15.06 -27.73
CA PHE F 48 33.77 -15.42 -26.62
C PHE F 48 33.58 -14.53 -25.40
N ASN F 49 32.87 -13.40 -25.53
CA ASN F 49 32.78 -12.42 -24.46
C ASN F 49 31.65 -12.69 -23.49
N THR F 50 30.79 -13.70 -23.72
CA THR F 50 29.65 -13.95 -22.87
C THR F 50 29.58 -15.39 -22.37
N PHE F 51 30.72 -16.09 -22.30
CA PHE F 51 30.74 -17.45 -21.81
C PHE F 51 31.97 -17.66 -20.94
N ASP F 52 31.80 -18.40 -19.86
CA ASP F 52 32.88 -18.72 -18.94
C ASP F 52 33.25 -20.19 -19.08
N MET F 53 34.50 -20.46 -19.43
CA MET F 53 34.91 -21.81 -19.79
C MET F 53 35.78 -22.43 -18.69
N HIS F 54 35.96 -23.75 -18.79
CA HIS F 54 36.62 -24.51 -17.74
C HIS F 54 37.77 -25.36 -18.29
N TRP F 55 38.28 -26.27 -17.47
CA TRP F 55 39.32 -27.21 -17.87
C TRP F 55 39.12 -28.49 -17.10
N VAL F 56 38.97 -29.60 -17.81
CA VAL F 56 38.71 -30.90 -17.18
C VAL F 56 39.69 -31.91 -17.74
N ARG F 57 40.34 -32.67 -16.84
CA ARG F 57 41.30 -33.69 -17.22
C ARG F 57 40.86 -35.06 -16.72
N GLN F 58 41.26 -36.10 -17.45
CA GLN F 58 40.94 -37.47 -17.08
C GLN F 58 42.19 -38.33 -17.28
N ALA F 59 42.76 -38.80 -16.18
CA ALA F 59 43.87 -39.73 -16.24
C ALA F 59 43.36 -41.14 -16.49
N PRO F 60 44.17 -42.02 -17.09
CA PRO F 60 43.74 -43.39 -17.31
C PRO F 60 43.44 -44.10 -16.00
N GLY F 61 42.29 -44.74 -15.94
CA GLY F 61 41.85 -45.42 -14.73
C GLY F 61 41.29 -44.52 -13.65
N LYS F 62 41.19 -43.22 -13.90
CA LYS F 62 40.71 -42.26 -12.91
C LYS F 62 39.48 -41.55 -13.44
N ASP F 63 38.54 -41.28 -12.54
CA ASP F 63 37.30 -40.61 -12.93
C ASP F 63 37.58 -39.15 -13.27
N LEU F 64 36.57 -38.51 -13.87
CA LEU F 64 36.73 -37.13 -14.29
C LEU F 64 36.93 -36.21 -13.10
N GLU F 65 37.75 -35.18 -13.30
CA GLU F 65 38.04 -34.22 -12.24
C GLU F 65 37.92 -32.80 -12.78
N TRP F 66 38.33 -31.83 -11.97
CA TRP F 66 38.23 -30.42 -12.32
C TRP F 66 39.55 -29.74 -12.02
N VAL F 67 39.89 -28.73 -12.83
CA VAL F 67 41.19 -28.09 -12.72
C VAL F 67 41.05 -26.62 -12.36
N ALA F 68 40.44 -25.83 -13.25
CA ALA F 68 40.35 -24.40 -12.99
C ALA F 68 39.37 -23.75 -13.95
N ARG F 69 38.66 -22.75 -13.45
CA ARG F 69 37.61 -22.06 -14.17
C ARG F 69 37.95 -20.58 -14.32
N ILE F 70 37.67 -20.04 -15.50
CA ILE F 70 37.90 -18.63 -15.80
C ILE F 70 36.58 -18.00 -16.19
N ARG F 71 36.22 -16.90 -15.51
CA ARG F 71 34.96 -16.23 -15.76
C ARG F 71 35.14 -15.13 -16.81
N THR F 72 34.06 -14.46 -17.15
CA THR F 72 34.07 -13.40 -18.15
C THR F 72 34.39 -12.07 -17.48
N LYS F 73 34.19 -10.97 -18.22
CA LYS F 73 34.45 -9.64 -17.67
C LYS F 73 33.49 -9.26 -16.55
N GLY F 74 32.40 -10.02 -16.36
CA GLY F 74 31.46 -9.75 -15.30
C GLY F 74 31.93 -10.16 -13.91
N ASN F 75 33.15 -10.68 -13.80
CA ASN F 75 33.76 -10.96 -12.51
C ASN F 75 35.23 -10.57 -12.50
N SER F 76 35.60 -9.58 -13.33
CA SER F 76 36.97 -9.11 -13.45
C SER F 76 37.93 -10.24 -13.80
N TYR F 77 37.47 -11.15 -14.67
CA TYR F 77 38.26 -12.30 -15.12
C TYR F 77 38.73 -13.14 -13.93
N ALA F 78 37.84 -13.33 -12.96
CA ALA F 78 38.19 -14.11 -11.78
C ALA F 78 38.51 -15.55 -12.15
N THR F 79 39.49 -16.12 -11.46
CA THR F 79 39.95 -17.48 -11.71
C THR F 79 39.88 -18.28 -10.43
N TYR F 80 39.28 -19.46 -10.50
CA TYR F 80 39.12 -20.36 -9.36
C TYR F 80 39.79 -21.67 -9.69
N TYR F 81 40.43 -22.29 -8.70
CA TYR F 81 41.28 -23.45 -8.94
C TYR F 81 40.89 -24.59 -8.01
N ALA F 82 41.25 -25.80 -8.42
CA ALA F 82 41.03 -26.96 -7.58
C ALA F 82 41.98 -26.93 -6.38
N ALA F 83 41.88 -27.94 -5.52
CA ALA F 83 42.69 -27.95 -4.31
C ALA F 83 44.12 -28.38 -4.59
N SER F 84 44.29 -29.62 -5.05
CA SER F 84 45.63 -30.16 -5.28
C SER F 84 46.36 -29.40 -6.40
N VAL F 85 45.64 -29.07 -7.48
CA VAL F 85 46.26 -28.39 -8.62
C VAL F 85 46.77 -27.01 -8.24
N LYS F 86 46.24 -26.41 -7.17
CA LYS F 86 46.53 -25.03 -6.83
C LYS F 86 48.02 -24.78 -6.69
N ASP F 87 48.43 -23.54 -6.98
CA ASP F 87 49.81 -23.06 -6.91
C ASP F 87 50.72 -23.69 -7.95
N ARG F 88 50.16 -24.20 -9.04
CA ARG F 88 50.99 -24.74 -10.12
C ARG F 88 50.54 -24.35 -11.52
N ILE F 89 49.31 -23.86 -11.71
CA ILE F 89 48.74 -23.62 -13.03
C ILE F 89 48.19 -22.20 -13.10
N THR F 90 48.05 -21.70 -14.32
CA THR F 90 47.50 -20.37 -14.55
C THR F 90 46.83 -20.35 -15.92
N ILE F 91 45.66 -19.72 -16.01
CA ILE F 91 44.90 -19.65 -17.25
C ILE F 91 44.69 -18.20 -17.64
N SER F 92 44.59 -17.97 -18.95
CA SER F 92 44.30 -16.65 -19.51
C SER F 92 43.31 -16.82 -20.66
N ARG F 93 42.62 -15.73 -20.98
CA ARG F 93 41.63 -15.71 -22.05
C ARG F 93 42.13 -14.81 -23.17
N ASP F 94 42.24 -15.36 -24.37
CA ASP F 94 42.59 -14.58 -25.56
C ASP F 94 41.30 -14.28 -26.32
N ASP F 95 40.55 -13.31 -25.80
CA ASP F 95 39.23 -12.99 -26.33
C ASP F 95 39.31 -12.55 -27.78
N SER F 96 40.27 -11.69 -28.13
CA SER F 96 40.38 -11.20 -29.49
C SER F 96 40.65 -12.33 -30.47
N GLN F 97 41.57 -13.23 -30.14
CA GLN F 97 41.84 -14.39 -30.96
C GLN F 97 40.88 -15.54 -30.71
N SER F 98 40.07 -15.45 -29.64
CA SER F 98 39.05 -16.45 -29.33
C SER F 98 39.64 -17.84 -29.20
N MET F 99 40.85 -17.93 -28.64
CA MET F 99 41.48 -19.21 -28.37
C MET F 99 41.90 -19.25 -26.91
N LEU F 100 41.20 -20.07 -26.13
CA LEU F 100 41.56 -20.26 -24.72
C LEU F 100 42.92 -20.95 -24.61
N TYR F 101 43.76 -20.45 -23.71
CA TYR F 101 45.12 -20.97 -23.53
C TYR F 101 45.41 -21.18 -22.05
N LEU F 102 46.16 -22.24 -21.75
CA LEU F 102 46.52 -22.59 -20.39
C LEU F 102 48.02 -22.88 -20.32
N GLU F 103 48.63 -22.54 -19.18
CA GLU F 103 50.05 -22.74 -18.96
C GLU F 103 50.28 -23.47 -17.65
N MET F 104 51.08 -24.53 -17.70
CA MET F 104 51.38 -25.35 -16.54
C MET F 104 52.85 -25.18 -16.14
N ASN F 105 53.18 -25.66 -14.95
CA ASN F 105 54.55 -25.61 -14.43
C ASN F 105 54.65 -26.63 -13.30
N SER F 106 55.89 -27.00 -12.98
CA SER F 106 56.17 -27.95 -11.90
C SER F 106 55.37 -29.24 -12.05
N LEU F 107 55.61 -29.98 -13.13
CA LEU F 107 54.84 -31.18 -13.40
C LEU F 107 55.12 -32.26 -12.37
N ARG F 108 54.27 -33.29 -12.38
CA ARG F 108 54.42 -34.45 -11.52
C ARG F 108 53.97 -35.69 -12.28
N SER F 109 54.40 -36.85 -11.78
CA SER F 109 54.07 -38.11 -12.44
C SER F 109 52.60 -38.49 -12.28
N GLU F 110 51.84 -37.78 -11.44
CA GLU F 110 50.42 -38.01 -11.27
C GLU F 110 49.59 -37.04 -12.10
N ASP F 111 50.13 -36.54 -13.22
CA ASP F 111 49.44 -35.57 -14.05
C ASP F 111 49.36 -36.01 -15.51
N THR F 112 49.51 -37.30 -15.78
CA THR F 112 49.30 -37.84 -17.12
C THR F 112 47.81 -38.03 -17.34
N ALA F 113 47.21 -37.22 -18.21
CA ALA F 113 45.76 -37.23 -18.36
C ALA F 113 45.37 -36.66 -19.71
N MET F 114 44.12 -36.94 -20.09
CA MET F 114 43.52 -36.36 -21.28
C MET F 114 42.74 -35.11 -20.89
N TYR F 115 43.00 -34.01 -21.59
CA TYR F 115 42.48 -32.71 -21.19
C TYR F 115 41.34 -32.29 -22.12
N TYR F 116 40.40 -31.52 -21.57
CA TYR F 116 39.18 -31.16 -22.27
C TYR F 116 38.96 -29.67 -22.26
N CYS F 117 38.34 -29.17 -23.32
CA CYS F 117 37.94 -27.77 -23.45
C CYS F 117 36.42 -27.70 -23.34
N VAL F 118 35.93 -27.03 -22.30
CA VAL F 118 34.53 -27.10 -21.93
C VAL F 118 33.94 -25.70 -21.87
N ARG F 119 32.64 -25.60 -22.14
CA ARG F 119 31.90 -24.34 -22.09
C ARG F 119 30.74 -24.47 -21.11
N GLU F 120 30.49 -23.42 -20.33
CA GLU F 120 29.52 -23.50 -19.24
C GLU F 120 28.09 -23.42 -19.76
N GLY F 121 27.72 -22.31 -20.38
CA GLY F 121 26.35 -22.09 -20.80
C GLY F 121 25.59 -21.23 -19.82
N GLY F 122 24.96 -20.15 -20.30
CA GLY F 122 24.32 -19.21 -19.41
C GLY F 122 22.83 -19.37 -19.25
N HIS F 123 22.43 -20.04 -18.18
CA HIS F 123 21.05 -20.14 -17.74
C HIS F 123 21.06 -20.41 -16.24
N TYR F 124 19.91 -20.22 -15.60
CA TYR F 124 19.87 -20.27 -14.15
C TYR F 124 19.69 -21.67 -13.59
N TYR F 125 20.06 -22.71 -14.35
CA TYR F 125 20.02 -24.07 -13.84
C TYR F 125 21.38 -24.53 -13.32
N GLY F 126 22.03 -23.74 -12.47
CA GLY F 126 23.35 -24.11 -12.00
C GLY F 126 24.41 -24.03 -13.09
N TYR F 127 25.42 -24.90 -12.98
CA TYR F 127 26.46 -25.04 -13.98
C TYR F 127 26.35 -26.43 -14.60
N TYR F 128 26.40 -26.50 -15.94
CA TYR F 128 26.15 -27.78 -16.58
C TYR F 128 27.13 -28.20 -17.68
N PHE F 129 28.01 -27.32 -18.17
CA PHE F 129 29.09 -27.73 -19.08
C PHE F 129 28.54 -28.41 -20.34
N ASP F 130 27.86 -27.62 -21.17
CA ASP F 130 27.09 -28.22 -22.26
C ASP F 130 27.90 -28.59 -23.49
N PHE F 131 29.14 -28.12 -23.65
CA PHE F 131 29.89 -28.37 -24.88
C PHE F 131 31.32 -28.76 -24.58
N TRP F 132 31.74 -29.93 -25.09
CA TRP F 132 33.05 -30.50 -24.81
C TRP F 132 33.87 -30.62 -26.08
N GLY F 133 35.19 -30.71 -25.90
CA GLY F 133 36.11 -30.84 -27.00
C GLY F 133 36.56 -32.28 -27.23
N GLN F 134 37.45 -32.45 -28.21
CA GLN F 134 37.92 -33.78 -28.57
C GLN F 134 38.82 -34.37 -27.50
N GLY F 135 39.81 -33.61 -27.05
CA GLY F 135 40.71 -34.10 -26.03
C GLY F 135 42.12 -34.33 -26.56
N THR F 136 43.12 -33.88 -25.79
CA THR F 136 44.52 -34.02 -26.15
C THR F 136 45.21 -34.96 -25.16
N THR F 137 46.31 -35.56 -25.62
CA THR F 137 47.05 -36.53 -24.84
C THR F 137 48.33 -35.89 -24.31
N LEU F 138 48.48 -35.89 -22.99
CA LEU F 138 49.68 -35.37 -22.34
C LEU F 138 50.26 -36.46 -21.47
N THR F 139 51.51 -36.85 -21.75
CA THR F 139 52.18 -37.91 -21.03
C THR F 139 53.61 -37.49 -20.69
N VAL F 140 54.15 -38.11 -19.64
CA VAL F 140 55.48 -37.77 -19.17
C VAL F 140 56.32 -39.03 -18.95
N ILE G 21 29.17 -33.66 -2.24
CA ILE G 21 30.61 -33.72 -1.98
C ILE G 21 31.22 -34.94 -2.66
N GLN G 22 30.65 -36.12 -2.39
CA GLN G 22 31.13 -37.36 -3.00
C GLN G 22 29.95 -38.07 -3.64
N MET G 23 30.14 -38.54 -4.87
CA MET G 23 29.09 -39.22 -5.63
C MET G 23 29.45 -40.68 -5.80
N THR G 24 28.57 -41.55 -5.34
CA THR G 24 28.65 -42.97 -5.65
C THR G 24 27.88 -43.22 -6.94
N GLN G 25 27.64 -44.49 -7.27
CA GLN G 25 26.90 -44.82 -8.48
C GLN G 25 26.48 -46.28 -8.40
N THR G 26 25.85 -46.75 -9.47
CA THR G 26 25.46 -48.15 -9.59
C THR G 26 26.69 -48.98 -9.98
N THR G 27 26.45 -50.22 -10.40
CA THR G 27 27.55 -51.07 -10.85
C THR G 27 28.28 -50.43 -12.02
N SER G 28 29.51 -50.88 -12.24
CA SER G 28 30.33 -50.30 -13.30
C SER G 28 29.79 -50.63 -14.68
N SER G 29 29.26 -51.84 -14.86
CA SER G 29 28.81 -52.29 -16.17
C SER G 29 27.41 -52.88 -16.09
N LEU G 30 26.68 -52.76 -17.19
CA LEU G 30 25.34 -53.33 -17.31
C LEU G 30 25.19 -53.94 -18.70
N SER G 31 24.47 -55.06 -18.76
CA SER G 31 24.18 -55.74 -20.02
C SER G 31 22.75 -55.40 -20.44
N ALA G 32 22.62 -54.76 -21.60
CA ALA G 32 21.35 -54.27 -22.09
C ALA G 32 21.00 -54.91 -23.42
N SER G 33 19.72 -55.26 -23.57
CA SER G 33 19.22 -55.86 -24.80
C SER G 33 18.88 -54.75 -25.80
N LEU G 34 18.16 -55.10 -26.87
CA LEU G 34 17.65 -54.13 -27.82
C LEU G 34 16.14 -54.06 -27.65
N GLY G 35 15.69 -53.13 -26.80
CA GLY G 35 14.28 -52.99 -26.50
C GLY G 35 13.99 -53.05 -25.01
N ASP G 36 15.02 -52.87 -24.20
CA ASP G 36 14.90 -52.94 -22.75
C ASP G 36 14.65 -51.55 -22.17
N ARG G 37 14.47 -51.52 -20.85
CA ARG G 37 14.30 -50.28 -20.10
C ARG G 37 15.39 -50.21 -19.05
N VAL G 38 16.53 -49.62 -19.42
CA VAL G 38 17.71 -49.60 -18.57
C VAL G 38 17.71 -48.33 -17.73
N THR G 39 17.97 -48.48 -16.43
CA THR G 39 18.02 -47.37 -15.50
C THR G 39 19.38 -47.36 -14.78
N ILE G 40 19.82 -46.16 -14.42
CA ILE G 40 21.06 -45.98 -13.67
C ILE G 40 20.83 -44.89 -12.63
N SER G 41 21.35 -45.11 -11.41
CA SER G 41 21.12 -44.23 -10.29
C SER G 41 22.44 -43.65 -9.80
N CYS G 42 22.38 -42.39 -9.35
CA CYS G 42 23.56 -41.65 -8.89
C CYS G 42 23.22 -40.95 -7.58
N ARG G 43 23.44 -41.64 -6.45
CA ARG G 43 23.12 -41.10 -5.14
C ARG G 43 24.29 -40.32 -4.59
N ALA G 44 24.02 -39.12 -4.09
CA ALA G 44 25.05 -38.24 -3.56
C ALA G 44 25.22 -38.44 -2.05
N SER G 45 26.43 -38.19 -1.57
CA SER G 45 26.70 -38.31 -0.15
C SER G 45 25.93 -37.26 0.65
N GLN G 46 26.04 -36.00 0.24
CA GLN G 46 25.33 -34.90 0.87
C GLN G 46 24.10 -34.54 0.04
N ASP G 47 23.45 -33.44 0.39
CA ASP G 47 22.22 -33.02 -0.27
C ASP G 47 22.58 -31.98 -1.32
N ILE G 48 22.31 -32.31 -2.58
CA ILE G 48 22.44 -31.37 -3.69
C ILE G 48 21.02 -30.93 -4.07
N TYR G 49 20.77 -29.63 -4.01
CA TYR G 49 19.41 -29.11 -4.13
C TYR G 49 18.98 -29.16 -5.60
N ASN G 50 18.84 -30.40 -6.09
CA ASN G 50 18.25 -30.70 -7.39
C ASN G 50 19.07 -30.13 -8.54
N TYR G 51 20.39 -30.33 -8.47
CA TYR G 51 21.31 -29.96 -9.55
C TYR G 51 22.13 -31.20 -9.86
N LEU G 52 21.64 -32.06 -10.75
CA LEU G 52 22.38 -33.27 -11.11
C LEU G 52 22.28 -33.46 -12.62
N ASN G 53 23.35 -33.13 -13.33
CA ASN G 53 23.43 -33.22 -14.77
C ASN G 53 23.96 -34.58 -15.19
N TRP G 54 23.73 -34.93 -16.46
CA TRP G 54 24.17 -36.21 -17.00
C TRP G 54 24.95 -36.01 -18.28
N TYR G 55 25.85 -36.95 -18.56
CA TYR G 55 26.70 -36.87 -19.75
C TYR G 55 26.80 -38.25 -20.40
N GLN G 56 27.18 -38.26 -21.67
CA GLN G 56 27.38 -39.49 -22.43
C GLN G 56 28.75 -39.44 -23.08
N GLN G 57 29.46 -40.57 -23.05
CA GLN G 57 30.80 -40.66 -23.63
C GLN G 57 30.83 -41.78 -24.68
N GLN G 58 30.83 -41.39 -25.95
CA GLN G 58 30.99 -42.36 -27.02
C GLN G 58 32.40 -42.96 -26.97
N PRO G 59 32.55 -44.24 -27.29
CA PRO G 59 33.89 -44.86 -27.23
C PRO G 59 34.82 -44.26 -28.25
N ASP G 60 36.08 -44.07 -27.85
CA ASP G 60 37.12 -43.51 -28.70
C ASP G 60 36.68 -42.19 -29.31
N GLY G 61 36.11 -41.32 -28.48
CA GLY G 61 35.61 -40.06 -28.97
C GLY G 61 35.30 -39.12 -27.85
N ALA G 62 34.65 -38.01 -28.21
CA ALA G 62 34.32 -36.96 -27.26
C ALA G 62 33.09 -37.36 -26.46
N VAL G 63 32.52 -36.41 -25.72
CA VAL G 63 31.38 -36.66 -24.85
C VAL G 63 30.30 -35.64 -25.14
N LYS G 64 29.08 -35.97 -24.73
CA LYS G 64 27.93 -35.11 -24.97
C LYS G 64 27.07 -35.06 -23.71
N LEU G 65 26.35 -33.95 -23.56
CA LEU G 65 25.49 -33.72 -22.42
C LEU G 65 24.06 -34.09 -22.76
N LEU G 66 23.43 -34.88 -21.90
CA LEU G 66 22.06 -35.32 -22.11
C LEU G 66 21.04 -34.43 -21.40
N ILE G 67 21.15 -34.33 -20.08
CA ILE G 67 20.14 -33.71 -19.24
C ILE G 67 20.81 -32.76 -18.27
N TYR G 68 20.22 -31.59 -18.09
CA TYR G 68 20.62 -30.69 -17.02
C TYR G 68 19.47 -30.54 -16.02
N TYR G 69 19.70 -29.74 -14.98
CA TYR G 69 18.81 -29.70 -13.83
C TYR G 69 18.55 -31.11 -13.35
N THR G 70 17.31 -31.55 -13.40
CA THR G 70 17.05 -32.93 -13.02
C THR G 70 16.35 -33.72 -14.12
N SER G 71 15.38 -33.13 -14.80
CA SER G 71 14.64 -33.83 -15.83
C SER G 71 14.45 -33.03 -17.11
N LYS G 72 15.11 -31.88 -17.25
CA LYS G 72 15.05 -31.13 -18.48
C LYS G 72 15.78 -31.88 -19.59
N LEU G 73 15.79 -31.32 -20.79
CA LEU G 73 16.40 -31.96 -21.93
C LEU G 73 17.23 -30.96 -22.72
N HIS G 74 18.24 -31.47 -23.41
CA HIS G 74 19.11 -30.67 -24.25
C HIS G 74 18.67 -30.77 -25.71
N SER G 75 18.84 -29.66 -26.43
CA SER G 75 18.43 -29.62 -27.83
C SER G 75 19.16 -30.68 -28.63
N GLY G 76 18.40 -31.41 -29.45
CA GLY G 76 18.98 -32.47 -30.26
C GLY G 76 19.14 -33.79 -29.58
N VAL G 77 18.37 -34.06 -28.52
CA VAL G 77 18.43 -35.34 -27.82
C VAL G 77 17.09 -36.05 -27.99
N PRO G 78 17.09 -37.36 -28.27
CA PRO G 78 15.82 -38.07 -28.47
C PRO G 78 14.92 -37.99 -27.26
N SER G 79 13.67 -38.38 -27.47
CA SER G 79 12.63 -38.23 -26.44
C SER G 79 12.56 -39.41 -25.49
N ARG G 80 13.40 -40.43 -25.66
CA ARG G 80 13.37 -41.60 -24.79
C ARG G 80 14.32 -41.48 -23.61
N PHE G 81 14.94 -40.32 -23.42
CA PHE G 81 15.80 -40.05 -22.27
C PHE G 81 15.05 -39.17 -21.29
N SER G 82 15.03 -39.56 -20.02
CA SER G 82 14.36 -38.77 -19.00
C SER G 82 14.89 -39.18 -17.63
N GLY G 83 14.81 -38.24 -16.69
CA GLY G 83 15.26 -38.49 -15.34
C GLY G 83 14.14 -38.23 -14.35
N SER G 84 14.46 -38.43 -13.07
CA SER G 84 13.50 -38.23 -11.99
C SER G 84 14.28 -38.03 -10.69
N GLY G 85 13.57 -38.11 -9.58
CA GLY G 85 14.18 -38.07 -8.27
C GLY G 85 14.45 -36.67 -7.77
N SER G 86 14.60 -36.56 -6.45
CA SER G 86 14.95 -35.30 -5.81
C SER G 86 15.54 -35.60 -4.44
N GLY G 87 16.29 -34.64 -3.93
CA GLY G 87 16.99 -34.83 -2.66
C GLY G 87 18.42 -35.32 -2.88
N THR G 88 18.69 -36.55 -2.42
CA THR G 88 19.99 -37.19 -2.61
C THR G 88 19.85 -38.54 -3.31
N ASP G 89 18.89 -38.65 -4.23
CA ASP G 89 18.66 -39.92 -4.94
C ASP G 89 18.04 -39.58 -6.29
N TYR G 90 18.83 -39.68 -7.35
CA TYR G 90 18.41 -39.35 -8.70
C TYR G 90 18.51 -40.58 -9.58
N SER G 91 17.93 -40.49 -10.78
CA SER G 91 17.90 -41.63 -11.67
C SER G 91 17.84 -41.16 -13.12
N LEU G 92 18.19 -42.07 -14.02
CA LEU G 92 18.06 -41.86 -15.46
C LEU G 92 17.44 -43.12 -16.07
N THR G 93 16.41 -42.94 -16.88
CA THR G 93 15.66 -44.05 -17.46
C THR G 93 15.70 -43.96 -18.97
N ILE G 94 15.94 -45.09 -19.63
CA ILE G 94 15.95 -45.18 -21.07
C ILE G 94 14.87 -46.19 -21.47
N THR G 95 14.03 -45.82 -22.43
CA THR G 95 12.92 -46.65 -22.88
C THR G 95 13.09 -46.95 -24.36
N ASN G 96 12.88 -48.22 -24.73
CA ASN G 96 13.03 -48.69 -26.11
C ASN G 96 14.43 -48.37 -26.64
N LEU G 97 15.43 -48.92 -25.95
CA LEU G 97 16.81 -48.62 -26.27
C LEU G 97 17.18 -49.20 -27.64
N GLU G 98 18.00 -48.46 -28.38
CA GLU G 98 18.46 -48.85 -29.70
C GLU G 98 19.88 -49.41 -29.63
N GLN G 99 20.47 -49.66 -30.80
CA GLN G 99 21.82 -50.18 -30.86
C GLN G 99 22.86 -49.08 -30.91
N GLU G 100 22.48 -47.88 -31.32
CA GLU G 100 23.44 -46.78 -31.39
C GLU G 100 23.74 -46.20 -30.01
N ASP G 101 22.74 -46.21 -29.12
CA ASP G 101 22.89 -45.63 -27.78
C ASP G 101 23.68 -46.60 -26.88
N ILE G 102 24.96 -46.75 -27.18
CA ILE G 102 25.89 -47.45 -26.33
C ILE G 102 27.06 -46.51 -26.04
N ALA G 103 27.37 -46.32 -24.77
CA ALA G 103 28.36 -45.33 -24.33
C ALA G 103 28.54 -45.50 -22.83
N THR G 104 29.35 -44.60 -22.26
CA THR G 104 29.52 -44.51 -20.81
C THR G 104 28.99 -43.17 -20.32
N TYR G 105 28.25 -43.21 -19.21
CA TYR G 105 27.57 -42.03 -18.67
C TYR G 105 28.10 -41.71 -17.29
N PHE G 106 28.02 -40.44 -16.92
CA PHE G 106 28.42 -39.97 -15.59
C PHE G 106 27.36 -39.04 -15.05
N CYS G 107 27.56 -38.61 -13.80
CA CYS G 107 26.69 -37.63 -13.15
C CYS G 107 27.54 -36.58 -12.47
N GLN G 108 27.09 -35.33 -12.50
CA GLN G 108 27.86 -34.21 -11.98
C GLN G 108 26.97 -33.28 -11.17
N GLN G 109 27.48 -32.82 -10.03
CA GLN G 109 26.77 -31.83 -9.24
C GLN G 109 26.90 -30.45 -9.88
N GLY G 110 26.11 -29.51 -9.37
CA GLY G 110 26.20 -28.13 -9.79
C GLY G 110 26.00 -27.20 -8.62
N TYR G 111 26.06 -27.77 -7.42
CA TYR G 111 25.70 -27.03 -6.21
C TYR G 111 26.84 -26.13 -5.72
N THR G 112 27.97 -26.72 -5.35
CA THR G 112 29.06 -26.01 -4.71
C THR G 112 30.33 -26.12 -5.54
N LEU G 113 31.37 -25.42 -5.07
CA LEU G 113 32.52 -25.13 -5.94
C LEU G 113 33.26 -26.35 -6.46
N PRO G 114 33.75 -27.28 -5.63
CA PRO G 114 34.53 -28.39 -6.19
C PRO G 114 33.65 -29.37 -6.94
N TYR G 115 33.31 -29.06 -8.18
CA TYR G 115 32.36 -29.85 -8.94
C TYR G 115 32.85 -31.28 -9.09
N THR G 116 32.02 -32.23 -8.65
CA THR G 116 32.39 -33.63 -8.61
C THR G 116 31.67 -34.38 -9.73
N PHE G 117 32.41 -35.17 -10.49
CA PHE G 117 31.82 -36.01 -11.52
C PHE G 117 31.50 -37.38 -10.93
N GLY G 118 31.19 -38.34 -11.80
CA GLY G 118 30.79 -39.66 -11.37
C GLY G 118 31.82 -40.74 -11.63
N GLY G 119 31.50 -41.94 -11.14
CA GLY G 119 32.38 -43.09 -11.27
C GLY G 119 32.28 -43.84 -12.57
N GLY G 120 31.37 -43.44 -13.46
CA GLY G 120 31.28 -44.03 -14.77
C GLY G 120 30.52 -45.35 -14.82
N THR G 121 29.65 -45.49 -15.83
CA THR G 121 28.90 -46.72 -16.04
C THR G 121 28.98 -47.07 -17.51
N LYS G 122 29.32 -48.33 -17.81
CA LYS G 122 29.49 -48.80 -19.17
C LYS G 122 28.29 -49.62 -19.60
N LEU G 123 27.80 -49.36 -20.82
CA LEU G 123 26.66 -50.08 -21.36
C LEU G 123 27.07 -50.97 -22.52
#